data_4RLS
#
_entry.id   4RLS
#
_cell.length_a   77.234
_cell.length_b   81.758
_cell.length_c   104.563
_cell.angle_alpha   90.00
_cell.angle_beta   98.28
_cell.angle_gamma   90.00
#
_symmetry.space_group_name_H-M   'P 1 21 1'
#
loop_
_entity.id
_entity.type
_entity.pdbx_description
1 polymer 'L-lactate dehydrogenase A chain'
2 non-polymer '1,4-DIHYDRONICOTINAMIDE ADENINE DINUCLEOTIDE'
3 non-polymer 'SULFATE ION'
4 non-polymer '(2S)-2-HYDROXYPROPANOIC ACID'
5 non-polymer "(1R)-5'-[(2-chlorophenyl)sulfanyl]-4'-hydroxy-2,3-dihydrospiro[indene-1,2'-pyran]-6'(3'H)-one"
6 water water
#
_entity_poly.entity_id   1
_entity_poly.type   'polypeptide(L)'
_entity_poly.pdbx_seq_one_letter_code
;ATLKDQLIYNLLKEEQTPQNKITVVGVGAVGMACAISILMKDLADELALVDVIEDKLKGEMMDLQHGSLFLRTPKIVSGK
DYNVTANSKLVIITAGARQQEGESRLNLVQRNVNIFKFIIPNVVKYSPNCKLLIVSNPVDILTYVAWKISGFPKNRVIGS
GCNLDSARFRYLMGERLGVHPLSCHGWVLGEHGDSSVPVWSGMNVAGVSLKTLHPDLGTDKDKEQWKEVHKQVVESAYEV
IKLKGYTSWAIGLSVADLAESIMKNLRRVHPVSTMIKGLYGIKDDVFLSVPCILGQNGISDLVKVTLTSEEEARLKKSAD
TLWGIQKELQF
;
_entity_poly.pdbx_strand_id   A,B,C,D
#
# COMPACT_ATOMS: atom_id res chain seq x y z
N ALA A 1 35.61 -21.78 -9.18
CA ALA A 1 34.67 -21.01 -8.32
C ALA A 1 33.71 -20.25 -9.22
N THR A 2 32.41 -20.50 -9.09
CA THR A 2 31.42 -19.79 -9.91
C THR A 2 31.33 -18.31 -9.51
N LEU A 3 30.77 -17.50 -10.38
CA LEU A 3 30.61 -16.08 -10.10
C LEU A 3 29.80 -15.91 -8.83
N LYS A 4 28.75 -16.72 -8.70
CA LYS A 4 27.88 -16.66 -7.53
C LYS A 4 28.65 -16.92 -6.26
N ASP A 5 29.53 -17.92 -6.28
CA ASP A 5 30.26 -18.29 -5.08
C ASP A 5 31.37 -17.28 -4.81
N GLN A 6 31.86 -16.61 -5.86
CA GLN A 6 32.84 -15.54 -5.67
C GLN A 6 32.19 -14.30 -5.05
N LEU A 7 30.93 -14.06 -5.41
CA LEU A 7 30.19 -12.88 -4.92
C LEU A 7 29.54 -13.07 -3.54
N ILE A 8 29.04 -14.27 -3.28
CA ILE A 8 28.14 -14.54 -2.15
C ILE A 8 28.67 -15.68 -1.28
N TYR A 9 28.79 -15.42 0.02
CA TYR A 9 29.05 -16.47 1.01
C TYR A 9 27.73 -16.93 1.64
N ASN A 10 27.51 -18.25 1.63
CA ASN A 10 26.28 -18.86 2.11
C ASN A 10 26.42 -19.27 3.58
N LEU A 11 25.47 -18.86 4.42
CA LEU A 11 25.45 -19.24 5.83
C LEU A 11 24.62 -20.51 6.03
N LEU A 12 23.54 -20.66 5.29
CA LEU A 12 22.73 -21.86 5.35
C LEU A 12 21.95 -22.06 4.05
N LYS A 13 21.73 -23.32 3.71
CA LYS A 13 21.23 -23.64 2.38
C LYS A 13 19.70 -23.73 2.34
N GLU A 14 19.03 -23.11 3.32
CA GLU A 14 17.57 -23.07 3.36
C GLU A 14 17.08 -24.54 3.55
N GLU A 15 15.81 -24.88 3.36
CA GLU A 15 14.70 -23.99 3.04
C GLU A 15 13.50 -24.30 3.95
N GLN A 16 12.92 -23.26 4.53
CA GLN A 16 11.67 -23.39 5.28
C GLN A 16 10.51 -23.82 4.39
N THR A 17 9.58 -24.57 4.96
CA THR A 17 8.31 -24.78 4.30
C THR A 17 7.66 -23.40 4.13
N PRO A 18 6.81 -23.22 3.10
CA PRO A 18 6.25 -21.87 2.89
C PRO A 18 5.33 -21.46 4.06
N GLN A 19 5.35 -20.18 4.41
CA GLN A 19 4.61 -19.72 5.60
C GLN A 19 3.31 -18.98 5.29
N ASN A 20 3.24 -18.28 4.16
CA ASN A 20 2.02 -17.57 3.78
C ASN A 20 1.66 -17.84 2.33
N LYS A 21 1.45 -19.12 2.03
CA LYS A 21 1.29 -19.54 0.67
C LYS A 21 -0.16 -19.59 0.26
N ILE A 22 -0.41 -19.19 -0.98
CA ILE A 22 -1.74 -19.27 -1.60
C ILE A 22 -1.63 -20.00 -2.92
N THR A 23 -2.60 -20.84 -3.20
CA THR A 23 -2.71 -21.52 -4.50
C THR A 23 -3.96 -21.01 -5.18
N VAL A 24 -3.83 -20.74 -6.48
CA VAL A 24 -4.99 -20.49 -7.33
C VAL A 24 -5.11 -21.65 -8.31
N VAL A 25 -6.24 -22.36 -8.26
CA VAL A 25 -6.52 -23.45 -9.20
C VAL A 25 -7.40 -22.90 -10.32
N GLY A 26 -6.91 -23.02 -11.57
CA GLY A 26 -7.58 -22.45 -12.75
C GLY A 26 -6.91 -21.15 -13.15
N VAL A 27 -6.34 -21.11 -14.35
CA VAL A 27 -5.67 -19.91 -14.86
C VAL A 27 -6.44 -19.33 -16.03
N GLY A 28 -7.76 -19.46 -15.97
CA GLY A 28 -8.61 -18.70 -16.87
C GLY A 28 -8.62 -17.23 -16.47
N ALA A 29 -9.54 -16.47 -17.04
CA ALA A 29 -9.63 -15.03 -16.78
C ALA A 29 -9.87 -14.70 -15.31
N VAL A 30 -10.68 -15.54 -14.63
CA VAL A 30 -11.00 -15.31 -13.23
C VAL A 30 -9.82 -15.64 -12.35
N GLY A 31 -9.23 -16.81 -12.59
CA GLY A 31 -8.08 -17.23 -11.80
C GLY A 31 -6.93 -16.23 -11.91
N MET A 32 -6.67 -15.73 -13.12
CA MET A 32 -5.55 -14.79 -13.29
C MET A 32 -5.83 -13.41 -12.68
N ALA A 33 -7.10 -12.98 -12.67
CA ALA A 33 -7.45 -11.71 -12.03
C ALA A 33 -7.36 -11.85 -10.53
N CYS A 34 -7.70 -13.01 -10.00
CA CYS A 34 -7.44 -13.29 -8.58
C CYS A 34 -5.93 -13.22 -8.31
N ALA A 35 -5.14 -13.82 -9.20
CA ALA A 35 -3.71 -13.92 -8.99
C ALA A 35 -3.05 -12.53 -9.02
N ILE A 36 -3.41 -11.70 -9.98
CA ILE A 36 -2.79 -10.38 -10.08
C ILE A 36 -3.18 -9.50 -8.87
N SER A 37 -4.42 -9.63 -8.42
CA SER A 37 -4.89 -8.83 -7.32
C SER A 37 -4.24 -9.24 -6.01
N ILE A 38 -4.08 -10.55 -5.82
CA ILE A 38 -3.41 -11.08 -4.65
C ILE A 38 -1.94 -10.62 -4.61
N LEU A 39 -1.30 -10.60 -5.78
CA LEU A 39 0.09 -10.18 -5.89
C LEU A 39 0.26 -8.69 -5.64
N MET A 40 -0.68 -7.88 -6.12
CA MET A 40 -0.64 -6.43 -5.93
CA MET A 40 -0.53 -6.45 -5.90
C MET A 40 -0.99 -6.02 -4.50
N LYS A 41 -1.49 -6.97 -3.70
CA LYS A 41 -1.88 -6.66 -2.31
C LYS A 41 -0.96 -7.29 -1.26
N ASP A 42 0.11 -7.94 -1.70
CA ASP A 42 1.14 -8.46 -0.78
C ASP A 42 0.55 -9.36 0.31
N LEU A 43 -0.22 -10.35 -0.12
CA LEU A 43 -0.88 -11.26 0.81
C LEU A 43 -0.16 -12.57 1.02
N ALA A 44 0.74 -12.91 0.10
CA ALA A 44 1.39 -14.22 0.06
C ALA A 44 2.89 -14.05 -0.10
N ASP A 45 3.66 -14.93 0.54
CA ASP A 45 5.10 -15.03 0.22
C ASP A 45 5.40 -16.09 -0.84
N GLU A 46 4.38 -16.87 -1.20
CA GLU A 46 4.48 -17.87 -2.27
C GLU A 46 3.10 -18.04 -2.93
N LEU A 47 3.07 -17.92 -4.26
CA LEU A 47 1.86 -18.15 -5.02
C LEU A 47 2.07 -19.34 -5.96
N ALA A 48 1.18 -20.33 -5.89
CA ALA A 48 1.15 -21.48 -6.81
C ALA A 48 -0.06 -21.39 -7.71
N LEU A 49 0.15 -21.69 -8.99
CA LEU A 49 -0.92 -21.83 -9.96
C LEU A 49 -0.96 -23.27 -10.47
N VAL A 50 -2.17 -23.82 -10.55
CA VAL A 50 -2.42 -25.16 -11.09
C VAL A 50 -3.54 -25.13 -12.11
N ASP A 51 -3.35 -25.84 -13.21
CA ASP A 51 -4.40 -26.01 -14.22
C ASP A 51 -4.00 -27.20 -15.10
N VAL A 52 -4.91 -27.64 -15.95
CA VAL A 52 -4.69 -28.83 -16.81
C VAL A 52 -4.12 -28.49 -18.19
N ILE A 53 -4.20 -27.23 -18.59
CA ILE A 53 -3.66 -26.80 -19.88
C ILE A 53 -2.24 -26.33 -19.62
N GLU A 54 -1.28 -27.20 -19.91
CA GLU A 54 0.07 -27.01 -19.41
C GLU A 54 0.79 -25.83 -20.03
N ASP A 55 0.61 -25.60 -21.33
CA ASP A 55 1.29 -24.49 -22.02
CA ASP A 55 1.30 -24.50 -22.01
C ASP A 55 0.87 -23.13 -21.47
N LYS A 56 -0.44 -22.88 -21.48
CA LYS A 56 -1.04 -21.67 -20.93
C LYS A 56 -0.62 -21.46 -19.49
N LEU A 57 -0.63 -22.54 -18.71
CA LEU A 57 -0.22 -22.45 -17.32
C LEU A 57 1.20 -21.89 -17.20
N LYS A 58 2.13 -22.48 -17.94
CA LYS A 58 3.54 -22.06 -17.89
C LYS A 58 3.71 -20.61 -18.33
N GLY A 59 2.96 -20.20 -19.36
CA GLY A 59 3.05 -18.85 -19.90
C GLY A 59 2.58 -17.78 -18.92
N GLU A 60 1.51 -18.08 -18.20
CA GLU A 60 0.99 -17.15 -17.20
C GLU A 60 1.97 -17.00 -16.06
N MET A 61 2.53 -18.11 -15.60
CA MET A 61 3.56 -18.08 -14.58
C MET A 61 4.73 -17.21 -15.01
N MET A 62 5.28 -17.47 -16.19
CA MET A 62 6.45 -16.70 -16.67
C MET A 62 6.13 -15.21 -16.79
N ASP A 63 4.94 -14.86 -17.26
CA ASP A 63 4.56 -13.44 -17.45
C ASP A 63 4.50 -12.74 -16.08
N LEU A 64 3.86 -13.38 -15.09
CA LEU A 64 3.88 -12.87 -13.71
C LEU A 64 5.31 -12.73 -13.20
N GLN A 65 6.08 -13.80 -13.34
CA GLN A 65 7.47 -13.82 -12.91
C GLN A 65 8.29 -12.67 -13.50
N HIS A 66 8.03 -12.30 -14.76
CA HIS A 66 8.76 -11.20 -15.37
C HIS A 66 8.46 -9.84 -14.77
N GLY A 67 7.36 -9.74 -14.03
CA GLY A 67 7.04 -8.55 -13.25
C GLY A 67 7.52 -8.55 -11.82
N SER A 68 8.35 -9.55 -11.46
CA SER A 68 8.83 -9.75 -10.07
C SER A 68 9.48 -8.56 -9.45
N LEU A 69 10.25 -7.81 -10.25
CA LEU A 69 10.87 -6.57 -9.77
C LEU A 69 9.84 -5.63 -9.14
N PHE A 70 8.61 -5.66 -9.63
CA PHE A 70 7.59 -4.72 -9.22
C PHE A 70 6.65 -5.29 -8.14
N LEU A 71 6.96 -6.50 -7.68
CA LEU A 71 6.15 -7.20 -6.72
C LEU A 71 6.95 -7.51 -5.45
N ARG A 72 6.25 -8.01 -4.43
CA ARG A 72 6.85 -8.38 -3.14
C ARG A 72 6.41 -9.78 -2.75
N THR A 73 6.27 -10.65 -3.75
CA THR A 73 5.90 -12.05 -3.54
C THR A 73 6.97 -12.84 -4.25
N PRO A 74 8.01 -13.29 -3.50
CA PRO A 74 9.27 -13.71 -4.14
C PRO A 74 9.27 -15.04 -4.90
N LYS A 75 8.26 -15.87 -4.67
CA LYS A 75 8.19 -17.20 -5.27
C LYS A 75 6.84 -17.37 -5.92
N ILE A 76 6.87 -17.54 -7.23
CA ILE A 76 5.70 -17.86 -8.02
C ILE A 76 6.03 -19.19 -8.72
N VAL A 77 5.19 -20.20 -8.49
CA VAL A 77 5.39 -21.52 -9.08
C VAL A 77 4.12 -21.98 -9.73
N SER A 78 4.25 -22.93 -10.64
CA SER A 78 3.08 -23.53 -11.25
C SER A 78 3.36 -24.96 -11.66
N GLY A 79 2.29 -25.72 -11.88
CA GLY A 79 2.36 -27.09 -12.37
C GLY A 79 0.99 -27.74 -12.45
N LYS A 80 0.87 -28.71 -13.34
CA LYS A 80 -0.32 -29.52 -13.46
C LYS A 80 -0.41 -30.43 -12.23
N ASP A 81 0.74 -30.78 -11.67
CA ASP A 81 0.83 -31.67 -10.52
C ASP A 81 0.61 -30.85 -9.25
N TYR A 82 -0.26 -31.35 -8.37
CA TYR A 82 -0.62 -30.61 -7.16
C TYR A 82 0.47 -30.57 -6.10
N ASN A 83 1.62 -31.21 -6.36
CA ASN A 83 2.72 -31.10 -5.41
C ASN A 83 3.26 -29.67 -5.29
N VAL A 84 2.99 -28.83 -6.29
CA VAL A 84 3.37 -27.42 -6.27
C VAL A 84 2.54 -26.60 -5.26
N THR A 85 1.41 -27.17 -4.83
CA THR A 85 0.47 -26.51 -3.93
C THR A 85 0.72 -26.83 -2.46
N ALA A 86 1.75 -27.63 -2.19
CA ALA A 86 1.95 -28.15 -0.85
C ALA A 86 2.05 -27.03 0.19
N ASN A 87 1.41 -27.28 1.34
CA ASN A 87 1.45 -26.34 2.48
C ASN A 87 0.88 -24.94 2.19
N SER A 88 -0.17 -24.88 1.39
CA SER A 88 -0.89 -23.61 1.20
C SER A 88 -1.77 -23.32 2.41
N LYS A 89 -1.80 -22.06 2.82
CA LYS A 89 -2.73 -21.61 3.85
C LYS A 89 -4.14 -21.52 3.26
N LEU A 90 -4.22 -21.06 2.02
CA LEU A 90 -5.48 -20.77 1.35
C LEU A 90 -5.44 -21.29 -0.09
N VAL A 91 -6.42 -22.10 -0.46
CA VAL A 91 -6.50 -22.62 -1.82
C VAL A 91 -7.78 -22.09 -2.45
N ILE A 92 -7.62 -21.32 -3.52
CA ILE A 92 -8.74 -20.70 -4.21
C ILE A 92 -9.07 -21.48 -5.49
N ILE A 93 -10.30 -21.96 -5.60
CA ILE A 93 -10.67 -22.80 -6.73
C ILE A 93 -11.51 -22.02 -7.69
N THR A 94 -10.99 -21.80 -8.90
CA THR A 94 -11.74 -21.13 -9.95
C THR A 94 -11.99 -22.04 -11.16
N ALA A 95 -11.45 -23.26 -11.14
CA ALA A 95 -11.61 -24.16 -12.29
C ALA A 95 -13.03 -24.72 -12.36
N GLY A 96 -13.52 -24.97 -13.57
CA GLY A 96 -14.84 -25.58 -13.72
C GLY A 96 -15.18 -25.89 -15.15
N ALA A 97 -16.41 -26.34 -15.37
CA ALA A 97 -16.90 -26.72 -16.70
C ALA A 97 -17.66 -25.56 -17.33
N ARG A 98 -17.42 -25.33 -18.62
CA ARG A 98 -18.20 -24.34 -19.38
C ARG A 98 -19.55 -24.95 -19.72
N GLN A 99 -20.61 -24.15 -19.66
CA GLN A 99 -21.95 -24.67 -19.96
C GLN A 99 -22.12 -24.97 -21.45
N GLN A 100 -22.87 -26.04 -21.72
CA GLN A 100 -23.33 -26.38 -23.06
C GLN A 100 -24.75 -25.80 -23.15
N GLU A 101 -25.11 -25.23 -24.29
CA GLU A 101 -26.47 -24.69 -24.47
C GLU A 101 -27.55 -25.77 -24.35
N GLY A 102 -28.64 -25.40 -23.66
CA GLY A 102 -29.78 -26.30 -23.45
C GLY A 102 -29.63 -27.23 -22.27
N GLU A 103 -28.47 -27.18 -21.62
CA GLU A 103 -28.13 -28.16 -20.61
C GLU A 103 -28.91 -27.92 -19.33
N SER A 104 -29.38 -29.00 -18.73
CA SER A 104 -30.04 -28.90 -17.45
C SER A 104 -29.03 -28.46 -16.43
N ARG A 105 -29.60 -27.79 -15.46
CA ARG A 105 -28.81 -27.26 -14.41
C ARG A 105 -28.14 -28.39 -13.60
N LEU A 106 -28.87 -29.47 -13.30
CA LEU A 106 -28.29 -30.68 -12.69
C LEU A 106 -27.08 -31.24 -13.45
N ASN A 107 -27.18 -31.21 -14.78
CA ASN A 107 -26.18 -31.78 -15.66
C ASN A 107 -24.88 -30.99 -15.58
N LEU A 108 -25.02 -29.66 -15.61
CA LEU A 108 -23.88 -28.74 -15.49
C LEU A 108 -23.21 -28.95 -14.15
N VAL A 109 -24.00 -28.99 -13.09
CA VAL A 109 -23.44 -29.17 -11.76
C VAL A 109 -22.68 -30.50 -11.73
N GLN A 110 -23.30 -31.56 -12.24
CA GLN A 110 -22.66 -32.88 -12.24
C GLN A 110 -21.32 -32.88 -12.98
N ARG A 111 -21.22 -32.16 -14.11
CA ARG A 111 -19.93 -32.04 -14.80
C ARG A 111 -18.90 -31.34 -13.92
N ASN A 112 -19.35 -30.38 -13.14
CA ASN A 112 -18.45 -29.71 -12.22
C ASN A 112 -18.05 -30.60 -11.06
N VAL A 113 -19.00 -31.39 -10.56
CA VAL A 113 -18.67 -32.39 -9.55
C VAL A 113 -17.57 -33.30 -10.07
N ASN A 114 -17.69 -33.79 -11.31
CA ASN A 114 -16.69 -34.70 -11.86
C ASN A 114 -15.29 -34.08 -11.87
N ILE A 115 -15.21 -32.77 -12.13
CA ILE A 115 -13.95 -32.02 -12.05
C ILE A 115 -13.46 -31.92 -10.60
N PHE A 116 -14.36 -31.54 -9.69
CA PHE A 116 -14.02 -31.45 -8.26
C PHE A 116 -13.58 -32.81 -7.65
N LYS A 117 -14.02 -33.93 -8.21
CA LYS A 117 -13.55 -35.27 -7.75
C LYS A 117 -12.05 -35.50 -7.95
N PHE A 118 -11.49 -34.83 -8.95
CA PHE A 118 -10.05 -34.84 -9.16
C PHE A 118 -9.35 -33.75 -8.34
N ILE A 119 -9.85 -32.52 -8.43
CA ILE A 119 -9.20 -31.36 -7.81
C ILE A 119 -9.13 -31.44 -6.29
N ILE A 120 -10.27 -31.65 -5.65
CA ILE A 120 -10.36 -31.47 -4.19
C ILE A 120 -9.50 -32.47 -3.41
N PRO A 121 -9.53 -33.76 -3.75
CA PRO A 121 -8.64 -34.72 -3.05
C PRO A 121 -7.17 -34.43 -3.24
N ASN A 122 -6.79 -33.92 -4.41
CA ASN A 122 -5.43 -33.47 -4.65
C ASN A 122 -5.05 -32.29 -3.78
N VAL A 123 -5.97 -31.34 -3.62
CA VAL A 123 -5.72 -30.16 -2.78
C VAL A 123 -5.48 -30.60 -1.31
N VAL A 124 -6.35 -31.48 -0.82
CA VAL A 124 -6.34 -31.98 0.55
C VAL A 124 -5.08 -32.79 0.85
N LYS A 125 -4.63 -33.55 -0.14
CA LYS A 125 -3.45 -34.40 -0.01
C LYS A 125 -2.19 -33.56 0.30
N TYR A 126 -2.06 -32.41 -0.34
CA TYR A 126 -0.86 -31.60 -0.22
C TYR A 126 -1.00 -30.41 0.74
N SER A 127 -2.24 -29.94 0.99
CA SER A 127 -2.52 -28.94 2.05
C SER A 127 -3.72 -29.31 2.93
N PRO A 128 -3.56 -30.32 3.80
CA PRO A 128 -4.69 -30.85 4.54
C PRO A 128 -5.27 -29.92 5.60
N ASN A 129 -4.56 -28.84 5.95
CA ASN A 129 -5.06 -27.87 6.91
C ASN A 129 -5.45 -26.52 6.27
N CYS A 130 -5.50 -26.45 4.94
CA CYS A 130 -5.79 -25.19 4.27
C CYS A 130 -7.24 -24.74 4.45
N LYS A 131 -7.50 -23.49 4.14
CA LYS A 131 -8.86 -23.00 3.93
C LYS A 131 -9.12 -23.11 2.43
N LEU A 132 -10.33 -23.54 2.07
CA LEU A 132 -10.73 -23.62 0.68
C LEU A 132 -11.67 -22.49 0.42
N LEU A 133 -11.37 -21.72 -0.62
CA LEU A 133 -12.27 -20.68 -1.11
C LEU A 133 -12.78 -21.09 -2.49
N ILE A 134 -14.06 -21.40 -2.60
CA ILE A 134 -14.64 -21.78 -3.88
C ILE A 134 -15.21 -20.57 -4.61
N VAL A 135 -14.71 -20.36 -5.83
CA VAL A 135 -15.20 -19.30 -6.70
C VAL A 135 -16.02 -19.87 -7.87
N SER A 136 -15.69 -21.09 -8.33
CA SER A 136 -16.32 -21.71 -9.51
C SER A 136 -17.85 -21.71 -9.39
N ASN A 137 -18.56 -21.40 -10.48
CA ASN A 137 -20.03 -21.41 -10.44
C ASN A 137 -20.63 -22.75 -10.85
N PRO A 138 -21.83 -23.08 -10.33
CA PRO A 138 -22.63 -22.29 -9.39
C PRO A 138 -22.09 -22.42 -7.97
N VAL A 139 -21.68 -21.28 -7.41
CA VAL A 139 -20.77 -21.29 -6.27
C VAL A 139 -21.37 -21.92 -5.01
N ASP A 140 -22.65 -21.70 -4.78
CA ASP A 140 -23.26 -22.20 -3.56
C ASP A 140 -23.29 -23.73 -3.56
N ILE A 141 -23.58 -24.32 -4.72
CA ILE A 141 -23.64 -25.78 -4.83
C ILE A 141 -22.23 -26.36 -4.82
N LEU A 142 -21.31 -25.72 -5.55
CA LEU A 142 -19.94 -26.21 -5.62
C LEU A 142 -19.17 -26.04 -4.30
N THR A 143 -19.56 -25.07 -3.48
CA THR A 143 -18.99 -24.98 -2.13
C THR A 143 -19.44 -26.20 -1.31
N TYR A 144 -20.71 -26.58 -1.44
CA TYR A 144 -21.23 -27.79 -0.80
C TYR A 144 -20.48 -29.03 -1.26
N VAL A 145 -20.26 -29.13 -2.57
CA VAL A 145 -19.52 -30.26 -3.16
C VAL A 145 -18.08 -30.36 -2.63
N ALA A 146 -17.38 -29.23 -2.58
CA ALA A 146 -16.02 -29.18 -2.03
C ALA A 146 -16.01 -29.58 -0.57
N TRP A 147 -17.01 -29.12 0.17
CA TRP A 147 -17.15 -29.50 1.56
C TRP A 147 -17.29 -31.02 1.70
N LYS A 148 -18.21 -31.61 0.95
CA LYS A 148 -18.46 -33.05 1.06
C LYS A 148 -17.22 -33.85 0.67
N ILE A 149 -16.58 -33.49 -0.44
CA ILE A 149 -15.42 -34.24 -0.92
C ILE A 149 -14.19 -34.07 -0.01
N SER A 150 -13.93 -32.85 0.44
CA SER A 150 -12.73 -32.60 1.22
C SER A 150 -12.80 -33.27 2.60
N GLY A 151 -13.99 -33.33 3.19
CA GLY A 151 -14.17 -33.77 4.57
C GLY A 151 -13.79 -32.71 5.59
N PHE A 152 -13.50 -31.50 5.11
CA PHE A 152 -13.11 -30.40 5.98
C PHE A 152 -14.25 -29.94 6.90
N PRO A 153 -13.89 -29.40 8.08
CA PRO A 153 -14.96 -28.76 8.85
C PRO A 153 -15.48 -27.53 8.10
N LYS A 154 -16.73 -27.17 8.37
CA LYS A 154 -17.42 -26.14 7.59
C LYS A 154 -16.76 -24.77 7.67
N ASN A 155 -16.10 -24.44 8.77
CA ASN A 155 -15.40 -23.17 8.87
C ASN A 155 -14.28 -23.01 7.82
N ARG A 156 -13.74 -24.12 7.31
CA ARG A 156 -12.66 -24.04 6.32
C ARG A 156 -13.10 -24.20 4.87
N VAL A 157 -14.41 -24.20 4.62
CA VAL A 157 -14.92 -24.27 3.26
C VAL A 157 -15.84 -23.08 3.05
N ILE A 158 -15.37 -22.17 2.20
CA ILE A 158 -16.01 -20.88 2.01
C ILE A 158 -16.29 -20.68 0.53
N GLY A 159 -17.52 -20.30 0.18
CA GLY A 159 -17.81 -19.84 -1.20
C GLY A 159 -17.74 -18.33 -1.34
N SER A 160 -17.24 -17.82 -2.47
CA SER A 160 -17.18 -16.37 -2.69
C SER A 160 -18.56 -15.74 -2.66
N GLY A 161 -19.59 -16.57 -2.91
CA GLY A 161 -20.99 -16.19 -2.70
C GLY A 161 -21.39 -14.83 -3.25
N CYS A 162 -22.01 -14.03 -2.37
CA CYS A 162 -22.49 -12.70 -2.74
C CYS A 162 -21.52 -11.59 -2.35
N ASN A 163 -20.22 -11.90 -2.22
CA ASN A 163 -19.25 -10.83 -1.91
C ASN A 163 -19.26 -9.80 -3.03
N LEU A 164 -19.18 -10.27 -4.27
CA LEU A 164 -19.15 -9.37 -5.41
C LEU A 164 -20.51 -8.71 -5.64
N ASP A 165 -21.59 -9.47 -5.46
CA ASP A 165 -22.95 -8.95 -5.61
C ASP A 165 -23.15 -7.75 -4.70
N SER A 166 -22.70 -7.87 -3.46
CA SER A 166 -22.84 -6.76 -2.50
C SER A 166 -21.99 -5.55 -2.88
N ALA A 167 -20.79 -5.82 -3.36
CA ALA A 167 -19.90 -4.76 -3.84
C ALA A 167 -20.49 -4.04 -5.08
N ARG A 168 -21.13 -4.77 -5.99
CA ARG A 168 -21.83 -4.13 -7.11
C ARG A 168 -22.97 -3.26 -6.62
N PHE A 169 -23.67 -3.78 -5.63
CA PHE A 169 -24.80 -3.11 -5.06
C PHE A 169 -24.36 -1.78 -4.45
N ARG A 170 -23.24 -1.81 -3.75
CA ARG A 170 -22.71 -0.63 -3.06
C ARG A 170 -22.13 0.35 -4.04
N TYR A 171 -21.57 -0.17 -5.13
CA TYR A 171 -21.17 0.68 -6.25
C TYR A 171 -22.37 1.42 -6.85
N LEU A 172 -23.45 0.70 -7.10
CA LEU A 172 -24.63 1.30 -7.72
C LEU A 172 -25.29 2.33 -6.81
N MET A 173 -25.40 2.00 -5.51
CA MET A 173 -25.89 2.87 -4.48
C MET A 173 -25.05 4.15 -4.39
N GLY A 174 -23.73 4.02 -4.43
CA GLY A 174 -22.83 5.17 -4.37
C GLY A 174 -22.96 6.12 -5.54
N GLU A 175 -23.12 5.57 -6.74
CA GLU A 175 -23.42 6.40 -7.94
C GLU A 175 -24.71 7.20 -7.82
N ARG A 176 -25.75 6.57 -7.32
CA ARG A 176 -27.03 7.24 -7.06
C ARG A 176 -26.93 8.32 -6.01
N LEU A 177 -26.14 8.10 -4.97
CA LEU A 177 -26.13 9.02 -3.83
C LEU A 177 -25.00 10.04 -3.84
N GLY A 178 -24.05 9.90 -4.76
CA GLY A 178 -22.88 10.76 -4.83
C GLY A 178 -21.91 10.57 -3.67
N VAL A 179 -21.77 9.31 -3.24
CA VAL A 179 -20.93 8.93 -2.10
C VAL A 179 -20.08 7.72 -2.47
N HIS A 180 -18.85 7.68 -1.97
CA HIS A 180 -17.99 6.51 -2.21
C HIS A 180 -18.66 5.24 -1.71
N PRO A 181 -18.56 4.14 -2.47
CA PRO A 181 -19.13 2.87 -2.03
C PRO A 181 -18.68 2.42 -0.63
N LEU A 182 -17.47 2.79 -0.22
CA LEU A 182 -16.99 2.50 1.15
C LEU A 182 -17.92 3.06 2.22
N SER A 183 -18.64 4.13 1.91
CA SER A 183 -19.52 4.77 2.87
C SER A 183 -21.01 4.49 2.58
N CYS A 184 -21.29 3.66 1.58
CA CYS A 184 -22.64 3.22 1.27
C CYS A 184 -22.78 1.78 1.68
N HIS A 185 -23.61 1.49 2.69
CA HIS A 185 -23.69 0.15 3.25
C HIS A 185 -24.96 -0.52 2.84
N GLY A 186 -24.84 -1.80 2.49
CA GLY A 186 -25.99 -2.59 2.00
C GLY A 186 -25.53 -3.98 1.64
N TRP A 187 -26.41 -4.97 1.85
CA TRP A 187 -26.07 -6.39 1.82
C TRP A 187 -26.99 -7.20 0.89
N VAL A 188 -26.37 -7.92 -0.05
CA VAL A 188 -27.07 -8.87 -0.85
C VAL A 188 -26.68 -10.25 -0.34
N LEU A 189 -27.69 -11.04 0.03
CA LEU A 189 -27.49 -12.32 0.70
C LEU A 189 -28.19 -13.45 -0.06
N GLY A 190 -28.07 -14.68 0.46
CA GLY A 190 -28.74 -15.82 -0.15
C GLY A 190 -27.94 -16.45 -1.27
N GLU A 191 -28.66 -16.84 -2.32
CA GLU A 191 -28.09 -17.60 -3.42
C GLU A 191 -27.50 -16.63 -4.41
N HIS A 192 -26.21 -16.80 -4.73
CA HIS A 192 -25.54 -15.96 -5.74
C HIS A 192 -26.24 -16.13 -7.09
N GLY A 193 -26.54 -15.02 -7.75
CA GLY A 193 -27.22 -15.04 -9.05
C GLY A 193 -28.62 -14.46 -9.01
N ASP A 194 -29.52 -15.04 -9.79
CA ASP A 194 -30.83 -14.44 -10.02
C ASP A 194 -31.73 -14.39 -8.80
N SER A 195 -31.48 -15.24 -7.82
CA SER A 195 -32.35 -15.33 -6.65
C SER A 195 -31.78 -14.67 -5.40
N SER A 196 -30.71 -13.86 -5.55
CA SER A 196 -30.15 -13.20 -4.38
C SER A 196 -31.16 -12.27 -3.73
N VAL A 197 -30.91 -11.93 -2.47
CA VAL A 197 -31.87 -11.13 -1.71
C VAL A 197 -31.22 -9.81 -1.28
N PRO A 198 -31.74 -8.67 -1.76
CA PRO A 198 -31.22 -7.39 -1.29
C PRO A 198 -31.90 -7.02 0.03
N VAL A 199 -31.13 -6.87 1.11
CA VAL A 199 -31.72 -6.66 2.42
C VAL A 199 -31.93 -5.16 2.63
N TRP A 200 -33.09 -4.68 2.21
CA TRP A 200 -33.39 -3.24 2.19
C TRP A 200 -33.25 -2.60 3.55
N SER A 201 -33.61 -3.34 4.60
CA SER A 201 -33.59 -2.82 5.98
C SER A 201 -32.19 -2.44 6.48
N GLY A 202 -31.15 -3.00 5.89
CA GLY A 202 -29.79 -2.71 6.30
C GLY A 202 -29.10 -1.63 5.49
N MET A 203 -29.76 -1.13 4.47
CA MET A 203 -29.17 -0.13 3.59
C MET A 203 -29.07 1.21 4.31
N ASN A 204 -27.87 1.76 4.43
CA ASN A 204 -27.69 2.98 5.20
C ASN A 204 -26.43 3.75 4.77
N VAL A 205 -26.43 5.04 5.06
CA VAL A 205 -25.22 5.84 5.03
C VAL A 205 -25.12 6.46 6.42
N ALA A 206 -23.95 6.29 7.04
CA ALA A 206 -23.67 6.83 8.36
C ALA A 206 -24.70 6.40 9.41
N GLY A 207 -25.18 5.17 9.29
CA GLY A 207 -26.11 4.62 10.26
C GLY A 207 -27.53 5.11 10.06
N VAL A 208 -27.77 5.86 8.99
CA VAL A 208 -29.11 6.40 8.74
C VAL A 208 -29.81 5.45 7.78
N SER A 209 -30.89 4.85 8.23
CA SER A 209 -31.55 3.82 7.45
C SER A 209 -32.37 4.39 6.30
N LEU A 210 -32.05 3.98 5.08
CA LEU A 210 -32.77 4.46 3.89
C LEU A 210 -34.24 3.99 3.91
N LYS A 211 -34.46 2.78 4.41
CA LYS A 211 -35.81 2.20 4.52
C LYS A 211 -36.68 2.99 5.49
N THR A 212 -36.08 3.46 6.58
CA THR A 212 -36.82 4.27 7.57
C THR A 212 -37.16 5.65 7.00
N LEU A 213 -36.23 6.25 6.25
CA LEU A 213 -36.49 7.52 5.58
C LEU A 213 -37.51 7.37 4.45
N HIS A 214 -37.44 6.24 3.73
CA HIS A 214 -38.21 6.06 2.50
C HIS A 214 -38.87 4.69 2.52
N PRO A 215 -40.02 4.58 3.20
CA PRO A 215 -40.57 3.24 3.42
C PRO A 215 -40.82 2.44 2.16
N ASP A 216 -41.01 3.10 1.03
CA ASP A 216 -41.27 2.38 -0.22
C ASP A 216 -39.99 1.74 -0.79
N LEU A 217 -38.85 2.00 -0.17
CA LEU A 217 -37.57 1.49 -0.66
C LEU A 217 -37.66 0.02 -1.03
N GLY A 218 -37.35 -0.29 -2.28
CA GLY A 218 -37.25 -1.66 -2.74
C GLY A 218 -38.55 -2.34 -3.12
N THR A 219 -39.68 -1.68 -2.86
CA THR A 219 -40.99 -2.21 -3.24
C THR A 219 -41.32 -1.77 -4.66
N ASP A 220 -42.41 -2.34 -5.19
CA ASP A 220 -42.87 -2.05 -6.55
C ASP A 220 -43.42 -0.63 -6.67
N LYS A 221 -43.99 -0.08 -5.60
CA LYS A 221 -44.59 1.27 -5.65
C LYS A 221 -43.59 2.41 -5.38
N ASP A 222 -42.32 2.06 -5.20
CA ASP A 222 -41.26 3.05 -5.01
C ASP A 222 -41.12 3.94 -6.25
N LYS A 223 -41.39 5.24 -6.13
CA LYS A 223 -41.32 6.11 -7.31
C LYS A 223 -39.88 6.29 -7.81
N GLU A 224 -38.88 6.03 -6.97
CA GLU A 224 -37.49 6.07 -7.43
C GLU A 224 -36.95 4.73 -7.89
N GLN A 225 -37.78 3.68 -7.76
CA GLN A 225 -37.47 2.36 -8.32
C GLN A 225 -36.13 1.77 -7.86
N TRP A 226 -35.89 1.83 -6.55
CA TRP A 226 -34.65 1.31 -6.00
C TRP A 226 -34.47 -0.19 -6.21
N LYS A 227 -35.57 -0.92 -6.44
CA LYS A 227 -35.45 -2.35 -6.75
C LYS A 227 -34.65 -2.60 -8.04
N GLU A 228 -34.57 -1.58 -8.91
CA GLU A 228 -33.76 -1.66 -10.14
C GLU A 228 -32.27 -1.77 -9.87
N VAL A 229 -31.83 -1.21 -8.75
CA VAL A 229 -30.46 -1.37 -8.29
C VAL A 229 -30.13 -2.86 -8.16
N HIS A 230 -31.00 -3.60 -7.47
CA HIS A 230 -30.77 -5.02 -7.31
C HIS A 230 -30.94 -5.75 -8.64
N LYS A 231 -31.85 -5.27 -9.48
CA LYS A 231 -32.01 -5.85 -10.83
C LYS A 231 -30.73 -5.69 -11.63
N GLN A 232 -30.11 -4.52 -11.53
CA GLN A 232 -28.83 -4.29 -12.19
C GLN A 232 -27.72 -5.17 -11.60
N VAL A 233 -27.78 -5.43 -10.30
CA VAL A 233 -26.80 -6.33 -9.69
C VAL A 233 -26.92 -7.71 -10.29
N VAL A 234 -28.15 -8.23 -10.38
CA VAL A 234 -28.33 -9.58 -10.91
C VAL A 234 -28.08 -9.69 -12.43
N GLU A 235 -28.26 -8.60 -13.17
CA GLU A 235 -28.05 -8.59 -14.64
C GLU A 235 -26.68 -8.05 -15.09
N SER A 236 -25.91 -7.52 -14.14
CA SER A 236 -24.56 -6.97 -14.37
C SER A 236 -23.66 -7.93 -15.11
N ALA A 237 -23.56 -9.15 -14.57
CA ALA A 237 -22.66 -10.16 -15.11
C ALA A 237 -23.04 -10.47 -16.55
N TYR A 238 -24.34 -10.73 -16.76
CA TYR A 238 -24.87 -11.02 -18.10
C TYR A 238 -24.50 -9.92 -19.08
N GLU A 239 -24.63 -8.66 -18.66
CA GLU A 239 -24.37 -7.56 -19.55
C GLU A 239 -22.87 -7.46 -19.83
N VAL A 240 -22.05 -7.63 -18.79
CA VAL A 240 -20.60 -7.65 -19.00
C VAL A 240 -20.21 -8.85 -19.89
N ILE A 241 -20.79 -10.03 -19.66
CA ILE A 241 -20.52 -11.21 -20.52
C ILE A 241 -20.78 -10.85 -21.98
N LYS A 242 -22.00 -10.42 -22.26
CA LYS A 242 -22.39 -9.97 -23.60
C LYS A 242 -21.42 -8.94 -24.20
N LEU A 243 -20.91 -8.03 -23.39
CA LEU A 243 -20.09 -6.93 -23.89
C LEU A 243 -18.64 -7.33 -24.18
N LYS A 244 -17.98 -7.93 -23.19
CA LYS A 244 -16.55 -8.26 -23.31
C LYS A 244 -16.28 -9.77 -23.37
N GLY A 245 -17.31 -10.58 -23.16
CA GLY A 245 -17.17 -12.03 -23.31
C GLY A 245 -17.17 -12.82 -22.00
N TYR A 246 -16.78 -12.16 -20.90
CA TYR A 246 -16.63 -12.80 -19.60
C TYR A 246 -16.48 -11.69 -18.56
N THR A 247 -16.48 -12.03 -17.27
CA THR A 247 -16.11 -11.07 -16.21
C THR A 247 -14.83 -11.56 -15.55
N SER A 248 -14.03 -10.64 -15.04
CA SER A 248 -12.74 -11.00 -14.45
C SER A 248 -12.32 -10.04 -13.35
N TRP A 249 -12.26 -8.75 -13.65
CA TRP A 249 -11.56 -7.83 -12.79
C TRP A 249 -12.27 -7.68 -11.45
N ALA A 250 -13.59 -7.54 -11.49
CA ALA A 250 -14.35 -7.34 -10.28
C ALA A 250 -14.22 -8.55 -9.39
N ILE A 251 -14.35 -9.74 -9.97
CA ILE A 251 -14.30 -10.94 -9.14
C ILE A 251 -12.89 -11.12 -8.58
N GLY A 252 -11.87 -10.80 -9.37
CA GLY A 252 -10.48 -10.84 -8.88
C GLY A 252 -10.30 -9.98 -7.64
N LEU A 253 -10.73 -8.73 -7.72
CA LEU A 253 -10.61 -7.80 -6.60
C LEU A 253 -11.42 -8.27 -5.38
N SER A 254 -12.62 -8.82 -5.60
CA SER A 254 -13.45 -9.27 -4.48
CA SER A 254 -13.45 -9.30 -4.49
C SER A 254 -12.81 -10.46 -3.76
N VAL A 255 -12.21 -11.37 -4.53
CA VAL A 255 -11.55 -12.55 -3.96
C VAL A 255 -10.30 -12.14 -3.20
N ALA A 256 -9.58 -11.14 -3.71
CA ALA A 256 -8.38 -10.65 -3.04
C ALA A 256 -8.77 -10.02 -1.70
N ASP A 257 -9.94 -9.41 -1.64
CA ASP A 257 -10.42 -8.80 -0.39
C ASP A 257 -10.78 -9.87 0.63
N LEU A 258 -11.42 -10.95 0.17
CA LEU A 258 -11.63 -12.13 1.03
C LEU A 258 -10.29 -12.73 1.51
N ALA A 259 -9.34 -12.91 0.58
CA ALA A 259 -8.04 -13.47 0.92
C ALA A 259 -7.30 -12.63 1.98
N GLU A 260 -7.40 -11.30 1.87
CA GLU A 260 -6.80 -10.40 2.86
C GLU A 260 -7.32 -10.63 4.29
N SER A 261 -8.62 -10.82 4.43
CA SER A 261 -9.22 -11.02 5.73
C SER A 261 -8.75 -12.34 6.33
N ILE A 262 -8.66 -13.38 5.51
CA ILE A 262 -8.25 -14.71 5.95
C ILE A 262 -6.77 -14.70 6.31
N MET A 263 -5.92 -14.22 5.40
CA MET A 263 -4.46 -14.28 5.58
C MET A 263 -3.95 -13.38 6.70
N LYS A 264 -4.60 -12.23 6.89
CA LYS A 264 -4.25 -11.30 7.95
C LYS A 264 -5.13 -11.42 9.21
N ASN A 265 -5.97 -12.44 9.25
CA ASN A 265 -6.83 -12.70 10.42
C ASN A 265 -7.59 -11.45 10.90
N LEU A 266 -8.18 -10.72 9.95
CA LEU A 266 -8.80 -9.43 10.31
C LEU A 266 -10.12 -9.53 11.08
N ARG A 267 -10.88 -10.60 10.85
CA ARG A 267 -12.21 -10.74 11.45
C ARG A 267 -13.11 -9.60 10.94
N ARG A 268 -12.97 -9.28 9.66
CA ARG A 268 -13.94 -8.41 8.98
C ARG A 268 -15.15 -9.27 8.57
N VAL A 269 -16.29 -8.63 8.35
CA VAL A 269 -17.53 -9.29 7.97
C VAL A 269 -17.78 -9.21 6.44
N HIS A 270 -17.99 -10.37 5.83
CA HIS A 270 -18.22 -10.45 4.40
C HIS A 270 -19.41 -11.35 4.12
N PRO A 271 -20.17 -11.01 3.06
CA PRO A 271 -21.25 -11.91 2.74
C PRO A 271 -20.72 -13.02 1.83
N VAL A 272 -20.42 -14.17 2.43
CA VAL A 272 -19.88 -15.30 1.72
C VAL A 272 -20.76 -16.54 1.99
N SER A 273 -20.55 -17.58 1.19
CA SER A 273 -21.41 -18.75 1.26
C SER A 273 -20.93 -19.70 2.35
N THR A 274 -21.83 -19.98 3.30
CA THR A 274 -21.52 -20.88 4.40
C THR A 274 -22.66 -21.85 4.62
N MET A 275 -22.37 -22.95 5.33
CA MET A 275 -23.33 -24.03 5.51
C MET A 275 -24.33 -23.53 6.52
N ILE A 276 -25.56 -23.34 6.06
CA ILE A 276 -26.54 -22.56 6.79
C ILE A 276 -27.64 -23.38 7.49
N LYS A 277 -27.49 -24.69 7.55
CA LYS A 277 -28.51 -25.54 8.15
C LYS A 277 -28.73 -25.13 9.60
N GLY A 278 -30.00 -24.98 9.98
CA GLY A 278 -30.38 -24.55 11.33
C GLY A 278 -30.68 -23.07 11.45
N LEU A 279 -30.77 -22.35 10.32
CA LEU A 279 -31.24 -20.96 10.26
C LEU A 279 -32.34 -20.74 9.23
N TYR A 280 -33.22 -19.77 9.50
CA TYR A 280 -34.29 -19.37 8.58
C TYR A 280 -35.19 -20.52 8.17
N GLY A 281 -35.33 -21.50 9.03
CA GLY A 281 -36.15 -22.67 8.73
C GLY A 281 -35.51 -23.59 7.71
N ILE A 282 -34.24 -23.32 7.37
CA ILE A 282 -33.49 -24.19 6.48
C ILE A 282 -33.00 -25.38 7.28
N LYS A 283 -33.40 -26.57 6.85
CA LYS A 283 -33.08 -27.80 7.54
C LYS A 283 -32.26 -28.73 6.67
N ASP A 284 -31.74 -28.22 5.55
CA ASP A 284 -30.87 -29.01 4.68
C ASP A 284 -29.43 -28.50 4.66
N ASP A 285 -28.51 -29.41 4.34
CA ASP A 285 -27.10 -29.08 4.15
C ASP A 285 -26.92 -28.23 2.89
N VAL A 286 -27.21 -26.94 3.00
CA VAL A 286 -27.02 -26.04 1.88
C VAL A 286 -26.16 -24.85 2.31
N PHE A 287 -25.48 -24.29 1.32
CA PHE A 287 -24.63 -23.14 1.54
C PHE A 287 -25.29 -21.94 0.92
N LEU A 288 -25.42 -20.88 1.70
CA LEU A 288 -25.94 -19.62 1.20
C LEU A 288 -25.14 -18.49 1.83
N SER A 289 -25.20 -17.32 1.22
CA SER A 289 -24.46 -16.18 1.72
C SER A 289 -25.17 -15.51 2.86
N VAL A 290 -24.45 -15.36 3.96
CA VAL A 290 -24.83 -14.50 5.08
C VAL A 290 -23.58 -13.74 5.51
N PRO A 291 -23.74 -12.67 6.31
CA PRO A 291 -22.53 -11.97 6.72
C PRO A 291 -21.71 -12.84 7.67
N CYS A 292 -20.46 -13.09 7.31
CA CYS A 292 -19.58 -14.00 8.05
C CYS A 292 -18.34 -13.27 8.51
N ILE A 293 -17.88 -13.62 9.69
CA ILE A 293 -16.64 -13.11 10.23
C ILE A 293 -15.48 -13.98 9.69
N LEU A 294 -14.60 -13.38 8.89
CA LEU A 294 -13.50 -14.12 8.26
C LEU A 294 -12.16 -13.85 8.90
N GLY A 295 -11.42 -14.91 9.19
CA GLY A 295 -10.09 -14.78 9.76
C GLY A 295 -9.21 -15.97 9.43
N GLN A 296 -8.19 -16.21 10.25
CA GLN A 296 -7.20 -17.25 9.96
C GLN A 296 -7.74 -18.69 10.03
N ASN A 297 -8.86 -18.89 10.72
CA ASN A 297 -9.57 -20.18 10.75
C ASN A 297 -10.74 -20.28 9.77
N GLY A 298 -10.81 -19.34 8.84
CA GLY A 298 -11.90 -19.28 7.87
C GLY A 298 -13.08 -18.57 8.50
N ILE A 299 -14.27 -19.19 8.46
CA ILE A 299 -15.48 -18.61 9.06
C ILE A 299 -15.63 -19.05 10.51
N SER A 300 -15.30 -18.15 11.44
CA SER A 300 -15.41 -18.45 12.89
C SER A 300 -16.80 -18.18 13.45
N ASP A 301 -17.50 -17.21 12.85
CA ASP A 301 -18.79 -16.78 13.36
C ASP A 301 -19.64 -16.26 12.21
N LEU A 302 -20.96 -16.28 12.34
CA LEU A 302 -21.81 -15.54 11.38
C LEU A 302 -22.75 -14.52 12.04
N VAL A 303 -23.17 -13.52 11.27
CA VAL A 303 -24.11 -12.53 11.79
C VAL A 303 -25.51 -13.06 11.52
N LYS A 304 -26.39 -12.97 12.52
CA LYS A 304 -27.80 -13.37 12.37
C LYS A 304 -28.65 -12.17 11.96
N VAL A 305 -28.81 -11.98 10.67
CA VAL A 305 -29.56 -10.85 10.13
C VAL A 305 -31.06 -11.10 10.38
N THR A 306 -31.75 -10.11 10.92
CA THR A 306 -33.20 -10.18 11.05
C THR A 306 -33.79 -9.97 9.67
N LEU A 307 -34.53 -10.96 9.17
CA LEU A 307 -35.14 -10.88 7.84
C LEU A 307 -36.67 -10.73 7.94
N THR A 308 -37.27 -10.12 6.93
CA THR A 308 -38.73 -10.08 6.80
C THR A 308 -39.24 -11.46 6.39
N SER A 309 -40.54 -11.66 6.48
CA SER A 309 -41.15 -12.92 6.05
C SER A 309 -40.80 -13.25 4.62
N GLU A 310 -40.90 -12.26 3.72
CA GLU A 310 -40.63 -12.52 2.30
C GLU A 310 -39.15 -12.82 2.06
N GLU A 311 -38.27 -12.15 2.80
CA GLU A 311 -36.85 -12.43 2.72
C GLU A 311 -36.53 -13.85 3.18
N GLU A 312 -37.12 -14.25 4.29
CA GLU A 312 -36.95 -15.63 4.78
CA GLU A 312 -36.95 -15.62 4.78
C GLU A 312 -37.50 -16.64 3.78
N ALA A 313 -38.67 -16.38 3.21
CA ALA A 313 -39.25 -17.29 2.20
C ALA A 313 -38.39 -17.38 0.94
N ARG A 314 -37.69 -16.29 0.60
CA ARG A 314 -36.80 -16.34 -0.57
C ARG A 314 -35.57 -17.22 -0.33
N LEU A 315 -35.00 -17.14 0.87
CA LEU A 315 -33.84 -18.00 1.20
C LEU A 315 -34.25 -19.47 1.26
N LYS A 316 -35.39 -19.73 1.87
CA LYS A 316 -35.91 -21.10 1.98
C LYS A 316 -36.16 -21.72 0.59
N LYS A 317 -36.67 -20.93 -0.34
CA LYS A 317 -36.97 -21.44 -1.69
C LYS A 317 -35.66 -21.78 -2.41
N SER A 318 -34.64 -20.93 -2.23
CA SER A 318 -33.29 -21.20 -2.70
C SER A 318 -32.76 -22.50 -2.09
N ALA A 319 -32.83 -22.64 -0.77
CA ALA A 319 -32.33 -23.86 -0.12
C ALA A 319 -33.01 -25.12 -0.65
N ASP A 320 -34.33 -25.07 -0.78
CA ASP A 320 -35.10 -26.18 -1.34
C ASP A 320 -34.62 -26.52 -2.74
N THR A 321 -34.38 -25.50 -3.55
CA THR A 321 -33.96 -25.71 -4.93
C THR A 321 -32.54 -26.30 -4.96
N LEU A 322 -31.62 -25.67 -4.23
CA LEU A 322 -30.25 -26.17 -4.11
C LEU A 322 -30.24 -27.60 -3.59
N TRP A 323 -31.07 -27.87 -2.59
CA TRP A 323 -31.06 -29.20 -2.00
C TRP A 323 -31.55 -30.22 -3.00
N GLY A 324 -32.58 -29.87 -3.76
CA GLY A 324 -33.15 -30.77 -4.77
C GLY A 324 -32.14 -31.17 -5.83
N ILE A 325 -31.19 -30.26 -6.13
CA ILE A 325 -30.13 -30.58 -7.08
C ILE A 325 -29.06 -31.44 -6.42
N GLN A 326 -28.65 -31.05 -5.21
CA GLN A 326 -27.57 -31.72 -4.48
C GLN A 326 -27.85 -33.16 -4.14
N LYS A 327 -29.09 -33.48 -3.79
CA LYS A 327 -29.40 -34.85 -3.43
C LYS A 327 -29.41 -35.78 -4.64
N GLU A 328 -29.35 -35.23 -5.86
CA GLU A 328 -29.26 -36.05 -7.08
C GLU A 328 -27.82 -36.27 -7.54
N LEU A 329 -26.85 -35.53 -6.98
CA LEU A 329 -25.48 -35.60 -7.49
C LEU A 329 -24.81 -36.94 -7.21
N GLN A 330 -23.95 -37.36 -8.13
CA GLN A 330 -23.16 -38.59 -7.97
C GLN A 330 -21.75 -38.24 -7.56
N PHE A 331 -21.40 -38.57 -6.33
CA PHE A 331 -20.06 -38.34 -5.80
C PHE A 331 -19.16 -39.53 -6.06
N ALA B 1 -39.33 16.19 -2.30
CA ALA B 1 -37.94 15.79 -1.92
C ALA B 1 -37.68 14.32 -2.24
N THR B 2 -36.62 14.07 -2.99
CA THR B 2 -36.13 12.72 -3.22
C THR B 2 -35.53 12.14 -1.93
N LEU B 3 -35.25 10.84 -1.96
CA LEU B 3 -34.50 10.17 -0.88
C LEU B 3 -33.12 10.78 -0.67
N LYS B 4 -32.41 11.02 -1.78
CA LYS B 4 -31.10 11.67 -1.73
C LYS B 4 -31.15 12.98 -0.94
N ASP B 5 -32.15 13.82 -1.25
CA ASP B 5 -32.33 15.12 -0.60
C ASP B 5 -32.72 14.96 0.87
N GLN B 6 -33.48 13.92 1.17
CA GLN B 6 -33.85 13.63 2.55
C GLN B 6 -32.60 13.28 3.33
N LEU B 7 -31.68 12.56 2.68
CA LEU B 7 -30.49 12.03 3.36
C LEU B 7 -29.35 13.01 3.42
N ILE B 8 -29.20 13.81 2.37
CA ILE B 8 -27.98 14.59 2.17
C ILE B 8 -28.31 16.04 1.88
N TYR B 9 -27.76 16.93 2.70
CA TYR B 9 -27.86 18.36 2.45
C TYR B 9 -26.63 18.80 1.67
N ASN B 10 -26.84 19.39 0.49
CA ASN B 10 -25.73 19.89 -0.32
C ASN B 10 -25.24 21.27 0.11
N LEU B 11 -23.94 21.42 0.36
CA LEU B 11 -23.32 22.75 0.56
C LEU B 11 -23.08 23.47 -0.76
N LEU B 12 -22.50 22.78 -1.74
CA LEU B 12 -22.34 23.36 -3.09
C LEU B 12 -22.17 22.28 -4.16
N LYS B 13 -22.52 22.59 -5.41
CA LYS B 13 -22.62 21.57 -6.46
C LYS B 13 -21.61 21.66 -7.60
N GLU B 14 -20.92 22.79 -7.78
CA GLU B 14 -20.15 22.99 -9.01
C GLU B 14 -19.15 21.88 -9.29
N GLU B 15 -19.07 21.46 -10.55
CA GLU B 15 -18.25 20.31 -10.95
C GLU B 15 -16.79 20.69 -10.90
N GLN B 16 -15.96 19.79 -10.38
CA GLN B 16 -14.53 20.02 -10.41
C GLN B 16 -13.92 19.13 -11.47
N THR B 17 -12.66 19.37 -11.73
CA THR B 17 -11.90 18.55 -12.64
C THR B 17 -11.02 17.65 -11.80
N PRO B 18 -10.62 16.51 -12.37
CA PRO B 18 -9.72 15.60 -11.66
C PRO B 18 -8.34 16.21 -11.52
N GLN B 19 -7.67 15.91 -10.41
CA GLN B 19 -6.32 16.37 -10.19
C GLN B 19 -5.26 15.46 -10.78
N ASN B 20 -5.57 14.17 -10.90
CA ASN B 20 -4.59 13.13 -11.25
C ASN B 20 -5.19 12.12 -12.22
N LYS B 21 -5.69 12.62 -13.34
CA LYS B 21 -6.35 11.77 -14.31
C LYS B 21 -5.35 11.08 -15.20
N ILE B 22 -5.56 9.79 -15.42
CA ILE B 22 -4.77 9.00 -16.37
C ILE B 22 -5.73 8.42 -17.40
N THR B 23 -5.33 8.43 -18.68
CA THR B 23 -6.06 7.80 -19.77
C THR B 23 -5.26 6.62 -20.31
N VAL B 24 -5.94 5.50 -20.55
CA VAL B 24 -5.34 4.35 -21.25
C VAL B 24 -6.05 4.17 -22.57
N VAL B 25 -5.30 4.28 -23.68
CA VAL B 25 -5.82 4.11 -25.04
C VAL B 25 -5.52 2.70 -25.56
N GLY B 26 -6.59 1.95 -25.81
CA GLY B 26 -6.50 0.57 -26.23
C GLY B 26 -6.81 -0.28 -25.01
N VAL B 27 -7.86 -1.08 -25.10
CA VAL B 27 -8.25 -1.96 -23.99
C VAL B 27 -8.07 -3.45 -24.32
N GLY B 28 -7.02 -3.76 -25.08
CA GLY B 28 -6.57 -5.13 -25.24
C GLY B 28 -5.91 -5.66 -23.98
N ALA B 29 -5.25 -6.79 -24.11
CA ALA B 29 -4.57 -7.42 -22.98
C ALA B 29 -3.57 -6.48 -22.30
N VAL B 30 -2.85 -5.68 -23.10
CA VAL B 30 -1.84 -4.74 -22.54
C VAL B 30 -2.51 -3.57 -21.83
N GLY B 31 -3.41 -2.90 -22.54
CA GLY B 31 -4.17 -1.78 -21.99
C GLY B 31 -4.80 -2.08 -20.63
N MET B 32 -5.55 -3.17 -20.55
CA MET B 32 -6.23 -3.53 -19.32
C MET B 32 -5.27 -3.95 -18.20
N ALA B 33 -4.14 -4.58 -18.54
CA ALA B 33 -3.09 -4.88 -17.52
C ALA B 33 -2.50 -3.62 -16.92
N CYS B 34 -2.24 -2.63 -17.77
CA CYS B 34 -1.80 -1.32 -17.30
C CYS B 34 -2.88 -0.72 -16.39
N ALA B 35 -4.14 -0.81 -16.82
CA ALA B 35 -5.23 -0.17 -16.09
C ALA B 35 -5.44 -0.80 -14.71
N ILE B 36 -5.43 -2.13 -14.63
CA ILE B 36 -5.59 -2.78 -13.33
C ILE B 36 -4.40 -2.48 -12.41
N SER B 37 -3.18 -2.42 -12.97
CA SER B 37 -1.98 -2.16 -12.18
C SER B 37 -1.97 -0.72 -11.65
N ILE B 38 -2.39 0.20 -12.50
CA ILE B 38 -2.49 1.59 -12.14
C ILE B 38 -3.55 1.79 -11.06
N LEU B 39 -4.70 1.15 -11.22
CA LEU B 39 -5.77 1.21 -10.21
C LEU B 39 -5.33 0.67 -8.88
N MET B 40 -4.63 -0.46 -8.86
CA MET B 40 -4.21 -1.09 -7.58
C MET B 40 -3.06 -0.36 -6.90
N LYS B 41 -2.46 0.62 -7.57
CA LYS B 41 -1.39 1.42 -7.00
C LYS B 41 -1.87 2.83 -6.61
N ASP B 42 -3.18 3.07 -6.69
CA ASP B 42 -3.79 4.32 -6.24
C ASP B 42 -3.13 5.55 -6.83
N LEU B 43 -2.87 5.52 -8.13
CA LEU B 43 -2.20 6.64 -8.80
C LEU B 43 -3.13 7.72 -9.38
N ALA B 44 -4.41 7.38 -9.56
CA ALA B 44 -5.32 8.23 -10.32
C ALA B 44 -6.59 8.50 -9.54
N ASP B 45 -7.13 9.71 -9.67
CA ASP B 45 -8.50 9.97 -9.18
C ASP B 45 -9.55 9.77 -10.25
N GLU B 46 -9.10 9.67 -11.49
CA GLU B 46 -9.98 9.35 -12.62
C GLU B 46 -9.19 8.54 -13.63
N LEU B 47 -9.78 7.48 -14.12
CA LEU B 47 -9.22 6.68 -15.20
C LEU B 47 -10.17 6.70 -16.38
N ALA B 48 -9.63 7.04 -17.54
CA ALA B 48 -10.36 7.05 -18.80
C ALA B 48 -9.83 5.96 -19.72
N LEU B 49 -10.76 5.20 -20.30
CA LEU B 49 -10.45 4.16 -21.29
C LEU B 49 -10.98 4.56 -22.68
N VAL B 50 -10.15 4.39 -23.69
CA VAL B 50 -10.57 4.66 -25.08
C VAL B 50 -10.20 3.47 -25.94
N ASP B 51 -11.08 3.12 -26.87
CA ASP B 51 -10.84 2.06 -27.85
C ASP B 51 -11.87 2.20 -28.97
N VAL B 52 -11.70 1.48 -30.07
CA VAL B 52 -12.65 1.55 -31.21
C VAL B 52 -13.72 0.45 -31.20
N ILE B 53 -13.51 -0.58 -30.39
CA ILE B 53 -14.47 -1.67 -30.25
C ILE B 53 -15.39 -1.29 -29.09
N GLU B 54 -16.61 -0.87 -29.41
CA GLU B 54 -17.47 -0.23 -28.42
C GLU B 54 -18.03 -1.19 -27.37
N ASP B 55 -18.41 -2.40 -27.78
CA ASP B 55 -18.92 -3.40 -26.83
C ASP B 55 -17.86 -3.78 -25.79
N LYS B 56 -16.70 -4.20 -26.26
CA LYS B 56 -15.59 -4.62 -25.41
C LYS B 56 -15.16 -3.51 -24.46
N LEU B 57 -15.08 -2.29 -25.00
CA LEU B 57 -14.72 -1.11 -24.22
C LEU B 57 -15.68 -0.87 -23.06
N LYS B 58 -16.98 -0.90 -23.35
CA LYS B 58 -18.00 -0.71 -22.31
C LYS B 58 -17.91 -1.81 -21.28
N GLY B 59 -17.66 -3.04 -21.74
CA GLY B 59 -17.59 -4.19 -20.88
C GLY B 59 -16.41 -4.11 -19.91
N GLU B 60 -15.26 -3.68 -20.41
CA GLU B 60 -14.07 -3.54 -19.56
C GLU B 60 -14.28 -2.42 -18.52
N MET B 61 -14.85 -1.29 -18.95
CA MET B 61 -15.13 -0.19 -18.05
C MET B 61 -15.99 -0.66 -16.89
N MET B 62 -17.13 -1.26 -17.21
CA MET B 62 -18.06 -1.77 -16.20
C MET B 62 -17.41 -2.77 -15.26
N ASP B 63 -16.64 -3.69 -15.82
CA ASP B 63 -15.96 -4.69 -15.02
C ASP B 63 -15.06 -4.01 -13.97
N LEU B 64 -14.32 -2.97 -14.38
CA LEU B 64 -13.50 -2.22 -13.41
C LEU B 64 -14.39 -1.47 -12.42
N GLN B 65 -15.42 -0.80 -12.93
CA GLN B 65 -16.33 -0.06 -12.05
C GLN B 65 -16.91 -0.96 -10.97
N HIS B 66 -17.21 -2.21 -11.30
CA HIS B 66 -17.83 -3.07 -10.31
C HIS B 66 -16.87 -3.42 -9.17
N GLY B 67 -15.58 -3.15 -9.36
CA GLY B 67 -14.58 -3.35 -8.31
C GLY B 67 -14.25 -2.13 -7.45
N SER B 68 -14.99 -1.03 -7.67
CA SER B 68 -14.70 0.28 -7.02
C SER B 68 -14.63 0.24 -5.51
N LEU B 69 -15.49 -0.56 -4.87
CA LEU B 69 -15.43 -0.73 -3.42
C LEU B 69 -14.04 -1.10 -2.94
N PHE B 70 -13.31 -1.81 -3.79
CA PHE B 70 -11.97 -2.31 -3.47
C PHE B 70 -10.85 -1.38 -3.95
N LEU B 71 -11.20 -0.25 -4.58
CA LEU B 71 -10.23 0.69 -5.16
C LEU B 71 -10.35 2.10 -4.54
N ARG B 72 -9.44 3.00 -4.92
CA ARG B 72 -9.41 4.37 -4.42
CA ARG B 72 -9.41 4.37 -4.41
C ARG B 72 -9.41 5.33 -5.60
N THR B 73 -10.08 4.93 -6.67
CA THR B 73 -10.20 5.74 -7.86
C THR B 73 -11.71 5.92 -8.05
N PRO B 74 -12.23 7.11 -7.65
CA PRO B 74 -13.67 7.34 -7.55
C PRO B 74 -14.42 7.47 -8.87
N LYS B 75 -13.72 7.62 -9.98
CA LYS B 75 -14.40 7.70 -11.29
C LYS B 75 -13.62 7.00 -12.40
N ILE B 76 -14.31 6.09 -13.08
CA ILE B 76 -13.80 5.37 -14.26
C ILE B 76 -14.79 5.60 -15.38
N VAL B 77 -14.29 6.10 -16.51
CA VAL B 77 -15.10 6.44 -17.68
C VAL B 77 -14.49 5.80 -18.92
N SER B 78 -15.32 5.63 -19.95
CA SER B 78 -14.85 5.11 -21.22
C SER B 78 -15.70 5.68 -22.35
N GLY B 79 -15.12 5.71 -23.55
CA GLY B 79 -15.81 6.17 -24.74
C GLY B 79 -14.93 6.05 -25.97
N LYS B 80 -15.56 5.81 -27.12
CA LYS B 80 -14.90 5.88 -28.41
C LYS B 80 -14.37 7.29 -28.67
N ASP B 81 -15.08 8.28 -28.14
CA ASP B 81 -14.79 9.68 -28.35
C ASP B 81 -13.77 10.20 -27.34
N TYR B 82 -12.77 10.93 -27.82
CA TYR B 82 -11.64 11.35 -26.98
C TYR B 82 -12.01 12.44 -25.98
N ASN B 83 -13.26 12.93 -26.01
CA ASN B 83 -13.68 13.92 -25.00
C ASN B 83 -13.66 13.31 -23.59
N VAL B 84 -13.79 11.99 -23.49
CA VAL B 84 -13.71 11.31 -22.19
C VAL B 84 -12.29 11.34 -21.61
N THR B 85 -11.30 11.76 -22.41
CA THR B 85 -9.90 11.76 -21.97
C THR B 85 -9.42 13.12 -21.53
N ALA B 86 -10.28 14.12 -21.63
CA ALA B 86 -9.90 15.50 -21.36
C ALA B 86 -9.27 15.69 -19.98
N ASN B 87 -8.31 16.61 -19.92
CA ASN B 87 -7.61 16.99 -18.71
C ASN B 87 -6.74 15.90 -18.10
N SER B 88 -6.29 14.96 -18.92
CA SER B 88 -5.42 13.88 -18.43
C SER B 88 -4.01 14.40 -18.11
N LYS B 89 -3.43 13.90 -17.02
CA LYS B 89 -2.05 14.25 -16.68
C LYS B 89 -1.09 13.34 -17.44
N LEU B 90 -1.54 12.11 -17.66
CA LEU B 90 -0.76 11.07 -18.32
C LEU B 90 -1.69 10.29 -19.25
N VAL B 91 -1.25 10.09 -20.50
CA VAL B 91 -1.98 9.30 -21.50
C VAL B 91 -1.06 8.19 -22.01
N ILE B 92 -1.52 6.96 -21.83
CA ILE B 92 -0.77 5.76 -22.14
C ILE B 92 -1.38 5.12 -23.38
N ILE B 93 -0.58 5.03 -24.45
CA ILE B 93 -1.08 4.54 -25.72
C ILE B 93 -0.66 3.09 -25.88
N THR B 94 -1.63 2.19 -25.85
CA THR B 94 -1.38 0.77 -26.05
C THR B 94 -2.11 0.24 -27.29
N ALA B 95 -2.70 1.13 -28.07
CA ALA B 95 -3.47 0.70 -29.24
C ALA B 95 -2.56 0.34 -30.40
N GLY B 96 -3.03 -0.60 -31.21
CA GLY B 96 -2.31 -1.01 -32.42
C GLY B 96 -2.17 -2.52 -32.52
N ALA B 97 -1.74 -2.95 -33.71
CA ALA B 97 -1.53 -4.36 -34.01
C ALA B 97 -0.40 -5.00 -33.19
N ARG B 98 -0.55 -6.29 -32.91
CA ARG B 98 0.48 -7.07 -32.20
C ARG B 98 1.62 -7.52 -33.12
N LEU B 106 8.20 -2.79 -41.70
CA LEU B 106 7.51 -2.21 -42.84
C LEU B 106 5.99 -2.27 -42.68
N ASN B 107 5.46 -3.50 -42.60
CA ASN B 107 4.01 -3.72 -42.51
C ASN B 107 3.43 -3.24 -41.17
N LEU B 108 4.07 -3.64 -40.06
CA LEU B 108 3.59 -3.30 -38.73
C LEU B 108 3.67 -1.81 -38.45
N VAL B 109 4.78 -1.20 -38.84
CA VAL B 109 5.00 0.23 -38.60
C VAL B 109 3.94 1.06 -39.31
N GLN B 110 3.75 0.79 -40.60
CA GLN B 110 2.81 1.55 -41.42
C GLN B 110 1.39 1.48 -40.84
N ARG B 111 0.97 0.27 -40.44
CA ARG B 111 -0.37 0.06 -39.86
C ARG B 111 -0.53 0.84 -38.56
N ASN B 112 0.52 0.91 -37.76
CA ASN B 112 0.41 1.59 -36.47
C ASN B 112 0.59 3.11 -36.59
N VAL B 113 1.26 3.55 -37.64
CA VAL B 113 1.37 4.98 -37.94
C VAL B 113 0.01 5.57 -38.31
N ASN B 114 -0.77 4.85 -39.10
CA ASN B 114 -2.05 5.39 -39.58
C ASN B 114 -3.04 5.51 -38.45
N ILE B 115 -2.96 4.56 -37.54
CA ILE B 115 -3.72 4.61 -36.29
C ILE B 115 -3.34 5.84 -35.48
N PHE B 116 -2.03 6.10 -35.39
CA PHE B 116 -1.53 7.24 -34.61
C PHE B 116 -1.86 8.59 -35.22
N LYS B 117 -2.05 8.64 -36.53
CA LYS B 117 -2.47 9.87 -37.21
C LYS B 117 -3.85 10.34 -36.72
N PHE B 118 -4.66 9.38 -36.25
CA PHE B 118 -5.97 9.67 -35.68
CA PHE B 118 -5.96 9.72 -35.69
C PHE B 118 -5.88 9.87 -34.17
N ILE B 119 -5.17 8.96 -33.51
CA ILE B 119 -5.08 8.97 -32.04
C ILE B 119 -4.40 10.22 -31.48
N ILE B 120 -3.21 10.53 -31.97
CA ILE B 120 -2.40 11.54 -31.29
C ILE B 120 -2.99 12.96 -31.33
N PRO B 121 -3.49 13.42 -32.48
CA PRO B 121 -4.16 14.72 -32.52
C PRO B 121 -5.36 14.82 -31.57
N ASN B 122 -6.16 13.77 -31.53
CA ASN B 122 -7.27 13.71 -30.58
C ASN B 122 -6.81 13.79 -29.13
N VAL B 123 -5.71 13.12 -28.81
CA VAL B 123 -5.12 13.20 -27.48
C VAL B 123 -4.66 14.61 -27.16
N VAL B 124 -3.91 15.21 -28.08
CA VAL B 124 -3.34 16.53 -27.87
C VAL B 124 -4.43 17.59 -27.73
N LYS B 125 -5.52 17.38 -28.46
CA LYS B 125 -6.67 18.28 -28.48
C LYS B 125 -7.34 18.38 -27.11
N TYR B 126 -7.45 17.25 -26.40
CA TYR B 126 -8.17 17.22 -25.12
C TYR B 126 -7.25 17.30 -23.90
N SER B 127 -6.00 16.91 -24.04
CA SER B 127 -5.04 17.02 -22.95
C SER B 127 -3.72 17.60 -23.47
N PRO B 128 -3.72 18.90 -23.78
CA PRO B 128 -2.56 19.55 -24.41
C PRO B 128 -1.27 19.52 -23.59
N ASN B 129 -1.40 19.45 -22.25
CA ASN B 129 -0.25 19.47 -21.34
C ASN B 129 0.11 18.12 -20.73
N CYS B 130 -0.46 17.03 -21.22
CA CYS B 130 -0.15 15.70 -20.70
C CYS B 130 1.28 15.24 -21.03
N LYS B 131 1.68 14.21 -20.30
CA LYS B 131 2.78 13.35 -20.69
C LYS B 131 2.17 12.21 -21.53
N LEU B 132 2.81 11.91 -22.65
CA LEU B 132 2.45 10.77 -23.47
C LEU B 132 3.41 9.64 -23.19
N LEU B 133 2.86 8.48 -22.85
CA LEU B 133 3.65 7.27 -22.67
C LEU B 133 3.22 6.28 -23.71
N ILE B 134 4.13 6.00 -24.63
CA ILE B 134 3.86 5.10 -25.76
C ILE B 134 4.33 3.71 -25.43
N VAL B 135 3.43 2.74 -25.57
CA VAL B 135 3.74 1.34 -25.33
C VAL B 135 3.64 0.53 -26.64
N SER B 136 2.74 0.93 -27.55
CA SER B 136 2.56 0.23 -28.83
C SER B 136 3.86 -0.03 -29.57
N ASN B 137 3.97 -1.19 -30.21
CA ASN B 137 5.19 -1.58 -30.92
C ASN B 137 5.14 -1.27 -32.41
N PRO B 138 6.32 -1.07 -33.04
CA PRO B 138 7.65 -1.00 -32.40
C PRO B 138 7.86 0.32 -31.64
N VAL B 139 8.04 0.19 -30.33
CA VAL B 139 7.86 1.31 -29.40
C VAL B 139 8.77 2.50 -29.66
N ASP B 140 10.00 2.25 -30.11
CA ASP B 140 10.94 3.36 -30.36
C ASP B 140 10.52 4.20 -31.57
N ILE B 141 10.07 3.51 -32.61
CA ILE B 141 9.59 4.20 -33.81
C ILE B 141 8.30 4.96 -33.51
N LEU B 142 7.36 4.30 -32.84
CA LEU B 142 6.06 4.94 -32.56
C LEU B 142 6.16 6.03 -31.50
N THR B 143 7.18 5.99 -30.64
CA THR B 143 7.47 7.14 -29.78
C THR B 143 7.91 8.35 -30.63
N TYR B 144 8.76 8.11 -31.63
CA TYR B 144 9.14 9.17 -32.56
C TYR B 144 7.92 9.70 -33.30
N VAL B 145 7.09 8.79 -33.80
CA VAL B 145 5.88 9.17 -34.51
C VAL B 145 4.95 10.02 -33.63
N ALA B 146 4.80 9.63 -32.37
CA ALA B 146 3.96 10.39 -31.44
C ALA B 146 4.51 11.79 -31.23
N TRP B 147 5.83 11.87 -31.11
CA TRP B 147 6.49 13.14 -30.90
C TRP B 147 6.29 14.07 -32.10
N LYS B 148 6.55 13.55 -33.31
CA LYS B 148 6.40 14.34 -34.54
C LYS B 148 4.97 14.86 -34.67
N ILE B 149 4.00 13.98 -34.52
CA ILE B 149 2.61 14.36 -34.71
C ILE B 149 2.16 15.32 -33.62
N SER B 150 2.41 14.97 -32.35
CA SER B 150 1.96 15.81 -31.24
C SER B 150 2.48 17.24 -31.27
N GLY B 151 3.73 17.42 -31.68
CA GLY B 151 4.42 18.71 -31.52
C GLY B 151 4.86 18.98 -30.07
N PHE B 152 4.82 17.96 -29.22
CA PHE B 152 5.20 18.12 -27.81
C PHE B 152 6.71 18.30 -27.70
N PRO B 153 7.16 18.98 -26.63
CA PRO B 153 8.59 18.94 -26.41
C PRO B 153 8.94 17.51 -26.00
N LYS B 154 10.18 17.17 -26.17
CA LYS B 154 10.61 15.80 -26.00
C LYS B 154 10.54 15.26 -24.56
N ASN B 155 10.55 16.12 -23.55
CA ASN B 155 10.41 15.63 -22.19
C ASN B 155 9.03 15.00 -21.93
N ARG B 156 8.01 15.37 -22.70
CA ARG B 156 6.67 14.84 -22.49
C ARG B 156 6.26 13.74 -23.46
N VAL B 157 7.21 13.20 -24.21
CA VAL B 157 6.94 12.05 -25.06
C VAL B 157 7.92 10.94 -24.67
N ILE B 158 7.37 9.90 -24.04
CA ILE B 158 8.15 8.87 -23.41
C ILE B 158 7.76 7.51 -23.97
N GLY B 159 8.73 6.71 -24.41
CA GLY B 159 8.44 5.34 -24.83
C GLY B 159 8.73 4.38 -23.70
N SER B 160 7.90 3.35 -23.54
CA SER B 160 8.13 2.34 -22.51
C SER B 160 9.51 1.68 -22.69
N GLY B 161 9.97 1.62 -23.93
CA GLY B 161 11.34 1.25 -24.23
C GLY B 161 11.83 -0.04 -23.60
N CYS B 162 13.02 0.03 -23.02
CA CYS B 162 13.65 -1.10 -22.38
C CYS B 162 13.37 -1.25 -20.88
N ASN B 163 12.30 -0.62 -20.39
CA ASN B 163 11.98 -0.72 -18.96
C ASN B 163 11.65 -2.15 -18.59
N LEU B 164 10.87 -2.82 -19.44
CA LEU B 164 10.52 -4.23 -19.19
C LEU B 164 11.70 -5.20 -19.48
N ASP B 165 12.46 -4.90 -20.52
CA ASP B 165 13.64 -5.70 -20.85
C ASP B 165 14.58 -5.70 -19.67
N SER B 166 14.75 -4.54 -19.02
CA SER B 166 15.65 -4.44 -17.88
C SER B 166 15.05 -5.17 -16.68
N ALA B 167 13.75 -5.03 -16.47
CA ALA B 167 13.05 -5.83 -15.43
C ALA B 167 13.19 -7.36 -15.62
N ARG B 168 13.11 -7.82 -16.85
CA ARG B 168 13.32 -9.25 -17.12
C ARG B 168 14.75 -9.69 -16.86
N PHE B 169 15.70 -8.86 -17.27
CA PHE B 169 17.11 -9.13 -17.05
C PHE B 169 17.41 -9.28 -15.56
N ARG B 170 16.86 -8.39 -14.76
CA ARG B 170 17.06 -8.38 -13.33
C ARG B 170 16.35 -9.56 -12.68
N TYR B 171 15.17 -9.93 -13.18
CA TYR B 171 14.57 -11.20 -12.76
C TYR B 171 15.52 -12.41 -13.00
N LEU B 172 16.09 -12.49 -14.19
CA LEU B 172 16.90 -13.66 -14.58
C LEU B 172 18.23 -13.68 -13.83
N MET B 173 18.79 -12.50 -13.61
CA MET B 173 20.00 -12.33 -12.83
C MET B 173 19.73 -12.79 -11.39
N GLY B 174 18.61 -12.35 -10.86
CA GLY B 174 18.21 -12.71 -9.51
C GLY B 174 17.99 -14.20 -9.33
N GLU B 175 17.44 -14.86 -10.36
CA GLU B 175 17.31 -16.33 -10.31
C GLU B 175 18.67 -17.03 -10.27
N ARG B 176 19.60 -16.57 -11.09
CA ARG B 176 20.96 -17.12 -11.06
C ARG B 176 21.71 -16.88 -9.74
N LEU B 177 21.54 -15.72 -9.14
CA LEU B 177 22.28 -15.40 -7.91
C LEU B 177 21.54 -15.69 -6.62
N GLY B 178 20.26 -16.05 -6.70
CA GLY B 178 19.49 -16.29 -5.48
C GLY B 178 19.26 -15.01 -4.68
N VAL B 179 19.04 -13.90 -5.39
CA VAL B 179 18.84 -12.56 -4.79
C VAL B 179 17.60 -11.92 -5.44
N HIS B 180 16.83 -11.17 -4.67
CA HIS B 180 15.63 -10.51 -5.19
C HIS B 180 16.06 -9.54 -6.30
N PRO B 181 15.28 -9.44 -7.38
CA PRO B 181 15.60 -8.53 -8.49
C PRO B 181 15.82 -7.09 -8.04
N LEU B 182 15.12 -6.68 -6.98
CA LEU B 182 15.35 -5.35 -6.41
C LEU B 182 16.82 -5.07 -6.07
N SER B 183 17.55 -6.08 -5.63
CA SER B 183 18.97 -5.93 -5.27
C SER B 183 19.93 -6.40 -6.38
N CYS B 184 19.39 -6.78 -7.54
CA CYS B 184 20.18 -7.15 -8.72
C CYS B 184 20.11 -6.04 -9.76
N HIS B 185 21.22 -5.35 -9.99
CA HIS B 185 21.25 -4.13 -10.82
C HIS B 185 21.91 -4.41 -12.16
N GLY B 186 21.25 -3.93 -13.21
CA GLY B 186 21.73 -4.14 -14.56
C GLY B 186 20.79 -3.49 -15.53
N TRP B 187 21.36 -2.97 -16.63
CA TRP B 187 20.61 -2.15 -17.56
C TRP B 187 20.68 -2.72 -18.98
N VAL B 188 19.53 -2.80 -19.62
CA VAL B 188 19.40 -3.14 -21.02
C VAL B 188 18.94 -1.86 -21.70
N LEU B 189 19.72 -1.40 -22.66
CA LEU B 189 19.49 -0.10 -23.30
C LEU B 189 19.32 -0.24 -24.79
N GLY B 190 19.01 0.88 -25.43
CA GLY B 190 18.98 0.93 -26.88
C GLY B 190 17.62 0.60 -27.38
N GLU B 191 17.58 -0.14 -28.48
CA GLU B 191 16.37 -0.49 -29.17
C GLU B 191 15.65 -1.60 -28.40
N HIS B 192 14.38 -1.37 -28.06
CA HIS B 192 13.55 -2.43 -27.45
C HIS B 192 13.47 -3.60 -28.42
N GLY B 193 13.78 -4.80 -27.94
CA GLY B 193 13.66 -6.02 -28.73
C GLY B 193 14.98 -6.67 -29.07
N ASP B 194 15.10 -7.11 -30.32
CA ASP B 194 16.18 -7.98 -30.74
C ASP B 194 17.57 -7.36 -30.61
N SER B 195 17.65 -6.05 -30.81
CA SER B 195 18.95 -5.36 -30.87
C SER B 195 19.31 -4.59 -29.60
N SER B 196 18.61 -4.86 -28.51
CA SER B 196 18.90 -4.24 -27.22
C SER B 196 20.32 -4.56 -26.77
N VAL B 197 20.88 -3.69 -25.95
CA VAL B 197 22.25 -3.81 -25.51
C VAL B 197 22.33 -4.01 -23.99
N PRO B 198 22.82 -5.16 -23.53
CA PRO B 198 23.04 -5.31 -22.10
C PRO B 198 24.37 -4.69 -21.67
N VAL B 199 24.33 -3.75 -20.74
CA VAL B 199 25.53 -3.01 -20.37
C VAL B 199 26.23 -3.77 -19.24
N TRP B 200 27.15 -4.64 -19.64
CA TRP B 200 27.84 -5.53 -18.71
C TRP B 200 28.57 -4.79 -17.58
N SER B 201 29.20 -3.67 -17.91
CA SER B 201 29.98 -2.88 -16.96
C SER B 201 29.17 -2.37 -15.77
N GLY B 202 27.86 -2.25 -15.93
CA GLY B 202 26.99 -1.78 -14.85
C GLY B 202 26.31 -2.83 -14.00
N MET B 203 26.48 -4.10 -14.35
CA MET B 203 25.84 -5.18 -13.61
C MET B 203 26.53 -5.39 -12.26
N ASN B 204 25.75 -5.30 -11.19
CA ASN B 204 26.29 -5.35 -9.84
C ASN B 204 25.27 -5.80 -8.81
N VAL B 205 25.78 -6.33 -7.69
CA VAL B 205 25.00 -6.52 -6.48
C VAL B 205 25.77 -5.78 -5.39
N ALA B 206 25.07 -4.96 -4.62
CA ALA B 206 25.66 -4.14 -3.57
C ALA B 206 26.88 -3.33 -4.04
N GLY B 207 26.82 -2.86 -5.29
CA GLY B 207 27.90 -2.10 -5.87
C GLY B 207 29.14 -2.88 -6.20
N VAL B 208 29.07 -4.21 -6.15
CA VAL B 208 30.19 -5.04 -6.55
C VAL B 208 30.02 -5.38 -8.02
N SER B 209 30.97 -4.93 -8.86
CA SER B 209 30.93 -5.14 -10.31
C SER B 209 31.17 -6.59 -10.66
N LEU B 210 30.16 -7.18 -11.27
CA LEU B 210 30.27 -8.55 -11.77
C LEU B 210 31.35 -8.71 -12.84
N LYS B 211 31.45 -7.72 -13.73
CA LYS B 211 32.44 -7.71 -14.82
C LYS B 211 33.88 -7.71 -14.28
N THR B 212 34.13 -6.94 -13.23
CA THR B 212 35.47 -6.90 -12.63
C THR B 212 35.80 -8.26 -11.98
N LEU B 213 34.80 -8.88 -11.37
CA LEU B 213 34.93 -10.19 -10.72
CA LEU B 213 34.94 -10.18 -10.72
C LEU B 213 35.05 -11.31 -11.74
N HIS B 214 34.39 -11.14 -12.89
CA HIS B 214 34.29 -12.20 -13.90
C HIS B 214 34.53 -11.55 -15.27
N PRO B 215 35.81 -11.41 -15.65
CA PRO B 215 36.14 -10.64 -16.85
C PRO B 215 35.55 -11.19 -18.16
N ASP B 216 35.20 -12.47 -18.22
CA ASP B 216 34.57 -13.06 -19.41
C ASP B 216 33.09 -12.70 -19.50
N LEU B 217 32.54 -12.13 -18.44
CA LEU B 217 31.13 -11.71 -18.42
C LEU B 217 30.72 -11.00 -19.70
N GLY B 218 29.71 -11.56 -20.38
CA GLY B 218 29.21 -10.97 -21.61
C GLY B 218 29.90 -11.40 -22.91
N THR B 219 30.93 -12.22 -22.82
CA THR B 219 31.67 -12.65 -24.01
C THR B 219 31.32 -14.10 -24.34
N ASP B 220 31.71 -14.54 -25.52
CA ASP B 220 31.51 -15.94 -25.93
C ASP B 220 32.44 -16.91 -25.19
N LYS B 221 33.48 -16.39 -24.54
CA LYS B 221 34.40 -17.21 -23.73
C LYS B 221 33.82 -17.58 -22.36
N ASP B 222 32.74 -16.93 -21.97
CA ASP B 222 32.18 -17.12 -20.63
C ASP B 222 31.66 -18.55 -20.47
N LYS B 223 32.27 -19.30 -19.56
CA LYS B 223 31.86 -20.67 -19.24
C LYS B 223 30.47 -20.71 -18.62
N GLU B 224 30.04 -19.61 -17.99
CA GLU B 224 28.71 -19.55 -17.41
C GLU B 224 27.70 -18.95 -18.36
N GLN B 225 28.16 -18.45 -19.50
CA GLN B 225 27.28 -17.99 -20.57
C GLN B 225 26.27 -16.94 -20.10
N TRP B 226 26.75 -15.90 -19.43
CA TRP B 226 25.88 -14.82 -19.00
C TRP B 226 25.28 -14.09 -20.20
N LYS B 227 25.96 -14.14 -21.33
CA LYS B 227 25.40 -13.58 -22.55
C LYS B 227 24.02 -14.16 -22.89
N GLU B 228 23.80 -15.41 -22.49
CA GLU B 228 22.54 -16.08 -22.78
C GLU B 228 21.42 -15.54 -21.93
N VAL B 229 21.77 -14.90 -20.81
CA VAL B 229 20.77 -14.19 -20.01
C VAL B 229 20.16 -13.06 -20.84
N HIS B 230 20.99 -12.27 -21.52
CA HIS B 230 20.45 -11.26 -22.42
C HIS B 230 19.64 -11.87 -23.56
N LYS B 231 20.13 -12.98 -24.14
CA LYS B 231 19.35 -13.66 -25.18
C LYS B 231 17.96 -14.09 -24.66
N GLN B 232 17.90 -14.58 -23.42
CA GLN B 232 16.64 -14.98 -22.80
C GLN B 232 15.68 -13.80 -22.67
N VAL B 233 16.20 -12.62 -22.33
CA VAL B 233 15.40 -11.39 -22.31
C VAL B 233 14.81 -11.12 -23.70
N VAL B 234 15.66 -11.11 -24.72
CA VAL B 234 15.21 -10.87 -26.10
C VAL B 234 14.15 -11.88 -26.56
N GLU B 235 14.23 -13.12 -26.06
CA GLU B 235 13.38 -14.22 -26.51
C GLU B 235 12.17 -14.45 -25.59
N SER B 236 12.10 -13.70 -24.51
CA SER B 236 11.10 -13.95 -23.48
C SER B 236 9.70 -13.74 -23.99
N ALA B 237 9.48 -12.62 -24.67
CA ALA B 237 8.14 -12.29 -25.17
C ALA B 237 7.68 -13.36 -26.14
N TYR B 238 8.58 -13.74 -27.04
CA TYR B 238 8.31 -14.82 -27.99
C TYR B 238 7.90 -16.11 -27.28
N GLU B 239 8.65 -16.52 -26.26
CA GLU B 239 8.31 -17.72 -25.50
C GLU B 239 6.95 -17.60 -24.79
N VAL B 240 6.67 -16.47 -24.18
CA VAL B 240 5.40 -16.31 -23.48
C VAL B 240 4.25 -16.28 -24.48
N ILE B 241 4.44 -15.55 -25.58
CA ILE B 241 3.44 -15.47 -26.66
C ILE B 241 3.14 -16.85 -27.21
N LYS B 242 4.17 -17.67 -27.37
CA LYS B 242 4.00 -19.06 -27.80
C LYS B 242 3.13 -19.85 -26.82
N LEU B 243 3.33 -19.62 -25.52
CA LEU B 243 2.62 -20.39 -24.49
C LEU B 243 1.19 -19.93 -24.22
N LYS B 244 0.98 -18.63 -24.02
CA LYS B 244 -0.36 -18.09 -23.70
C LYS B 244 -0.95 -17.18 -24.80
N GLY B 245 -0.26 -17.00 -25.93
CA GLY B 245 -0.80 -16.20 -27.04
C GLY B 245 -0.46 -14.72 -27.07
N TYR B 246 0.00 -14.18 -25.95
CA TYR B 246 0.34 -12.76 -25.83
C TYR B 246 1.07 -12.55 -24.50
N THR B 247 1.56 -11.33 -24.26
CA THR B 247 2.07 -10.96 -22.93
C THR B 247 1.28 -9.74 -22.43
N SER B 248 1.11 -9.65 -21.11
CA SER B 248 0.25 -8.65 -20.53
C SER B 248 0.70 -8.22 -19.15
N TRP B 249 0.89 -9.17 -18.25
CA TRP B 249 1.07 -8.81 -16.84
C TRP B 249 2.36 -8.03 -16.57
N ALA B 250 3.49 -8.51 -17.11
CA ALA B 250 4.77 -7.84 -16.85
C ALA B 250 4.78 -6.43 -17.40
N ILE B 251 4.24 -6.26 -18.60
CA ILE B 251 4.22 -4.93 -19.20
C ILE B 251 3.32 -4.02 -18.38
N GLY B 252 2.19 -4.54 -17.92
CA GLY B 252 1.27 -3.75 -17.09
C GLY B 252 1.98 -3.24 -15.85
N LEU B 253 2.74 -4.13 -15.22
CA LEU B 253 3.40 -3.77 -13.96
C LEU B 253 4.52 -2.78 -14.23
N SER B 254 5.22 -2.93 -15.35
CA SER B 254 6.29 -1.99 -15.67
C SER B 254 5.77 -0.59 -16.07
N VAL B 255 4.62 -0.56 -16.76
CA VAL B 255 4.00 0.69 -17.14
C VAL B 255 3.52 1.42 -15.90
N ALA B 256 2.89 0.69 -14.97
CA ALA B 256 2.49 1.25 -13.69
C ALA B 256 3.65 1.82 -12.86
N ASP B 257 4.82 1.20 -12.94
CA ASP B 257 5.99 1.72 -12.25
C ASP B 257 6.43 3.06 -12.85
N LEU B 258 6.41 3.17 -14.18
CA LEU B 258 6.69 4.42 -14.85
C LEU B 258 5.65 5.48 -14.44
N ALA B 259 4.38 5.07 -14.42
CA ALA B 259 3.30 5.99 -14.08
C ALA B 259 3.47 6.53 -12.69
N GLU B 260 3.92 5.67 -11.79
CA GLU B 260 4.15 6.08 -10.42
C GLU B 260 5.17 7.21 -10.33
N SER B 261 6.28 7.05 -11.03
CA SER B 261 7.37 8.02 -10.95
C SER B 261 6.91 9.34 -11.53
N ILE B 262 6.12 9.28 -12.60
CA ILE B 262 5.65 10.52 -13.25
C ILE B 262 4.63 11.20 -12.34
N MET B 263 3.60 10.45 -11.95
CA MET B 263 2.47 11.05 -11.24
C MET B 263 2.92 11.59 -9.88
N LYS B 264 3.90 10.94 -9.26
CA LYS B 264 4.32 11.32 -7.90
C LYS B 264 5.59 12.18 -7.89
N ASN B 265 6.07 12.54 -9.08
CA ASN B 265 7.28 13.33 -9.23
C ASN B 265 8.51 12.76 -8.51
N LEU B 266 8.74 11.47 -8.64
CA LEU B 266 9.76 10.80 -7.82
C LEU B 266 11.18 11.11 -8.24
N ARG B 267 11.38 11.35 -9.53
CA ARG B 267 12.72 11.51 -10.12
C ARG B 267 13.55 10.25 -9.91
N ARG B 268 12.90 9.09 -10.08
CA ARG B 268 13.59 7.81 -10.21
C ARG B 268 14.10 7.69 -11.64
N VAL B 269 15.11 6.85 -11.79
CA VAL B 269 15.77 6.61 -13.07
C VAL B 269 15.24 5.31 -13.66
N HIS B 270 14.80 5.40 -14.91
CA HIS B 270 14.24 4.27 -15.61
C HIS B 270 14.79 4.24 -17.01
N PRO B 271 14.99 3.02 -17.55
CA PRO B 271 15.40 2.94 -18.94
C PRO B 271 14.18 3.01 -19.87
N VAL B 272 13.94 4.19 -20.46
CA VAL B 272 12.82 4.41 -21.34
C VAL B 272 13.32 5.07 -22.61
N SER B 273 12.48 5.14 -23.61
CA SER B 273 12.87 5.61 -24.93
C SER B 273 12.73 7.12 -25.01
N THR B 274 13.84 7.79 -25.36
CA THR B 274 13.86 9.22 -25.48
C THR B 274 14.73 9.61 -26.69
N MET B 275 14.64 10.86 -27.10
CA MET B 275 15.41 11.37 -28.23
C MET B 275 16.90 11.29 -27.88
N ILE B 276 17.68 10.51 -28.62
CA ILE B 276 19.09 10.39 -28.27
C ILE B 276 20.05 11.05 -29.26
N LYS B 277 19.51 11.82 -30.20
CA LYS B 277 20.34 12.64 -31.07
C LYS B 277 21.30 13.46 -30.23
N GLY B 278 22.57 13.51 -30.63
CA GLY B 278 23.62 14.18 -29.85
C GLY B 278 24.38 13.25 -28.91
N LEU B 279 23.94 12.00 -28.79
CA LEU B 279 24.69 11.02 -27.99
C LEU B 279 25.25 9.93 -28.90
N TYR B 280 26.46 9.47 -28.58
CA TYR B 280 27.04 8.28 -29.19
C TYR B 280 27.21 8.42 -30.70
N GLY B 281 27.50 9.64 -31.14
CA GLY B 281 27.63 9.97 -32.55
C GLY B 281 26.34 9.95 -33.37
N ILE B 282 25.18 9.82 -32.72
CA ILE B 282 23.91 9.75 -33.46
C ILE B 282 23.43 11.14 -33.85
N LYS B 283 23.14 11.32 -35.15
CA LYS B 283 22.71 12.60 -35.70
C LYS B 283 21.22 12.67 -36.04
N ASP B 284 20.54 11.53 -36.12
CA ASP B 284 19.15 11.52 -36.57
C ASP B 284 18.15 11.61 -35.42
N ASP B 285 16.92 11.99 -35.77
CA ASP B 285 15.86 12.15 -34.81
C ASP B 285 15.31 10.77 -34.47
N VAL B 286 16.05 10.04 -33.63
CA VAL B 286 15.68 8.68 -33.27
C VAL B 286 15.56 8.55 -31.75
N PHE B 287 14.63 7.72 -31.32
CA PHE B 287 14.41 7.47 -29.92
C PHE B 287 14.98 6.11 -29.56
N LEU B 288 15.77 6.06 -28.49
CA LEU B 288 16.29 4.81 -27.94
C LEU B 288 16.28 4.88 -26.42
N SER B 289 16.40 3.74 -25.76
CA SER B 289 16.34 3.73 -24.31
C SER B 289 17.69 4.02 -23.70
N VAL B 290 17.72 5.02 -22.84
CA VAL B 290 18.83 5.28 -21.92
C VAL B 290 18.21 5.54 -20.55
N PRO B 291 19.02 5.51 -19.49
CA PRO B 291 18.41 5.80 -18.17
C PRO B 291 17.99 7.26 -18.09
N CYS B 292 16.70 7.48 -17.82
CA CYS B 292 16.09 8.81 -17.74
C CYS B 292 15.53 9.06 -16.34
N ILE B 293 15.65 10.29 -15.87
CA ILE B 293 15.04 10.73 -14.62
C ILE B 293 13.59 11.09 -14.94
N LEU B 294 12.62 10.38 -14.33
CA LEU B 294 11.19 10.60 -14.61
C LEU B 294 10.50 11.29 -13.47
N GLY B 295 9.74 12.33 -13.79
CA GLY B 295 8.97 13.06 -12.80
C GLY B 295 7.78 13.77 -13.44
N GLN B 296 7.27 14.80 -12.77
CA GLN B 296 6.02 15.43 -13.21
C GLN B 296 6.12 16.20 -14.53
N ASN B 297 7.33 16.44 -15.03
CA ASN B 297 7.51 17.00 -16.38
C ASN B 297 7.96 15.95 -17.40
N GLY B 298 7.79 14.68 -17.06
CA GLY B 298 8.24 13.58 -17.90
C GLY B 298 9.72 13.35 -17.72
N ILE B 299 10.46 13.33 -18.83
CA ILE B 299 11.92 13.14 -18.79
C ILE B 299 12.61 14.51 -18.64
N SER B 300 13.02 14.83 -17.42
CA SER B 300 13.71 16.10 -17.16
C SER B 300 15.22 16.01 -17.44
N ASP B 301 15.76 14.80 -17.38
CA ASP B 301 17.23 14.59 -17.43
C ASP B 301 17.48 13.18 -17.87
N LEU B 302 18.67 12.95 -18.42
CA LEU B 302 19.10 11.61 -18.68
C LEU B 302 20.51 11.33 -18.18
N VAL B 303 20.78 10.07 -17.91
CA VAL B 303 22.06 9.66 -17.44
C VAL B 303 22.90 9.32 -18.65
N LYS B 304 24.08 9.91 -18.71
CA LYS B 304 25.04 9.61 -19.77
C LYS B 304 25.89 8.40 -19.37
N VAL B 305 25.43 7.23 -19.77
CA VAL B 305 26.11 6.00 -19.45
C VAL B 305 27.40 5.95 -20.26
N THR B 306 28.48 5.51 -19.64
CA THR B 306 29.72 5.38 -20.37
C THR B 306 29.67 4.02 -21.04
N LEU B 307 29.66 4.03 -22.37
CA LEU B 307 29.57 2.80 -23.14
C LEU B 307 30.91 2.40 -23.78
N THR B 308 31.15 1.10 -23.96
CA THR B 308 32.32 0.66 -24.71
C THR B 308 32.13 1.04 -26.18
N SER B 309 33.23 1.06 -26.93
CA SER B 309 33.14 1.35 -28.36
C SER B 309 32.18 0.37 -29.08
N GLU B 310 32.15 -0.88 -28.63
CA GLU B 310 31.21 -1.88 -29.19
C GLU B 310 29.76 -1.51 -28.89
N GLU B 311 29.53 -1.11 -27.65
CA GLU B 311 28.19 -0.75 -27.22
C GLU B 311 27.72 0.47 -27.99
N GLU B 312 28.60 1.45 -28.19
CA GLU B 312 28.24 2.65 -28.94
C GLU B 312 27.88 2.29 -30.38
N ALA B 313 28.72 1.48 -31.02
CA ALA B 313 28.46 1.06 -32.39
C ALA B 313 27.10 0.37 -32.51
N ARG B 314 26.72 -0.41 -31.50
CA ARG B 314 25.42 -1.06 -31.54
C ARG B 314 24.28 -0.04 -31.53
N LEU B 315 24.36 0.92 -30.62
CA LEU B 315 23.34 1.97 -30.55
C LEU B 315 23.26 2.75 -31.84
N LYS B 316 24.42 3.11 -32.39
CA LYS B 316 24.45 3.86 -33.64
C LYS B 316 23.83 3.05 -34.78
N LYS B 317 24.09 1.74 -34.83
CA LYS B 317 23.51 0.91 -35.90
C LYS B 317 21.97 0.91 -35.80
N SER B 318 21.45 0.76 -34.58
CA SER B 318 20.02 0.81 -34.33
C SER B 318 19.44 2.15 -34.78
N ALA B 319 20.17 3.21 -34.49
CA ALA B 319 19.74 4.55 -34.88
C ALA B 319 19.70 4.71 -36.41
N ASP B 320 20.71 4.18 -37.11
CA ASP B 320 20.72 4.22 -38.58
C ASP B 320 19.55 3.42 -39.16
N THR B 321 19.25 2.27 -38.57
CA THR B 321 18.19 1.40 -39.03
C THR B 321 16.83 2.02 -38.75
N LEU B 322 16.65 2.59 -37.57
CA LEU B 322 15.39 3.24 -37.27
C LEU B 322 15.18 4.44 -38.18
N TRP B 323 16.19 5.28 -38.36
CA TRP B 323 15.99 6.44 -39.25
C TRP B 323 15.66 6.02 -40.68
N GLY B 324 16.29 4.95 -41.15
CA GLY B 324 15.98 4.43 -42.49
C GLY B 324 14.50 4.13 -42.65
N ILE B 325 13.89 3.57 -41.61
CA ILE B 325 12.45 3.32 -41.64
C ILE B 325 11.69 4.64 -41.51
N GLN B 326 12.12 5.49 -40.58
CA GLN B 326 11.38 6.71 -40.28
C GLN B 326 11.33 7.70 -41.43
N LYS B 327 12.40 7.78 -42.21
CA LYS B 327 12.49 8.78 -43.27
C LYS B 327 11.47 8.54 -44.37
N GLU B 328 11.05 7.28 -44.52
CA GLU B 328 10.09 6.92 -45.56
C GLU B 328 8.63 7.00 -45.08
N LEU B 329 8.42 7.22 -43.79
CA LEU B 329 7.06 7.29 -43.25
C LEU B 329 6.33 8.51 -43.79
N GLN B 330 5.04 8.33 -44.08
CA GLN B 330 4.19 9.43 -44.54
C GLN B 330 3.23 9.86 -43.44
N PHE B 331 3.41 11.08 -42.97
CA PHE B 331 2.55 11.67 -41.95
C PHE B 331 1.34 12.37 -42.56
N ALA C 1 33.57 19.93 -16.47
CA ALA C 1 32.30 20.23 -15.75
C ALA C 1 32.25 19.48 -14.42
N THR C 2 31.21 19.71 -13.64
CA THR C 2 31.01 18.99 -12.38
C THR C 2 30.74 17.50 -12.66
N LEU C 3 30.85 16.68 -11.62
CA LEU C 3 30.51 15.26 -11.73
C LEU C 3 29.04 15.11 -12.12
N LYS C 4 28.19 15.94 -11.52
CA LYS C 4 26.77 15.95 -11.84
C LYS C 4 26.53 16.20 -13.34
N ASP C 5 27.26 17.14 -13.91
CA ASP C 5 27.10 17.46 -15.33
C ASP C 5 27.73 16.38 -16.23
N GLN C 6 28.82 15.76 -15.76
CA GLN C 6 29.39 14.59 -16.46
C GLN C 6 28.39 13.41 -16.47
N LEU C 7 27.68 13.23 -15.36
CA LEU C 7 26.76 12.10 -15.19
C LEU C 7 25.35 12.34 -15.77
N ILE C 8 24.85 13.56 -15.69
CA ILE C 8 23.46 13.85 -16.01
C ILE C 8 23.36 15.01 -17.01
N TYR C 9 22.72 14.75 -18.15
CA TYR C 9 22.41 15.81 -19.12
C TYR C 9 20.99 16.30 -18.82
N ASN C 10 20.86 17.60 -18.59
CA ASN C 10 19.56 18.24 -18.38
C ASN C 10 18.78 18.56 -19.66
N LEU C 11 17.50 18.18 -19.69
CA LEU C 11 16.57 18.59 -20.75
C LEU C 11 15.83 19.87 -20.42
N LEU C 12 15.53 20.09 -19.14
CA LEU C 12 14.90 21.35 -18.71
C LEU C 12 15.04 21.62 -17.21
N LYS C 13 15.45 22.83 -16.86
CA LYS C 13 15.52 23.24 -15.46
C LYS C 13 14.11 23.60 -14.99
N GLU C 14 13.29 24.00 -15.96
CA GLU C 14 11.88 24.39 -15.75
C GLU C 14 11.18 23.54 -14.68
N GLU C 15 10.97 24.13 -13.51
CA GLU C 15 10.24 23.46 -12.45
C GLU C 15 8.83 24.02 -12.40
N GLN C 16 7.98 23.39 -11.58
CA GLN C 16 6.55 23.62 -11.59
C GLN C 16 6.06 23.81 -10.15
N THR C 17 4.86 24.37 -9.99
CA THR C 17 4.20 24.43 -8.69
C THR C 17 4.06 22.99 -8.15
N PRO C 18 4.32 22.78 -6.85
CA PRO C 18 4.03 21.42 -6.35
C PRO C 18 2.52 21.17 -6.48
N GLN C 19 2.12 19.95 -6.83
CA GLN C 19 0.75 19.69 -7.25
C GLN C 19 -0.14 19.05 -6.19
N ASN C 20 0.46 18.36 -5.22
CA ASN C 20 -0.28 17.66 -4.19
C ASN C 20 0.34 17.91 -2.81
N LYS C 21 0.51 19.18 -2.49
CA LYS C 21 1.28 19.58 -1.31
C LYS C 21 0.42 19.64 -0.03
N ILE C 22 0.97 19.14 1.08
CA ILE C 22 0.35 19.27 2.42
C ILE C 22 1.24 20.03 3.38
N THR C 23 0.65 20.92 4.18
CA THR C 23 1.36 21.57 5.27
C THR C 23 0.81 21.10 6.59
N VAL C 24 1.71 20.80 7.52
CA VAL C 24 1.34 20.63 8.91
C VAL C 24 1.91 21.77 9.74
N VAL C 25 1.04 22.45 10.48
CA VAL C 25 1.45 23.56 11.35
C VAL C 25 1.46 23.04 12.77
N GLY C 26 2.62 23.12 13.40
CA GLY C 26 2.85 22.56 14.73
C GLY C 26 3.58 21.23 14.64
N VAL C 27 4.78 21.16 15.22
CA VAL C 27 5.57 19.92 15.23
C VAL C 27 5.73 19.33 16.64
N GLY C 28 4.71 19.51 17.48
CA GLY C 28 4.59 18.71 18.68
C GLY C 28 4.24 17.26 18.33
N ALA C 29 3.91 16.48 19.35
CA ALA C 29 3.59 15.07 19.20
C ALA C 29 2.47 14.86 18.18
N VAL C 30 1.45 15.70 18.24
CA VAL C 30 0.31 15.52 17.36
C VAL C 30 0.67 15.76 15.91
N GLY C 31 1.31 16.90 15.66
CA GLY C 31 1.71 17.28 14.32
C GLY C 31 2.68 16.30 13.66
N MET C 32 3.66 15.81 14.43
CA MET C 32 4.60 14.84 13.88
C MET C 32 3.94 13.49 13.63
N ALA C 33 2.96 13.12 14.44
CA ALA C 33 2.21 11.89 14.18
C ALA C 33 1.38 12.02 12.89
N CYS C 34 0.80 13.20 12.69
CA CYS C 34 0.11 13.48 11.46
C CYS C 34 1.09 13.37 10.30
N ALA C 35 2.28 13.95 10.44
CA ALA C 35 3.27 13.99 9.36
C ALA C 35 3.74 12.59 8.95
N ILE C 36 4.16 11.76 9.91
CA ILE C 36 4.62 10.42 9.56
C ILE C 36 3.51 9.56 8.94
N SER C 37 2.27 9.69 9.43
CA SER C 37 1.16 8.95 8.85
C SER C 37 0.87 9.39 7.40
N ILE C 38 0.91 10.69 7.16
CA ILE C 38 0.73 11.25 5.83
C ILE C 38 1.82 10.73 4.89
N LEU C 39 3.06 10.73 5.38
CA LEU C 39 4.20 10.26 4.60
C LEU C 39 4.07 8.78 4.27
N MET C 40 3.65 7.97 5.24
CA MET C 40 3.55 6.54 5.02
C MET C 40 2.34 6.12 4.20
N LYS C 41 1.41 7.05 3.97
CA LYS C 41 0.25 6.77 3.11
C LYS C 41 0.40 7.40 1.70
N ASP C 42 1.55 8.02 1.43
CA ASP C 42 1.87 8.54 0.11
C ASP C 42 0.80 9.50 -0.43
N LEU C 43 0.33 10.38 0.45
CA LEU C 43 -0.72 11.32 0.06
C LEU C 43 -0.25 12.60 -0.61
N ALA C 44 1.01 12.98 -0.39
CA ALA C 44 1.52 14.25 -0.84
C ALA C 44 2.81 14.10 -1.66
N ASP C 45 3.03 15.02 -2.60
CA ASP C 45 4.30 15.07 -3.33
C ASP C 45 5.28 16.06 -2.74
N GLU C 46 4.79 16.84 -1.78
CA GLU C 46 5.62 17.76 -1.01
C GLU C 46 4.95 17.97 0.35
N LEU C 47 5.75 17.95 1.41
CA LEU C 47 5.28 18.17 2.75
C LEU C 47 6.05 19.33 3.36
N ALA C 48 5.32 20.28 3.93
CA ALA C 48 5.91 21.39 4.66
C ALA C 48 5.53 21.35 6.14
N LEU C 49 6.50 21.65 7.00
CA LEU C 49 6.26 21.79 8.44
C LEU C 49 6.57 23.21 8.84
N VAL C 50 5.71 23.78 9.70
CA VAL C 50 5.96 25.11 10.27
C VAL C 50 5.72 25.08 11.77
N ASP C 51 6.60 25.74 12.52
CA ASP C 51 6.51 25.88 13.98
C ASP C 51 7.29 27.13 14.35
N VAL C 52 7.18 27.56 15.62
CA VAL C 52 7.91 28.75 16.10
C VAL C 52 9.20 28.38 16.84
N ILE C 53 9.35 27.11 17.24
CA ILE C 53 10.61 26.69 17.85
C ILE C 53 11.50 26.18 16.73
N GLU C 54 12.49 26.98 16.36
CA GLU C 54 13.28 26.74 15.14
C GLU C 54 14.20 25.51 15.16
N ASP C 55 14.80 25.19 16.31
CA ASP C 55 15.73 24.06 16.38
CA ASP C 55 15.72 24.06 16.37
C ASP C 55 14.96 22.74 16.24
N LYS C 56 13.92 22.59 17.05
CA LYS C 56 13.05 21.43 17.04
C LYS C 56 12.52 21.20 15.62
N LEU C 57 12.06 22.28 14.99
CA LEU C 57 11.54 22.22 13.62
C LEU C 57 12.52 21.66 12.61
N LYS C 58 13.74 22.17 12.63
CA LYS C 58 14.80 21.72 11.72
C LYS C 58 15.18 20.26 11.97
N GLY C 59 15.28 19.89 13.24
CA GLY C 59 15.61 18.53 13.64
C GLY C 59 14.57 17.50 13.17
N GLU C 60 13.29 17.80 13.37
CA GLU C 60 12.20 16.93 12.91
C GLU C 60 12.19 16.82 11.39
N MET C 61 12.39 17.94 10.70
CA MET C 61 12.46 17.92 9.24
C MET C 61 13.57 17.00 8.77
N MET C 62 14.76 17.20 9.33
CA MET C 62 15.93 16.39 8.98
C MET C 62 15.75 14.90 9.23
N ASP C 63 15.13 14.56 10.35
CA ASP C 63 14.91 13.17 10.73
C ASP C 63 14.00 12.49 9.70
N LEU C 64 12.97 13.19 9.26
CA LEU C 64 12.08 12.65 8.24
C LEU C 64 12.82 12.51 6.91
N GLN C 65 13.57 13.55 6.56
CA GLN C 65 14.36 13.56 5.34
C GLN C 65 15.30 12.38 5.30
N HIS C 66 15.93 12.05 6.43
CA HIS C 66 16.85 10.92 6.46
C HIS C 66 16.18 9.60 6.22
N GLY C 67 14.85 9.57 6.31
CA GLY C 67 14.06 8.38 5.96
C GLY C 67 13.61 8.33 4.51
N SER C 68 14.05 9.30 3.68
CA SER C 68 13.51 9.48 2.31
C SER C 68 13.61 8.26 1.42
N LEU C 69 14.67 7.48 1.60
CA LEU C 69 14.83 6.23 0.84
C LEU C 69 13.63 5.31 0.97
N PHE C 70 12.93 5.38 2.09
CA PHE C 70 11.81 4.46 2.39
C PHE C 70 10.44 5.12 2.19
N LEU C 71 10.44 6.35 1.67
CA LEU C 71 9.21 7.09 1.40
C LEU C 71 9.05 7.40 -0.07
N ARG C 72 7.90 7.97 -0.42
CA ARG C 72 7.61 8.38 -1.79
C ARG C 72 7.09 9.81 -1.81
N THR C 73 7.67 10.64 -0.97
CA THR C 73 7.36 12.06 -0.95
C THR C 73 8.72 12.71 -1.15
N PRO C 74 9.03 13.18 -2.38
CA PRO C 74 10.37 13.57 -2.74
C PRO C 74 10.87 14.89 -2.18
N LYS C 75 10.00 15.73 -1.63
CA LYS C 75 10.43 17.00 -1.05
C LYS C 75 9.78 17.26 0.31
N ILE C 76 10.60 17.45 1.32
CA ILE C 76 10.15 17.82 2.66
C ILE C 76 10.87 19.11 3.05
N VAL C 77 10.10 20.15 3.41
CA VAL C 77 10.65 21.45 3.75
C VAL C 77 10.08 21.93 5.09
N SER C 78 10.73 22.91 5.68
CA SER C 78 10.27 23.51 6.93
C SER C 78 10.85 24.90 7.11
N GLY C 79 10.21 25.67 7.98
CA GLY C 79 10.67 27.00 8.35
C GLY C 79 9.66 27.70 9.21
N LYS C 80 10.14 28.71 9.93
CA LYS C 80 9.28 29.57 10.73
C LYS C 80 8.46 30.47 9.79
N ASP C 81 9.04 30.77 8.63
CA ASP C 81 8.40 31.61 7.61
C ASP C 81 7.39 30.79 6.82
N TYR C 82 6.18 31.32 6.67
CA TYR C 82 5.12 30.61 5.97
C TYR C 82 5.31 30.54 4.47
N ASN C 83 6.36 31.18 3.94
CA ASN C 83 6.63 31.06 2.49
C ASN C 83 6.94 29.60 2.07
N VAL C 84 7.37 28.78 3.03
CA VAL C 84 7.64 27.35 2.77
C VAL C 84 6.37 26.54 2.52
N THR C 85 5.22 27.09 2.93
CA THR C 85 3.92 26.42 2.81
C THR C 85 3.15 26.74 1.51
N ALA C 86 3.74 27.52 0.62
CA ALA C 86 3.02 28.05 -0.56
C ALA C 86 2.44 26.94 -1.43
N ASN C 87 1.24 27.19 -1.96
CA ASN C 87 0.56 26.27 -2.88
C ASN C 87 0.21 24.91 -2.27
N SER C 88 -0.06 24.90 -0.96
CA SER C 88 -0.58 23.71 -0.30
C SER C 88 -2.05 23.51 -0.71
N LYS C 89 -2.41 22.27 -1.04
CA LYS C 89 -3.80 21.87 -1.18
C LYS C 89 -4.50 21.81 0.17
N LEU C 90 -3.77 21.35 1.17
CA LEU C 90 -4.32 21.10 2.49
C LEU C 90 -3.36 21.59 3.56
N VAL C 91 -3.89 22.28 4.55
CA VAL C 91 -3.10 22.81 5.65
C VAL C 91 -3.72 22.36 6.95
N ILE C 92 -2.94 21.61 7.72
CA ILE C 92 -3.41 20.98 8.94
C ILE C 92 -2.83 21.76 10.10
N ILE C 93 -3.71 22.31 10.92
CA ILE C 93 -3.32 23.20 11.99
C ILE C 93 -3.39 22.48 13.32
N THR C 94 -2.22 22.28 13.95
CA THR C 94 -2.18 21.58 15.24
C THR C 94 -1.63 22.47 16.36
N ALA C 95 -1.16 23.67 16.02
CA ALA C 95 -0.60 24.60 16.99
C ALA C 95 -1.71 25.26 17.79
N GLY C 96 -1.37 25.73 18.99
CA GLY C 96 -2.33 26.38 19.86
C GLY C 96 -1.81 26.58 21.28
N ALA C 97 -2.61 27.22 22.12
CA ALA C 97 -2.31 27.34 23.55
C ALA C 97 -3.11 26.28 24.30
N ARG C 98 -2.51 25.69 25.34
CA ARG C 98 -3.19 24.69 26.19
C ARG C 98 -3.62 25.30 27.54
N GLN C 99 -4.74 24.84 28.08
CA GLN C 99 -5.25 25.38 29.34
C GLN C 99 -4.43 24.91 30.53
N SER C 104 -9.05 29.44 32.85
CA SER C 104 -10.21 30.17 32.35
C SER C 104 -10.52 29.82 30.90
N ARG C 105 -11.79 29.57 30.62
CA ARG C 105 -12.25 29.01 29.34
C ARG C 105 -12.25 30.08 28.22
N LEU C 106 -12.97 31.17 28.47
CA LEU C 106 -13.00 32.30 27.54
C LEU C 106 -11.58 32.85 27.25
N ASN C 107 -10.75 32.98 28.29
CA ASN C 107 -9.39 33.48 28.12
C ASN C 107 -8.53 32.56 27.27
N LEU C 108 -8.65 31.26 27.52
CA LEU C 108 -7.95 30.25 26.74
C LEU C 108 -8.31 30.37 25.25
N VAL C 109 -9.61 30.43 24.95
CA VAL C 109 -10.05 30.50 23.57
C VAL C 109 -9.56 31.81 22.94
N GLN C 110 -9.60 32.92 23.70
CA GLN C 110 -9.08 34.21 23.23
C GLN C 110 -7.58 34.14 22.96
N ARG C 111 -6.82 33.39 23.77
CA ARG C 111 -5.37 33.22 23.52
C ARG C 111 -5.09 32.49 22.21
N ASN C 112 -5.93 31.50 21.93
CA ASN C 112 -5.86 30.75 20.66
C ASN C 112 -6.34 31.59 19.48
N VAL C 113 -7.33 32.45 19.72
CA VAL C 113 -7.71 33.46 18.72
C VAL C 113 -6.50 34.32 18.34
N ASN C 114 -5.73 34.77 19.32
CA ASN C 114 -4.62 35.69 19.06
C ASN C 114 -3.51 34.98 18.31
N ILE C 115 -3.31 33.70 18.63
CA ILE C 115 -2.39 32.84 17.89
C ILE C 115 -2.87 32.62 16.44
N PHE C 116 -4.16 32.35 16.28
CA PHE C 116 -4.72 32.09 14.95
C PHE C 116 -4.73 33.37 14.10
N LYS C 117 -4.73 34.54 14.77
CA LYS C 117 -4.64 35.81 14.05
C LYS C 117 -3.26 36.01 13.42
N PHE C 118 -2.26 35.28 13.89
CA PHE C 118 -0.94 35.24 13.24
C PHE C 118 -0.84 34.11 12.20
N ILE C 119 -1.28 32.91 12.59
CA ILE C 119 -1.14 31.74 11.75
C ILE C 119 -2.03 31.80 10.50
N ILE C 120 -3.31 32.05 10.69
CA ILE C 120 -4.27 31.91 9.61
C ILE C 120 -4.04 32.88 8.44
N PRO C 121 -3.84 34.18 8.72
CA PRO C 121 -3.59 35.08 7.57
C PRO C 121 -2.31 34.73 6.83
N ASN C 122 -1.28 34.30 7.56
CA ASN C 122 -0.09 33.75 6.91
C ASN C 122 -0.40 32.57 5.97
N VAL C 123 -1.13 31.58 6.48
CA VAL C 123 -1.54 30.43 5.66
C VAL C 123 -2.30 30.85 4.40
N VAL C 124 -3.26 31.75 4.56
CA VAL C 124 -4.12 32.22 3.48
C VAL C 124 -3.33 32.99 2.42
N LYS C 125 -2.42 33.84 2.89
CA LYS C 125 -1.52 34.57 2.00
C LYS C 125 -0.77 33.66 1.04
N TYR C 126 -0.29 32.51 1.52
CA TYR C 126 0.59 31.64 0.71
C TYR C 126 -0.15 30.50 0.00
N SER C 127 -1.32 30.12 0.51
CA SER C 127 -2.16 29.10 -0.13
C SER C 127 -3.62 29.58 -0.08
N PRO C 128 -3.97 30.61 -0.88
CA PRO C 128 -5.31 31.16 -0.81
C PRO C 128 -6.40 30.17 -1.22
N ASN C 129 -6.05 29.10 -1.91
CA ASN C 129 -7.06 28.13 -2.34
C ASN C 129 -7.06 26.81 -1.55
N CYS C 130 -6.35 26.76 -0.42
CA CYS C 130 -6.23 25.50 0.34
C CYS C 130 -7.50 25.16 1.10
N LYS C 131 -7.60 23.90 1.52
CA LYS C 131 -8.54 23.50 2.55
C LYS C 131 -7.80 23.58 3.90
N LEU C 132 -8.51 24.05 4.91
CA LEU C 132 -7.99 24.14 6.28
C LEU C 132 -8.56 23.01 7.11
N LEU C 133 -7.70 22.26 7.77
CA LEU C 133 -8.16 21.20 8.68
C LEU C 133 -7.65 21.54 10.05
N ILE C 134 -8.59 21.91 10.93
CA ILE C 134 -8.23 22.35 12.26
C ILE C 134 -8.29 21.14 13.20
N VAL C 135 -7.16 20.87 13.84
CA VAL C 135 -7.03 19.79 14.84
C VAL C 135 -6.95 20.37 16.26
N SER C 136 -6.30 21.52 16.40
CA SER C 136 -6.16 22.24 17.66
C SER C 136 -7.46 22.33 18.47
N ASN C 137 -7.36 22.10 19.77
CA ASN C 137 -8.52 22.14 20.69
C ASN C 137 -8.69 23.49 21.41
N PRO C 138 -9.95 23.86 21.74
CA PRO C 138 -11.20 23.14 21.45
C PRO C 138 -11.60 23.29 20.00
N VAL C 139 -11.59 22.16 19.30
CA VAL C 139 -11.60 22.11 17.84
C VAL C 139 -12.85 22.77 17.24
N ASP C 140 -14.00 22.59 17.88
CA ASP C 140 -15.23 23.16 17.32
C ASP C 140 -15.21 24.68 17.34
N ILE C 141 -14.69 25.27 18.42
CA ILE C 141 -14.57 26.71 18.52
C ILE C 141 -13.45 27.21 17.61
N LEU C 142 -12.34 26.47 17.57
CA LEU C 142 -11.19 26.90 16.79
C LEU C 142 -11.39 26.74 15.27
N THR C 143 -12.25 25.81 14.86
CA THR C 143 -12.64 25.71 13.46
C THR C 143 -13.43 26.95 13.05
N TYR C 144 -14.28 27.42 13.96
CA TYR C 144 -15.00 28.67 13.75
C TYR C 144 -14.06 29.86 13.65
N VAL C 145 -13.11 29.93 14.58
CA VAL C 145 -12.10 30.99 14.57
C VAL C 145 -11.34 31.02 13.27
N ALA C 146 -10.89 29.85 12.81
CA ALA C 146 -10.18 29.75 11.54
C ALA C 146 -11.05 30.23 10.37
N TRP C 147 -12.31 29.83 10.38
CA TRP C 147 -13.29 30.24 9.36
C TRP C 147 -13.49 31.75 9.36
N LYS C 148 -13.73 32.31 10.54
CA LYS C 148 -13.86 33.76 10.69
C LYS C 148 -12.63 34.50 10.13
N ILE C 149 -11.44 34.15 10.62
CA ILE C 149 -10.19 34.87 10.26
C ILE C 149 -9.81 34.71 8.79
N SER C 150 -10.03 33.51 8.23
CA SER C 150 -9.64 33.22 6.85
C SER C 150 -10.52 33.89 5.81
N GLY C 151 -11.80 34.01 6.10
CA GLY C 151 -12.79 34.45 5.10
C GLY C 151 -13.17 33.32 4.16
N PHE C 152 -12.68 32.10 4.43
CA PHE C 152 -12.95 30.96 3.53
C PHE C 152 -14.41 30.53 3.55
N PRO C 153 -14.93 30.09 2.40
CA PRO C 153 -16.26 29.47 2.42
C PRO C 153 -16.30 28.23 3.34
N LYS C 154 -17.45 27.95 3.92
CA LYS C 154 -17.56 26.93 4.96
CA LYS C 154 -17.64 26.91 4.93
C LYS C 154 -17.07 25.56 4.48
N ASN C 155 -17.18 25.28 3.18
CA ASN C 155 -16.75 23.99 2.66
C ASN C 155 -15.26 23.75 2.84
N ARG C 156 -14.48 24.83 2.91
CA ARG C 156 -13.03 24.70 2.99
C ARG C 156 -12.44 24.82 4.39
N VAL C 157 -13.29 24.92 5.42
CA VAL C 157 -12.81 24.92 6.80
C VAL C 157 -13.41 23.73 7.55
N ILE C 158 -12.53 22.80 7.90
CA ILE C 158 -12.95 21.54 8.48
C ILE C 158 -12.26 21.32 9.83
N GLY C 159 -13.03 20.85 10.81
CA GLY C 159 -12.48 20.50 12.11
C GLY C 159 -12.41 19.00 12.25
N SER C 160 -11.33 18.48 12.81
CA SER C 160 -11.19 17.04 13.00
C SER C 160 -12.32 16.52 13.87
N GLY C 161 -12.81 17.37 14.77
CA GLY C 161 -14.07 17.11 15.47
C GLY C 161 -14.15 15.74 16.13
N CYS C 162 -15.17 14.97 15.77
CA CYS C 162 -15.41 13.68 16.42
C CYS C 162 -14.90 12.48 15.62
N ASN C 163 -14.01 12.73 14.66
CA ASN C 163 -13.47 11.66 13.81
C ASN C 163 -12.76 10.61 14.66
N LEU C 164 -11.89 11.06 15.56
CA LEU C 164 -11.18 10.11 16.43
C LEU C 164 -12.10 9.49 17.47
N ASP C 165 -13.03 10.30 18.01
CA ASP C 165 -13.99 9.81 18.99
C ASP C 165 -14.73 8.60 18.40
N SER C 166 -15.16 8.78 17.14
CA SER C 166 -15.90 7.73 16.45
C SER C 166 -15.04 6.50 16.20
N ALA C 167 -13.77 6.69 15.85
CA ALA C 167 -12.84 5.59 15.69
C ALA C 167 -12.64 4.84 17.00
N ARG C 168 -12.51 5.55 18.11
CA ARG C 168 -12.36 4.89 19.43
C ARG C 168 -13.63 4.09 19.75
N PHE C 169 -14.78 4.67 19.44
CA PHE C 169 -16.06 4.02 19.71
C PHE C 169 -16.14 2.68 18.99
N ARG C 170 -15.71 2.68 17.73
CA ARG C 170 -15.77 1.47 16.89
C ARG C 170 -14.73 0.47 17.32
N TYR C 171 -13.55 0.95 17.73
CA TYR C 171 -12.58 0.08 18.38
C TYR C 171 -13.24 -0.63 19.58
N LEU C 172 -13.85 0.14 20.48
CA LEU C 172 -14.45 -0.42 21.72
C LEU C 172 -15.64 -1.35 21.43
N MET C 173 -16.42 -0.99 20.43
CA MET C 173 -17.52 -1.83 19.98
C MET C 173 -16.97 -3.15 19.46
N GLY C 174 -15.89 -3.08 18.69
CA GLY C 174 -15.22 -4.28 18.16
C GLY C 174 -14.73 -5.25 19.22
N GLU C 175 -14.16 -4.72 20.29
CA GLU C 175 -13.71 -5.56 21.40
C GLU C 175 -14.88 -6.26 22.11
N ARG C 176 -16.00 -5.58 22.27
CA ARG C 176 -17.16 -6.19 22.89
C ARG C 176 -17.75 -7.30 22.02
N LEU C 177 -17.78 -7.09 20.70
CA LEU C 177 -18.45 -8.03 19.77
C LEU C 177 -17.53 -9.08 19.15
N GLY C 178 -16.21 -8.90 19.28
CA GLY C 178 -15.25 -9.75 18.59
C GLY C 178 -15.21 -9.59 17.07
N VAL C 179 -15.39 -8.36 16.59
CA VAL C 179 -15.37 -8.06 15.15
C VAL C 179 -14.37 -6.92 14.94
N HIS C 180 -13.67 -6.93 13.80
CA HIS C 180 -12.80 -5.79 13.44
C HIS C 180 -13.62 -4.49 13.41
N PRO C 181 -13.03 -3.38 13.89
CA PRO C 181 -13.69 -2.06 13.88
C PRO C 181 -14.19 -1.64 12.50
N LEU C 182 -13.54 -2.12 11.45
CA LEU C 182 -14.00 -1.82 10.11
C LEU C 182 -15.41 -2.29 9.86
N SER C 183 -15.82 -3.35 10.55
CA SER C 183 -17.16 -3.94 10.36
C SER C 183 -18.11 -3.60 11.51
N CYS C 184 -17.65 -2.76 12.43
CA CYS C 184 -18.48 -2.23 13.51
C CYS C 184 -18.77 -0.75 13.24
N HIS C 185 -20.04 -0.44 12.99
CA HIS C 185 -20.43 0.92 12.57
C HIS C 185 -21.17 1.67 13.68
N GLY C 186 -20.77 2.91 13.90
CA GLY C 186 -21.27 3.70 15.03
C GLY C 186 -20.73 5.10 14.97
N TRP C 187 -21.55 6.07 15.33
CA TRP C 187 -21.23 7.49 15.13
C TRP C 187 -21.34 8.24 16.46
N VAL C 188 -20.30 9.00 16.76
CA VAL C 188 -20.28 9.94 17.87
C VAL C 188 -20.25 11.34 17.21
N LEU C 189 -21.26 12.15 17.49
CA LEU C 189 -21.44 13.44 16.84
C LEU C 189 -21.48 14.58 17.85
N GLY C 190 -21.62 15.79 17.33
CA GLY C 190 -21.79 16.98 18.14
C GLY C 190 -20.47 17.58 18.55
N GLU C 191 -20.42 18.05 19.80
CA GLU C 191 -19.27 18.78 20.31
C GLU C 191 -18.22 17.80 20.79
N HIS C 192 -16.99 17.90 20.28
CA HIS C 192 -15.89 17.03 20.69
C HIS C 192 -15.54 17.30 22.16
N GLY C 193 -15.56 16.26 22.97
CA GLY C 193 -15.38 16.39 24.41
C GLY C 193 -16.51 15.69 25.14
N ASP C 194 -16.74 16.12 26.37
CA ASP C 194 -17.64 15.43 27.29
C ASP C 194 -19.10 15.44 26.83
N SER C 195 -19.48 16.41 26.00
CA SER C 195 -20.86 16.54 25.58
C SER C 195 -21.18 15.92 24.21
N SER C 196 -20.27 15.13 23.63
CA SER C 196 -20.54 14.46 22.35
C SER C 196 -21.66 13.44 22.49
N VAL C 197 -22.29 13.11 21.36
CA VAL C 197 -23.50 12.32 21.35
C VAL C 197 -23.28 10.99 20.64
N PRO C 198 -23.43 9.86 21.36
CA PRO C 198 -23.36 8.56 20.70
C PRO C 198 -24.73 8.22 20.13
N VAL C 199 -24.80 8.06 18.81
CA VAL C 199 -26.09 7.88 18.14
C VAL C 199 -26.43 6.39 18.13
N TRP C 200 -27.13 5.96 19.18
CA TRP C 200 -27.41 4.53 19.38
C TRP C 200 -28.16 3.92 18.19
N SER C 201 -29.06 4.69 17.59
CA SER C 201 -29.91 4.20 16.51
C SER C 201 -29.13 3.79 15.26
N GLY C 202 -27.92 4.29 15.07
CA GLY C 202 -27.10 3.94 13.90
C GLY C 202 -26.04 2.85 14.11
N MET C 203 -25.90 2.35 15.34
CA MET C 203 -24.91 1.30 15.62
C MET C 203 -25.37 -0.02 15.03
N ASN C 204 -24.50 -0.63 14.22
CA ASN C 204 -24.84 -1.83 13.50
C ASN C 204 -23.63 -2.64 13.08
N VAL C 205 -23.87 -3.94 12.91
CA VAL C 205 -22.96 -4.84 12.21
C VAL C 205 -23.78 -5.42 11.06
N ALA C 206 -23.23 -5.34 9.85
CA ALA C 206 -23.87 -5.86 8.64
C ALA C 206 -25.31 -5.35 8.41
N GLY C 207 -25.55 -4.10 8.76
CA GLY C 207 -26.86 -3.49 8.61
C GLY C 207 -27.89 -3.94 9.62
N VAL C 208 -27.46 -4.70 10.64
CA VAL C 208 -28.38 -5.18 11.67
C VAL C 208 -28.28 -4.22 12.87
N SER C 209 -29.34 -3.47 13.09
CA SER C 209 -29.35 -2.41 14.12
C SER C 209 -29.34 -3.01 15.51
N LEU C 210 -28.35 -2.62 16.30
CA LEU C 210 -28.21 -3.14 17.66
C LEU C 210 -29.35 -2.67 18.55
N LYS C 211 -29.82 -1.45 18.32
CA LYS C 211 -30.90 -0.84 19.11
C LYS C 211 -32.24 -1.55 18.91
N THR C 212 -32.50 -2.00 17.69
CA THR C 212 -33.70 -2.79 17.40
C THR C 212 -33.63 -4.16 18.09
N LEU C 213 -32.45 -4.80 18.08
CA LEU C 213 -32.27 -6.07 18.79
C LEU C 213 -32.31 -5.88 20.30
N HIS C 214 -31.77 -4.76 20.77
CA HIS C 214 -31.64 -4.46 22.19
C HIS C 214 -32.20 -3.06 22.48
N PRO C 215 -33.54 -2.94 22.60
CA PRO C 215 -34.21 -1.64 22.73
C PRO C 215 -33.68 -0.73 23.84
N ASP C 216 -33.15 -1.34 24.90
CA ASP C 216 -32.64 -0.60 26.04
C ASP C 216 -31.19 -0.11 25.84
N LEU C 217 -30.59 -0.44 24.69
CA LEU C 217 -29.23 0.00 24.33
C LEU C 217 -29.01 1.48 24.64
N GLY C 218 -27.94 1.78 25.36
CA GLY C 218 -27.56 3.16 25.66
C GLY C 218 -28.37 3.89 26.73
N THR C 219 -29.30 3.19 27.39
CA THR C 219 -30.14 3.79 28.45
C THR C 219 -29.74 3.32 29.87
N ASP C 220 -30.43 3.88 30.88
CA ASP C 220 -30.21 3.52 32.31
C ASP C 220 -30.69 2.12 32.64
N LYS C 221 -31.52 1.59 31.75
CA LYS C 221 -32.12 0.27 31.90
C LYS C 221 -31.32 -0.82 31.18
N ASP C 222 -30.36 -0.43 30.37
CA ASP C 222 -29.51 -1.37 29.63
C ASP C 222 -28.78 -2.31 30.58
N LYS C 223 -29.12 -3.60 30.51
CA LYS C 223 -28.48 -4.62 31.35
C LYS C 223 -26.95 -4.72 31.11
N GLU C 224 -26.49 -4.32 29.92
CA GLU C 224 -25.08 -4.40 29.54
C GLU C 224 -24.37 -3.05 29.60
N GLN C 225 -25.12 -2.00 29.90
CA GLN C 225 -24.60 -0.65 30.07
C GLN C 225 -23.66 -0.20 28.96
N TRP C 226 -24.19 -0.12 27.75
CA TRP C 226 -23.39 0.32 26.60
C TRP C 226 -23.05 1.80 26.69
N LYS C 227 -23.76 2.55 27.52
CA LYS C 227 -23.38 3.94 27.82
C LYS C 227 -21.91 4.03 28.25
N GLU C 228 -21.42 2.99 28.95
CA GLU C 228 -20.03 2.98 29.41
C GLU C 228 -19.05 3.08 28.26
N VAL C 229 -19.42 2.53 27.11
CA VAL C 229 -18.60 2.63 25.90
C VAL C 229 -18.39 4.12 25.54
N HIS C 230 -19.46 4.91 25.55
CA HIS C 230 -19.30 6.34 25.27
C HIS C 230 -18.50 7.05 26.39
N LYS C 231 -18.73 6.65 27.64
CA LYS C 231 -17.96 7.20 28.75
C LYS C 231 -16.48 6.95 28.49
N GLN C 232 -16.14 5.73 28.08
CA GLN C 232 -14.76 5.38 27.75
C GLN C 232 -14.22 6.22 26.61
N VAL C 233 -15.05 6.50 25.61
CA VAL C 233 -14.62 7.37 24.52
C VAL C 233 -14.26 8.78 25.03
N VAL C 234 -15.14 9.39 25.82
CA VAL C 234 -14.86 10.76 26.34
C VAL C 234 -13.74 10.80 27.40
N GLU C 235 -13.38 9.64 27.96
CA GLU C 235 -12.35 9.54 29.01
C GLU C 235 -11.00 9.14 28.42
N SER C 236 -11.03 8.66 27.18
CA SER C 236 -9.88 8.01 26.58
C SER C 236 -8.63 8.90 26.59
N ALA C 237 -8.77 10.13 26.11
CA ALA C 237 -7.68 11.10 26.12
C ALA C 237 -7.10 11.25 27.53
N TYR C 238 -7.96 11.48 28.51
CA TYR C 238 -7.52 11.59 29.91
C TYR C 238 -6.68 10.40 30.35
N GLU C 239 -7.20 9.20 30.09
CA GLU C 239 -6.54 7.95 30.53
C GLU C 239 -5.18 7.77 29.86
N VAL C 240 -5.13 8.04 28.56
CA VAL C 240 -3.86 7.92 27.83
C VAL C 240 -2.89 9.01 28.30
N ILE C 241 -3.38 10.22 28.53
CA ILE C 241 -2.53 11.32 29.03
C ILE C 241 -1.95 11.00 30.39
N LYS C 242 -2.77 10.47 31.30
CA LYS C 242 -2.32 10.00 32.62
C LYS C 242 -1.19 8.96 32.52
N LEU C 243 -1.25 8.09 31.51
CA LEU C 243 -0.29 6.99 31.35
C LEU C 243 0.99 7.37 30.61
N LYS C 244 0.88 7.96 29.42
CA LYS C 244 2.06 8.32 28.60
C LYS C 244 2.32 9.83 28.47
N GLY C 245 1.41 10.65 28.99
CA GLY C 245 1.65 12.09 29.10
C GLY C 245 0.98 12.94 28.02
N TYR C 246 0.54 12.28 26.95
CA TYR C 246 -0.11 12.92 25.80
C TYR C 246 -0.66 11.82 24.90
N THR C 247 -1.46 12.19 23.90
CA THR C 247 -1.95 11.26 22.88
C THR C 247 -1.36 11.74 21.57
N SER C 248 -1.06 10.83 20.66
CA SER C 248 -0.43 11.24 19.40
C SER C 248 -0.74 10.28 18.24
N TRP C 249 -0.52 8.99 18.44
CA TRP C 249 -0.58 8.07 17.32
C TRP C 249 -1.99 7.99 16.73
N ALA C 250 -3.00 7.88 17.59
CA ALA C 250 -4.36 7.71 17.09
C ALA C 250 -4.86 8.94 16.33
N ILE C 251 -4.55 10.13 16.85
CA ILE C 251 -4.97 11.34 16.16
C ILE C 251 -4.25 11.46 14.81
N GLY C 252 -2.97 11.09 14.76
CA GLY C 252 -2.22 11.17 13.51
C GLY C 252 -2.77 10.25 12.44
N LEU C 253 -3.16 9.05 12.83
CA LEU C 253 -3.81 8.12 11.91
C LEU C 253 -5.18 8.64 11.44
N SER C 254 -5.99 9.15 12.36
CA SER C 254 -7.31 9.65 11.99
C SER C 254 -7.22 10.88 11.08
N VAL C 255 -6.28 11.76 11.38
CA VAL C 255 -6.06 12.91 10.51
C VAL C 255 -5.59 12.50 9.11
N ALA C 256 -4.67 11.53 9.03
CA ALA C 256 -4.22 11.00 7.73
C ALA C 256 -5.37 10.39 6.92
N ASP C 257 -6.35 9.77 7.60
CA ASP C 257 -7.54 9.22 6.93
C ASP C 257 -8.38 10.34 6.30
N LEU C 258 -8.53 11.45 7.03
CA LEU C 258 -9.22 12.64 6.51
C LEU C 258 -8.49 13.24 5.32
N ALA C 259 -7.17 13.38 5.45
CA ALA C 259 -6.34 13.88 4.37
C ALA C 259 -6.47 12.98 3.14
N GLU C 260 -6.54 11.67 3.35
CA GLU C 260 -6.70 10.76 2.21
C GLU C 260 -7.99 11.06 1.40
N SER C 261 -9.10 11.23 2.12
CA SER C 261 -10.37 11.52 1.48
C SER C 261 -10.33 12.84 0.71
N ILE C 262 -9.68 13.85 1.27
CA ILE C 262 -9.59 15.18 0.63
C ILE C 262 -8.67 15.13 -0.59
N MET C 263 -7.45 14.63 -0.38
CA MET C 263 -6.41 14.66 -1.41
C MET C 263 -6.74 13.75 -2.58
N LYS C 264 -7.44 12.66 -2.32
CA LYS C 264 -7.82 11.70 -3.38
C LYS C 264 -9.26 11.85 -3.87
N ASN C 265 -9.95 12.89 -3.39
CA ASN C 265 -11.34 13.19 -3.75
C ASN C 265 -12.27 11.98 -3.64
N LEU C 266 -12.18 11.27 -2.51
CA LEU C 266 -12.88 10.01 -2.38
C LEU C 266 -14.37 10.18 -2.11
N ARG C 267 -14.77 11.28 -1.49
CA ARG C 267 -16.18 11.51 -1.05
C ARG C 267 -16.64 10.39 -0.13
N ARG C 268 -15.77 9.99 0.80
CA ARG C 268 -16.18 9.16 1.91
C ARG C 268 -16.81 10.05 2.97
N VAL C 269 -17.56 9.43 3.88
CA VAL C 269 -18.28 10.15 4.92
C VAL C 269 -17.52 10.04 6.24
N HIS C 270 -17.23 11.17 6.88
CA HIS C 270 -16.51 11.20 8.14
C HIS C 270 -17.22 12.13 9.11
N PRO C 271 -17.13 11.82 10.42
CA PRO C 271 -17.72 12.74 11.37
C PRO C 271 -16.74 13.85 11.73
N VAL C 272 -16.91 15.01 11.10
CA VAL C 272 -16.02 16.14 11.30
C VAL C 272 -16.82 17.39 11.58
N SER C 273 -16.15 18.42 12.08
CA SER C 273 -16.82 19.63 12.51
C SER C 273 -17.06 20.55 11.35
N THR C 274 -18.32 20.86 11.13
CA THR C 274 -18.74 21.76 10.06
C THR C 274 -19.81 22.72 10.58
N MET C 275 -20.06 23.77 9.81
CA MET C 275 -21.04 24.77 10.20
C MET C 275 -22.44 24.16 10.15
N ILE C 276 -23.12 24.09 11.30
CA ILE C 276 -24.42 23.39 11.36
C ILE C 276 -25.62 24.33 11.47
N LYS C 277 -25.38 25.63 11.36
CA LYS C 277 -26.46 26.60 11.35
C LYS C 277 -27.56 26.15 10.40
N GLY C 278 -28.81 26.16 10.90
CA GLY C 278 -29.97 25.73 10.11
C GLY C 278 -30.50 24.36 10.50
N LEU C 279 -29.71 23.60 11.26
CA LEU C 279 -30.09 22.24 11.65
C LEU C 279 -30.34 22.17 13.13
N TYR C 280 -31.24 21.27 13.53
CA TYR C 280 -31.55 21.00 14.93
C TYR C 280 -31.93 22.26 15.73
N GLY C 281 -32.66 23.16 15.08
CA GLY C 281 -33.07 24.43 15.68
C GLY C 281 -31.94 25.41 15.97
N ILE C 282 -30.75 25.18 15.42
CA ILE C 282 -29.60 26.06 15.69
C ILE C 282 -29.55 27.24 14.72
N LYS C 283 -29.50 28.46 15.26
CA LYS C 283 -29.45 29.69 14.44
C LYS C 283 -28.14 30.48 14.53
N ASP C 284 -27.23 30.07 15.43
CA ASP C 284 -25.93 30.73 15.58
C ASP C 284 -24.87 30.09 14.68
N ASP C 285 -23.86 30.89 14.33
CA ASP C 285 -22.73 30.42 13.53
C ASP C 285 -21.83 29.53 14.39
N VAL C 286 -22.18 28.27 14.53
CA VAL C 286 -21.36 27.33 15.29
C VAL C 286 -21.07 26.06 14.48
N PHE C 287 -19.91 25.45 14.77
CA PHE C 287 -19.47 24.24 14.09
C PHE C 287 -19.60 23.10 15.09
N LEU C 288 -20.14 21.98 14.62
CA LEU C 288 -20.25 20.74 15.39
C LEU C 288 -20.04 19.58 14.42
N SER C 289 -19.72 18.41 14.95
CA SER C 289 -19.50 17.24 14.11
C SER C 289 -20.80 16.61 13.66
N VAL C 290 -20.92 16.43 12.35
CA VAL C 290 -21.95 15.59 11.75
C VAL C 290 -21.25 14.82 10.63
N PRO C 291 -21.89 13.76 10.09
CA PRO C 291 -21.22 13.01 9.02
C PRO C 291 -21.20 13.85 7.75
N CYS C 292 -19.99 14.10 7.24
CA CYS C 292 -19.78 14.94 6.08
C CYS C 292 -19.13 14.15 4.96
N ILE C 293 -19.52 14.47 3.73
CA ILE C 293 -18.83 13.94 2.57
C ILE C 293 -17.60 14.80 2.32
N LEU C 294 -16.43 14.17 2.32
CA LEU C 294 -15.16 14.87 2.16
C LEU C 294 -14.50 14.55 0.84
N GLY C 295 -13.99 15.58 0.17
CA GLY C 295 -13.34 15.43 -1.10
C GLY C 295 -12.50 16.66 -1.47
N GLN C 296 -12.22 16.76 -2.76
CA GLN C 296 -11.33 17.78 -3.34
C GLN C 296 -11.64 19.21 -2.92
N ASN C 297 -12.92 19.55 -2.78
CA ASN C 297 -13.27 20.90 -2.33
C ASN C 297 -13.75 20.91 -0.86
N GLY C 298 -13.25 19.96 -0.07
CA GLY C 298 -13.57 19.89 1.35
C GLY C 298 -14.91 19.24 1.63
N ILE C 299 -15.75 19.93 2.41
CA ILE C 299 -17.08 19.42 2.75
C ILE C 299 -18.07 19.93 1.73
N SER C 300 -18.47 19.06 0.80
CA SER C 300 -19.46 19.43 -0.23
C SER C 300 -20.90 19.16 0.22
N ASP C 301 -21.07 18.24 1.17
CA ASP C 301 -22.38 17.72 1.55
C ASP C 301 -22.34 17.19 2.95
N LEU C 302 -23.49 17.18 3.64
CA LEU C 302 -23.56 16.51 4.92
C LEU C 302 -24.77 15.62 5.01
N VAL C 303 -24.66 14.62 5.89
CA VAL C 303 -25.74 13.65 6.09
C VAL C 303 -26.65 14.17 7.17
N LYS C 304 -27.94 14.16 6.89
CA LYS C 304 -28.94 14.60 7.87
C LYS C 304 -29.36 13.40 8.69
N VAL C 305 -28.60 13.15 9.76
CA VAL C 305 -28.90 12.06 10.66
C VAL C 305 -30.24 12.29 11.38
N THR C 306 -31.09 11.28 11.43
CA THR C 306 -32.32 11.38 12.22
C THR C 306 -31.93 11.18 13.71
N LEU C 307 -32.18 12.21 14.50
CA LEU C 307 -31.84 12.20 15.92
C LEU C 307 -33.13 12.25 16.71
N THR C 308 -33.11 11.70 17.92
CA THR C 308 -34.26 11.80 18.82
C THR C 308 -34.30 13.21 19.41
N SER C 309 -35.40 13.53 20.07
CA SER C 309 -35.55 14.81 20.78
C SER C 309 -34.42 15.09 21.76
N GLU C 310 -34.07 14.07 22.53
CA GLU C 310 -33.00 14.17 23.50
C GLU C 310 -31.67 14.44 22.80
N GLU C 311 -31.42 13.76 21.70
CA GLU C 311 -30.16 13.93 20.98
C GLU C 311 -30.06 15.32 20.36
N GLU C 312 -31.18 15.83 19.85
CA GLU C 312 -31.20 17.17 19.26
C GLU C 312 -30.98 18.24 20.33
N ALA C 313 -31.62 18.04 21.47
CA ALA C 313 -31.49 18.93 22.63
C ALA C 313 -30.03 19.01 23.09
N ARG C 314 -29.33 17.87 23.08
CA ARG C 314 -27.91 17.87 23.42
C ARG C 314 -27.06 18.68 22.43
N LEU C 315 -27.32 18.54 21.13
CA LEU C 315 -26.59 19.32 20.11
C LEU C 315 -26.90 20.81 20.26
N LYS C 316 -28.17 21.11 20.57
CA LYS C 316 -28.60 22.49 20.76
C LYS C 316 -27.95 23.14 21.99
N LYS C 317 -27.84 22.36 23.08
CA LYS C 317 -27.18 22.85 24.30
C LYS C 317 -25.73 23.19 24.01
N SER C 318 -25.02 22.25 23.38
CA SER C 318 -23.64 22.49 22.96
C SER C 318 -23.51 23.75 22.11
N ALA C 319 -24.36 23.88 21.09
CA ALA C 319 -24.40 25.08 20.25
C ALA C 319 -24.61 26.38 21.04
N ASP C 320 -25.52 26.37 22.01
CA ASP C 320 -25.74 27.55 22.86
C ASP C 320 -24.51 27.94 23.65
N THR C 321 -23.83 26.93 24.22
CA THR C 321 -22.67 27.14 25.07
C THR C 321 -21.51 27.68 24.25
N LEU C 322 -21.38 27.15 23.03
CA LEU C 322 -20.32 27.56 22.13
C LEU C 322 -20.56 28.96 21.63
N TRP C 323 -21.81 29.28 21.29
CA TRP C 323 -22.07 30.62 20.82
C TRP C 323 -21.79 31.64 21.95
N GLY C 324 -22.18 31.30 23.17
CA GLY C 324 -21.96 32.17 24.34
C GLY C 324 -20.50 32.55 24.54
N ILE C 325 -19.58 31.63 24.26
CA ILE C 325 -18.14 31.95 24.29
C ILE C 325 -17.74 32.79 23.07
N GLN C 326 -18.25 32.38 21.91
CA GLN C 326 -17.82 32.96 20.65
C GLN C 326 -18.18 34.45 20.48
N LYS C 327 -19.37 34.84 20.92
CA LYS C 327 -19.78 36.25 20.85
C LYS C 327 -18.90 37.16 21.72
N GLU C 328 -18.21 36.56 22.69
CA GLU C 328 -17.38 37.32 23.62
C GLU C 328 -15.93 37.39 23.15
N LEU C 329 -15.62 36.73 22.03
CA LEU C 329 -14.28 36.76 21.49
C LEU C 329 -14.00 38.06 20.76
N GLN C 330 -12.75 38.49 20.80
CA GLN C 330 -12.28 39.71 20.15
C GLN C 330 -11.40 39.33 18.98
N PHE C 331 -11.84 39.69 17.77
CA PHE C 331 -11.05 39.44 16.56
C PHE C 331 -10.25 40.69 16.15
N ALA D 1 -30.44 -13.57 26.94
CA ALA D 1 -29.39 -13.69 25.88
C ALA D 1 -28.72 -12.33 25.67
N THR D 2 -27.40 -12.29 25.67
CA THR D 2 -26.68 -11.04 25.47
C THR D 2 -26.87 -10.52 24.04
N LEU D 3 -26.58 -9.25 23.86
CA LEU D 3 -26.65 -8.62 22.55
C LEU D 3 -25.71 -9.32 21.59
N LYS D 4 -24.48 -9.56 22.04
CA LYS D 4 -23.50 -10.26 21.21
C LYS D 4 -24.08 -11.60 20.73
N ASP D 5 -24.72 -12.35 21.63
CA ASP D 5 -25.23 -13.68 21.29
C ASP D 5 -26.46 -13.62 20.39
N GLN D 6 -27.30 -12.60 20.56
CA GLN D 6 -28.39 -12.38 19.61
C GLN D 6 -27.88 -12.02 18.23
N LEU D 7 -26.79 -11.25 18.18
CA LEU D 7 -26.23 -10.77 16.91
C LEU D 7 -25.39 -11.82 16.18
N ILE D 8 -24.63 -12.60 16.94
CA ILE D 8 -23.57 -13.43 16.36
C ILE D 8 -23.69 -14.88 16.81
N TYR D 9 -23.67 -15.79 15.85
CA TYR D 9 -23.58 -17.22 16.11
C TYR D 9 -22.12 -17.69 15.92
N ASN D 10 -21.54 -18.23 16.99
CA ASN D 10 -20.19 -18.79 16.95
C ASN D 10 -20.18 -20.19 16.37
N LEU D 11 -19.34 -20.39 15.36
CA LEU D 11 -19.11 -21.72 14.80
C LEU D 11 -18.09 -22.54 15.62
N LEU D 12 -17.01 -21.89 16.07
CA LEU D 12 -16.03 -22.54 16.97
C LEU D 12 -15.17 -21.51 17.69
N LYS D 13 -14.48 -21.94 18.74
CA LYS D 13 -13.60 -21.05 19.51
C LYS D 13 -12.13 -21.48 19.48
N GLU D 14 -11.83 -22.46 18.63
CA GLU D 14 -10.53 -23.15 18.67
C GLU D 14 -9.29 -22.28 18.47
N GLU D 15 -8.14 -22.85 18.84
CA GLU D 15 -6.83 -22.41 18.37
C GLU D 15 -6.49 -20.94 18.67
N GLN D 16 -6.29 -20.14 17.63
CA GLN D 16 -5.69 -18.79 17.74
C GLN D 16 -4.20 -18.84 18.13
N THR D 17 -3.37 -19.08 17.12
CA THR D 17 -1.92 -19.01 17.21
C THR D 17 -1.39 -18.00 16.17
N PRO D 18 -0.72 -16.94 16.63
CA PRO D 18 -0.35 -15.85 15.71
C PRO D 18 0.63 -16.28 14.62
N GLN D 19 0.37 -15.88 13.38
CA GLN D 19 1.14 -16.36 12.24
C GLN D 19 2.30 -15.44 11.85
N ASN D 20 2.18 -14.15 12.15
CA ASN D 20 3.17 -13.16 11.71
C ASN D 20 3.35 -12.11 12.78
N LYS D 21 3.70 -12.59 13.97
CA LYS D 21 3.76 -11.75 15.15
C LYS D 21 5.12 -11.07 15.22
N ILE D 22 5.12 -9.79 15.54
CA ILE D 22 6.34 -9.03 15.79
C ILE D 22 6.27 -8.44 17.19
N THR D 23 7.39 -8.51 17.92
CA THR D 23 7.55 -7.86 19.22
C THR D 23 8.55 -6.72 19.10
N VAL D 24 8.24 -5.60 19.71
CA VAL D 24 9.23 -4.54 19.90
C VAL D 24 9.51 -4.41 21.40
N VAL D 25 10.77 -4.57 21.78
CA VAL D 25 11.18 -4.46 23.17
C VAL D 25 11.80 -3.07 23.39
N GLY D 26 11.15 -2.29 24.24
CA GLY D 26 11.57 -0.92 24.52
C GLY D 26 10.69 0.06 23.77
N VAL D 27 9.89 0.84 24.49
CA VAL D 27 8.96 1.77 23.87
C VAL D 27 9.37 3.23 24.06
N GLY D 28 10.66 3.49 23.90
CA GLY D 28 11.14 4.86 23.82
C GLY D 28 10.79 5.43 22.46
N ALA D 29 11.40 6.55 22.10
CA ALA D 29 11.14 7.19 20.81
C ALA D 29 11.48 6.26 19.66
N VAL D 30 12.57 5.53 19.79
CA VAL D 30 13.00 4.61 18.75
C VAL D 30 12.04 3.47 18.61
N GLY D 31 11.78 2.76 19.70
CA GLY D 31 10.86 1.62 19.65
C GLY D 31 9.50 1.98 19.07
N MET D 32 8.96 3.13 19.46
CA MET D 32 7.61 3.52 18.99
C MET D 32 7.57 3.94 17.51
N ALA D 33 8.67 4.53 17.04
CA ALA D 33 8.82 4.86 15.62
C ALA D 33 8.85 3.56 14.79
N CYS D 34 9.59 2.58 15.28
CA CYS D 34 9.61 1.25 14.69
C CYS D 34 8.19 0.69 14.64
N ALA D 35 7.50 0.75 15.78
CA ALA D 35 6.15 0.19 15.90
C ALA D 35 5.18 0.85 14.90
N ILE D 36 5.10 2.17 14.89
CA ILE D 36 4.18 2.83 13.94
C ILE D 36 4.51 2.49 12.48
N SER D 37 5.80 2.48 12.13
CA SER D 37 6.23 2.16 10.77
C SER D 37 5.87 0.74 10.34
N ILE D 38 6.08 -0.23 11.23
CA ILE D 38 5.68 -1.60 11.04
C ILE D 38 4.16 -1.72 10.89
N LEU D 39 3.41 -1.01 11.74
CA LEU D 39 1.94 -1.06 11.66
C LEU D 39 1.47 -0.51 10.31
N MET D 40 2.02 0.62 9.89
CA MET D 40 1.54 1.25 8.66
C MET D 40 2.00 0.50 7.40
N LYS D 41 2.92 -0.43 7.57
CA LYS D 41 3.34 -1.29 6.45
C LYS D 41 2.68 -2.67 6.46
N ASP D 42 1.76 -2.92 7.40
CA ASP D 42 0.95 -4.16 7.39
C ASP D 42 1.82 -5.41 7.39
N LEU D 43 2.83 -5.43 8.26
CA LEU D 43 3.80 -6.51 8.28
C LEU D 43 3.43 -7.61 9.26
N ALA D 44 2.55 -7.30 10.22
CA ALA D 44 2.27 -8.20 11.34
C ALA D 44 0.78 -8.41 11.50
N ASP D 45 0.40 -9.59 11.99
CA ASP D 45 -0.98 -9.85 12.40
C ASP D 45 -1.18 -9.65 13.91
N GLU D 46 -0.06 -9.53 14.61
CA GLU D 46 -0.05 -9.24 16.04
C GLU D 46 1.21 -8.46 16.35
N LEU D 47 1.08 -7.38 17.11
CA LEU D 47 2.23 -6.61 17.58
C LEU D 47 2.22 -6.63 19.09
N ALA D 48 3.32 -7.06 19.68
CA ALA D 48 3.50 -7.03 21.14
C ALA D 48 4.55 -5.96 21.50
N LEU D 49 4.27 -5.22 22.56
CA LEU D 49 5.20 -4.23 23.10
C LEU D 49 5.62 -4.63 24.53
N VAL D 50 6.92 -4.55 24.81
CA VAL D 50 7.43 -4.81 26.15
C VAL D 50 8.30 -3.67 26.63
N ASP D 51 8.16 -3.33 27.91
CA ASP D 51 9.03 -2.37 28.56
C ASP D 51 8.91 -2.53 30.08
N VAL D 52 9.82 -1.90 30.82
CA VAL D 52 9.83 -1.95 32.29
C VAL D 52 9.01 -0.82 32.91
N ILE D 53 8.73 0.25 32.16
CA ILE D 53 7.96 1.37 32.70
C ILE D 53 6.49 1.16 32.34
N GLU D 54 5.75 0.61 33.29
CA GLU D 54 4.45 0.03 32.99
C GLU D 54 3.37 1.01 32.56
N ASP D 55 3.36 2.21 33.15
CA ASP D 55 2.37 3.21 32.78
C ASP D 55 2.56 3.66 31.33
N LYS D 56 3.79 4.00 30.96
CA LYS D 56 4.11 4.44 29.60
C LYS D 56 3.79 3.37 28.55
N LEU D 57 4.14 2.13 28.89
CA LEU D 57 3.90 0.98 28.03
C LEU D 57 2.40 0.85 27.76
N LYS D 58 1.59 0.89 28.81
CA LYS D 58 0.16 0.81 28.66
C LYS D 58 -0.43 1.94 27.81
N GLY D 59 0.08 3.14 28.01
CA GLY D 59 -0.42 4.33 27.31
C GLY D 59 -0.12 4.28 25.82
N GLU D 60 1.08 3.84 25.47
CA GLU D 60 1.46 3.68 24.08
C GLU D 60 0.61 2.58 23.43
N MET D 61 0.41 1.48 24.13
CA MET D 61 -0.40 0.39 23.62
C MET D 61 -1.79 0.90 23.30
N MET D 62 -2.39 1.60 24.27
CA MET D 62 -3.74 2.12 24.12
C MET D 62 -3.85 3.13 22.98
N ASP D 63 -2.83 3.97 22.84
CA ASP D 63 -2.84 5.00 21.80
C ASP D 63 -2.85 4.31 20.42
N LEU D 64 -2.07 3.24 20.28
CA LEU D 64 -2.02 2.50 19.01
C LEU D 64 -3.34 1.75 18.78
N GLN D 65 -3.89 1.17 19.84
CA GLN D 65 -5.17 0.49 19.71
C GLN D 65 -6.27 1.42 19.23
N HIS D 66 -6.27 2.65 19.71
CA HIS D 66 -7.31 3.61 19.36
C HIS D 66 -7.32 3.97 17.88
N GLY D 67 -6.21 3.70 17.18
CA GLY D 67 -6.14 3.88 15.72
C GLY D 67 -6.40 2.60 14.92
N SER D 68 -6.89 1.54 15.57
CA SER D 68 -7.05 0.24 14.91
C SER D 68 -7.93 0.27 13.66
N LEU D 69 -8.94 1.14 13.67
CA LEU D 69 -9.80 1.33 12.49
C LEU D 69 -8.98 1.64 11.24
N PHE D 70 -7.87 2.34 11.41
CA PHE D 70 -7.04 2.77 10.27
C PHE D 70 -5.91 1.78 9.94
N LEU D 71 -5.81 0.67 10.67
CA LEU D 71 -4.72 -0.26 10.51
C LEU D 71 -5.24 -1.62 10.09
N ARG D 72 -4.32 -2.53 9.74
CA ARG D 72 -4.65 -3.91 9.35
C ARG D 72 -3.84 -4.89 10.18
N THR D 73 -3.61 -4.52 11.43
CA THR D 73 -2.98 -5.37 12.42
C THR D 73 -3.99 -5.58 13.57
N PRO D 74 -4.67 -6.73 13.60
CA PRO D 74 -5.88 -6.85 14.44
C PRO D 74 -5.67 -6.98 15.94
N LYS D 75 -4.44 -7.25 16.36
CA LYS D 75 -4.16 -7.49 17.75
C LYS D 75 -2.90 -6.78 18.20
N ILE D 76 -3.03 -5.90 19.18
CA ILE D 76 -1.90 -5.19 19.74
C ILE D 76 -1.91 -5.43 21.24
N VAL D 77 -0.82 -5.99 21.76
CA VAL D 77 -0.73 -6.29 23.18
C VAL D 77 0.55 -5.71 23.76
N SER D 78 0.58 -5.67 25.08
CA SER D 78 1.75 -5.21 25.78
C SER D 78 1.77 -5.73 27.21
N GLY D 79 2.94 -5.64 27.82
CA GLY D 79 3.12 -5.98 29.21
C GLY D 79 4.58 -6.06 29.55
N LYS D 80 4.86 -6.03 30.84
CA LYS D 80 6.20 -6.14 31.36
C LYS D 80 6.68 -7.60 31.30
N ASP D 81 5.72 -8.52 31.41
CA ASP D 81 6.00 -9.95 31.34
C ASP D 81 6.22 -10.40 29.89
N TYR D 82 7.25 -11.20 29.66
CA TYR D 82 7.55 -11.63 28.27
C TYR D 82 6.57 -12.66 27.70
N ASN D 83 5.64 -13.15 28.53
CA ASN D 83 4.60 -14.05 28.00
C ASN D 83 3.74 -13.40 26.90
N VAL D 84 3.74 -12.07 26.86
CA VAL D 84 3.04 -11.36 25.76
C VAL D 84 3.74 -11.50 24.40
N THR D 85 4.99 -11.94 24.40
CA THR D 85 5.82 -12.02 23.18
C THR D 85 5.83 -13.42 22.55
N ALA D 86 5.10 -14.35 23.16
CA ALA D 86 5.13 -15.74 22.76
C ALA D 86 4.89 -15.92 21.26
N ASN D 87 5.68 -16.79 20.62
CA ASN D 87 5.47 -17.14 19.20
C ASN D 87 5.71 -15.99 18.21
N SER D 88 6.63 -15.08 18.55
CA SER D 88 6.99 -13.99 17.63
C SER D 88 7.87 -14.53 16.52
N LYS D 89 7.64 -14.06 15.28
CA LYS D 89 8.54 -14.33 14.16
C LYS D 89 9.80 -13.48 14.24
N LEU D 90 9.64 -12.25 14.71
CA LEU D 90 10.72 -11.28 14.73
C LEU D 90 10.60 -10.50 16.03
N VAL D 91 11.71 -10.38 16.75
CA VAL D 91 11.76 -9.58 17.97
C VAL D 91 12.82 -8.49 17.80
N ILE D 92 12.36 -7.26 17.94
CA ILE D 92 13.18 -6.09 17.72
C ILE D 92 13.55 -5.51 19.07
N ILE D 93 14.86 -5.42 19.34
CA ILE D 93 15.32 -4.93 20.62
C ILE D 93 15.75 -3.47 20.49
N THR D 94 14.94 -2.58 21.06
CA THR D 94 15.24 -1.12 21.07
C THR D 94 15.23 -0.66 22.52
N ALA D 95 15.67 -1.54 23.42
CA ALA D 95 15.74 -1.28 24.84
C ALA D 95 17.16 -0.94 25.21
N GLY D 96 17.31 -0.08 26.20
CA GLY D 96 18.60 0.23 26.78
C GLY D 96 18.61 1.61 27.38
N ALA D 97 19.76 2.02 27.87
CA ALA D 97 19.96 3.42 28.20
C ALA D 97 20.06 4.22 26.87
N ARG D 98 19.40 5.36 26.82
CA ARG D 98 19.58 6.25 25.69
C ARG D 98 20.80 7.09 26.05
N GLN D 99 21.76 7.23 25.13
CA GLN D 99 23.05 7.81 25.50
C GLN D 99 22.95 9.33 25.65
N GLN D 100 23.76 9.86 26.57
CA GLN D 100 23.91 11.30 26.79
C GLN D 100 22.58 12.02 27.04
N SER D 104 31.07 7.74 28.57
CA SER D 104 31.69 7.20 27.36
C SER D 104 30.88 6.07 26.74
N ARG D 105 31.32 5.64 25.58
CA ARG D 105 30.77 4.49 24.86
C ARG D 105 31.00 3.15 25.58
N LEU D 106 32.09 3.06 26.37
CA LEU D 106 32.35 1.86 27.20
C LEU D 106 31.31 1.69 28.32
N ASN D 107 30.91 2.80 28.93
CA ASN D 107 29.86 2.75 29.97
C ASN D 107 28.50 2.41 29.35
N LEU D 108 28.25 2.83 28.11
CA LEU D 108 27.04 2.43 27.37
C LEU D 108 26.98 0.91 27.19
N VAL D 109 28.11 0.30 26.83
CA VAL D 109 28.23 -1.16 26.74
C VAL D 109 27.92 -1.80 28.09
N GLN D 110 28.59 -1.30 29.12
CA GLN D 110 28.44 -1.81 30.47
C GLN D 110 26.96 -1.99 30.85
N ARG D 111 26.17 -0.92 30.74
CA ARG D 111 24.79 -1.00 31.22
C ARG D 111 23.88 -1.81 30.29
N ASN D 112 24.07 -1.67 28.98
CA ASN D 112 23.24 -2.40 28.02
C ASN D 112 23.50 -3.91 28.04
N VAL D 113 24.73 -4.33 28.31
CA VAL D 113 25.02 -5.76 28.49
C VAL D 113 24.19 -6.32 29.65
N ASN D 114 24.06 -5.54 30.73
CA ASN D 114 23.27 -5.99 31.90
C ASN D 114 21.78 -6.10 31.63
N ILE D 115 21.26 -5.17 30.85
CA ILE D 115 19.86 -5.18 30.45
C ILE D 115 19.58 -6.38 29.55
N PHE D 116 20.48 -6.63 28.61
CA PHE D 116 20.37 -7.78 27.71
C PHE D 116 20.47 -9.11 28.43
N LYS D 117 21.21 -9.15 29.54
CA LYS D 117 21.31 -10.39 30.30
C LYS D 117 19.94 -10.78 30.85
N PHE D 118 19.08 -9.79 31.07
CA PHE D 118 17.71 -10.01 31.51
C PHE D 118 16.77 -10.25 30.33
N ILE D 119 16.88 -9.41 29.31
CA ILE D 119 15.96 -9.46 28.18
C ILE D 119 16.08 -10.73 27.32
N ILE D 120 17.29 -11.08 26.89
CA ILE D 120 17.42 -12.09 25.83
C ILE D 120 16.95 -13.50 26.29
N PRO D 121 17.31 -13.93 27.49
CA PRO D 121 16.75 -15.24 27.88
C PRO D 121 15.21 -15.27 27.88
N ASN D 122 14.59 -14.17 28.27
CA ASN D 122 13.12 -14.10 28.30
C ASN D 122 12.52 -14.15 26.88
N VAL D 123 13.18 -13.48 25.93
CA VAL D 123 12.76 -13.49 24.55
C VAL D 123 12.86 -14.91 23.98
N VAL D 124 14.01 -15.54 24.20
CA VAL D 124 14.30 -16.90 23.67
C VAL D 124 13.35 -17.94 24.26
N LYS D 125 12.99 -17.77 25.53
CA LYS D 125 12.06 -18.67 26.20
C LYS D 125 10.75 -18.74 25.45
N TYR D 126 10.21 -17.58 25.09
CA TYR D 126 8.86 -17.50 24.55
C TYR D 126 8.81 -17.54 23.02
N SER D 127 9.93 -17.24 22.37
CA SER D 127 10.00 -17.32 20.93
C SER D 127 11.31 -17.98 20.52
N PRO D 128 11.45 -19.28 20.80
CA PRO D 128 12.74 -19.96 20.53
C PRO D 128 13.16 -19.90 19.05
N ASN D 129 12.19 -19.73 18.15
CA ASN D 129 12.46 -19.75 16.71
C ASN D 129 12.52 -18.38 16.03
N CYS D 130 12.45 -17.30 16.81
CA CYS D 130 12.43 -15.95 16.22
C CYS D 130 13.75 -15.57 15.61
N LYS D 131 13.68 -14.51 14.80
CA LYS D 131 14.84 -13.76 14.42
C LYS D 131 14.92 -12.59 15.39
N LEU D 132 16.14 -12.30 15.84
CA LEU D 132 16.41 -11.15 16.71
C LEU D 132 16.99 -10.04 15.88
N LEU D 133 16.41 -8.84 15.97
CA LEU D 133 16.95 -7.66 15.31
C LEU D 133 17.33 -6.66 16.38
N ILE D 134 18.62 -6.43 16.52
CA ILE D 134 19.18 -5.59 17.58
C ILE D 134 19.39 -4.18 17.05
N VAL D 135 18.81 -3.20 17.74
CA VAL D 135 18.98 -1.79 17.37
C VAL D 135 19.76 -1.02 18.47
N SER D 136 19.65 -1.47 19.72
CA SER D 136 20.34 -0.79 20.84
C SER D 136 21.83 -0.62 20.59
N ASN D 137 22.38 0.55 20.95
CA ASN D 137 23.80 0.86 20.74
C ASN D 137 24.74 0.53 21.90
N PRO D 138 26.03 0.27 21.59
CA PRO D 138 26.59 0.21 20.24
C PRO D 138 26.22 -1.10 19.58
N VAL D 139 25.52 -0.98 18.45
CA VAL D 139 24.75 -2.09 17.91
C VAL D 139 25.63 -3.28 17.52
N ASP D 140 26.86 -3.02 17.08
CA ASP D 140 27.74 -4.11 16.69
C ASP D 140 28.10 -4.97 17.91
N ILE D 141 28.42 -4.31 19.02
CA ILE D 141 28.74 -5.03 20.26
C ILE D 141 27.51 -5.74 20.80
N LEU D 142 26.39 -5.03 20.84
CA LEU D 142 25.19 -5.61 21.44
C LEU D 142 24.59 -6.72 20.57
N THR D 143 24.90 -6.71 19.27
CA THR D 143 24.48 -7.82 18.39
C THR D 143 25.30 -9.05 18.78
N TYR D 144 26.61 -8.88 18.95
CA TYR D 144 27.45 -9.95 19.48
C TYR D 144 26.93 -10.45 20.81
N VAL D 145 26.56 -9.52 21.69
CA VAL D 145 26.08 -9.89 23.01
C VAL D 145 24.80 -10.72 22.93
N ALA D 146 23.85 -10.29 22.11
CA ALA D 146 22.59 -11.01 21.96
C ALA D 146 22.81 -12.40 21.38
N TRP D 147 23.77 -12.51 20.46
CA TRP D 147 24.15 -13.79 19.90
C TRP D 147 24.74 -14.70 20.99
N LYS D 148 25.69 -14.17 21.75
CA LYS D 148 26.32 -14.95 22.83
C LYS D 148 25.30 -15.46 23.85
N ILE D 149 24.41 -14.59 24.29
CA ILE D 149 23.42 -14.96 25.31
C ILE D 149 22.38 -15.92 24.77
N SER D 150 21.86 -15.63 23.58
CA SER D 150 20.74 -16.38 23.05
C SER D 150 21.10 -17.82 22.66
N GLY D 151 22.33 -18.03 22.20
CA GLY D 151 22.72 -19.32 21.62
C GLY D 151 22.19 -19.57 20.22
N PHE D 152 21.46 -18.61 19.65
CA PHE D 152 20.88 -18.74 18.30
C PHE D 152 21.98 -18.91 17.26
N PRO D 153 21.67 -19.55 16.13
CA PRO D 153 22.66 -19.56 15.05
C PRO D 153 22.86 -18.16 14.44
N LYS D 154 24.03 -17.95 13.84
CA LYS D 154 24.44 -16.66 13.26
C LYS D 154 23.36 -16.00 12.40
N ASN D 155 22.68 -16.80 11.59
CA ASN D 155 21.68 -16.25 10.65
C ASN D 155 20.49 -15.55 11.32
N ARG D 156 20.18 -15.92 12.56
CA ARG D 156 18.99 -15.39 13.25
C ARG D 156 19.25 -14.26 14.27
N VAL D 157 20.46 -13.70 14.27
CA VAL D 157 20.80 -12.57 15.12
C VAL D 157 21.36 -11.47 14.26
N ILE D 158 20.55 -10.44 14.07
CA ILE D 158 20.84 -9.41 13.07
C ILE D 158 20.90 -8.06 13.77
N GLY D 159 21.95 -7.30 13.47
CA GLY D 159 22.08 -5.94 13.99
C GLY D 159 21.66 -4.94 12.92
N SER D 160 20.99 -3.87 13.33
CA SER D 160 20.57 -2.85 12.36
C SER D 160 21.78 -2.22 11.68
N GLY D 161 22.92 -2.16 12.38
CA GLY D 161 24.18 -1.92 11.71
C GLY D 161 24.21 -0.64 10.90
N CYS D 162 24.64 -0.74 9.65
CA CYS D 162 24.76 0.44 8.79
C CYS D 162 23.60 0.68 7.85
N ASN D 163 22.44 0.09 8.14
CA ASN D 163 21.29 0.25 7.28
C ASN D 163 20.88 1.71 7.24
N LEU D 164 20.86 2.36 8.39
CA LEU D 164 20.51 3.77 8.43
C LEU D 164 21.64 4.64 7.89
N ASP D 165 22.88 4.34 8.26
CA ASP D 165 24.05 5.05 7.73
C ASP D 165 23.96 5.08 6.20
N SER D 166 23.68 3.92 5.59
CA SER D 166 23.54 3.84 4.15
C SER D 166 22.34 4.65 3.62
N ALA D 167 21.19 4.54 4.28
CA ALA D 167 20.03 5.34 3.88
C ALA D 167 20.31 6.84 3.94
N ARG D 168 21.09 7.30 4.92
CA ARG D 168 21.44 8.71 5.01
C ARG D 168 22.35 9.10 3.86
N PHE D 169 23.35 8.25 3.59
CA PHE D 169 24.28 8.46 2.51
C PHE D 169 23.56 8.64 1.17
N ARG D 170 22.59 7.78 0.93
CA ARG D 170 21.83 7.77 -0.32
C ARG D 170 20.93 8.98 -0.44
N TYR D 171 20.37 9.42 0.68
CA TYR D 171 19.63 10.69 0.71
C TYR D 171 20.51 11.90 0.33
N LEU D 172 21.71 11.97 0.92
CA LEU D 172 22.62 13.09 0.67
C LEU D 172 23.14 13.06 -0.77
N MET D 173 23.37 11.86 -1.28
CA MET D 173 23.83 11.68 -2.65
C MET D 173 22.73 12.18 -3.60
N GLY D 174 21.51 11.74 -3.34
CA GLY D 174 20.35 12.16 -4.13
C GLY D 174 20.09 13.65 -4.12
N GLU D 175 20.39 14.31 -3.00
CA GLU D 175 20.29 15.76 -2.89
C GLU D 175 21.31 16.45 -3.79
N ARG D 176 22.54 15.96 -3.78
CA ARG D 176 23.57 16.52 -4.65
C ARG D 176 23.28 16.31 -6.15
N LEU D 177 22.70 15.16 -6.51
CA LEU D 177 22.52 14.82 -7.90
C LEU D 177 21.13 15.16 -8.46
N GLY D 178 20.18 15.50 -7.59
CA GLY D 178 18.79 15.72 -8.01
C GLY D 178 18.08 14.46 -8.51
N VAL D 179 18.34 13.36 -7.81
CA VAL D 179 17.81 12.05 -8.13
C VAL D 179 17.27 11.43 -6.85
N HIS D 180 16.16 10.70 -6.96
CA HIS D 180 15.58 10.04 -5.80
C HIS D 180 16.59 9.06 -5.21
N PRO D 181 16.66 8.95 -3.87
CA PRO D 181 17.64 8.06 -3.22
C PRO D 181 17.51 6.60 -3.66
N LEU D 182 16.32 6.20 -4.11
CA LEU D 182 16.14 4.82 -4.65
C LEU D 182 17.01 4.53 -5.87
N SER D 183 17.31 5.55 -6.65
CA SER D 183 18.14 5.43 -7.85
C SER D 183 19.59 5.85 -7.62
N CYS D 184 19.93 6.25 -6.39
CA CYS D 184 21.31 6.59 -6.01
C CYS D 184 21.85 5.47 -5.14
N HIS D 185 22.78 4.69 -5.68
CA HIS D 185 23.33 3.52 -4.99
C HIS D 185 24.70 3.80 -4.37
N GLY D 186 24.88 3.33 -3.15
CA GLY D 186 26.15 3.45 -2.47
C GLY D 186 26.01 2.79 -1.12
N TRP D 187 27.13 2.31 -0.60
CA TRP D 187 27.13 1.47 0.60
C TRP D 187 28.10 2.02 1.63
N VAL D 188 27.61 2.14 2.86
CA VAL D 188 28.37 2.45 4.05
C VAL D 188 28.40 1.19 4.88
N LEU D 189 29.61 0.70 5.15
CA LEU D 189 29.81 -0.57 5.80
C LEU D 189 30.69 -0.49 7.04
N GLY D 190 30.84 -1.62 7.71
CA GLY D 190 31.73 -1.71 8.86
C GLY D 190 31.03 -1.42 10.16
N GLU D 191 31.69 -0.64 11.00
CA GLU D 191 31.20 -0.33 12.33
C GLU D 191 30.17 0.80 12.24
N HIS D 192 28.99 0.58 12.79
CA HIS D 192 27.97 1.62 12.75
C HIS D 192 28.41 2.90 13.44
N GLY D 193 28.06 4.04 12.86
CA GLY D 193 28.35 5.34 13.48
C GLY D 193 29.68 5.96 13.09
N ASP D 194 30.43 6.43 14.08
CA ASP D 194 31.63 7.25 13.82
C ASP D 194 32.67 6.63 12.88
N SER D 195 32.88 5.32 12.97
CA SER D 195 33.94 4.63 12.20
C SER D 195 33.48 3.88 10.95
N SER D 196 32.28 4.19 10.46
CA SER D 196 31.74 3.49 9.29
C SER D 196 32.60 3.83 8.09
N VAL D 197 32.48 3.01 7.04
CA VAL D 197 33.33 3.11 5.85
C VAL D 197 32.48 3.24 4.60
N PRO D 198 32.63 4.34 3.86
CA PRO D 198 31.89 4.45 2.61
C PRO D 198 32.66 3.76 1.51
N VAL D 199 32.00 2.88 0.75
CA VAL D 199 32.71 2.16 -0.30
C VAL D 199 32.55 2.93 -1.61
N TRP D 200 33.52 3.79 -1.88
CA TRP D 200 33.44 4.70 -3.02
C TRP D 200 33.24 3.97 -4.36
N SER D 201 33.85 2.81 -4.49
CA SER D 201 33.82 2.04 -5.74
C SER D 201 32.42 1.57 -6.16
N GLY D 202 31.50 1.44 -5.20
CA GLY D 202 30.14 1.00 -5.49
C GLY D 202 29.13 2.10 -5.71
N MET D 203 29.54 3.36 -5.53
CA MET D 203 28.66 4.50 -5.70
CA MET D 203 28.64 4.48 -5.71
C MET D 203 28.32 4.70 -7.18
N ASN D 204 27.04 4.64 -7.51
CA ASN D 204 26.65 4.71 -8.91
C ASN D 204 25.21 5.15 -9.10
N VAL D 205 24.93 5.69 -10.27
CA VAL D 205 23.55 5.84 -10.73
C VAL D 205 23.47 5.06 -12.04
N ALA D 206 22.45 4.21 -12.16
CA ALA D 206 22.20 3.48 -13.40
C ALA D 206 23.42 2.67 -13.83
N GLY D 207 24.16 2.14 -12.86
CA GLY D 207 25.31 1.32 -13.11
C GLY D 207 26.55 2.08 -13.52
N VAL D 208 26.50 3.41 -13.42
CA VAL D 208 27.59 4.26 -13.86
C VAL D 208 28.39 4.65 -12.63
N SER D 209 29.62 4.14 -12.53
CA SER D 209 30.42 4.35 -11.35
C SER D 209 30.88 5.81 -11.30
N LEU D 210 30.66 6.46 -10.16
CA LEU D 210 31.06 7.85 -9.96
C LEU D 210 32.58 7.94 -9.83
N LYS D 211 33.18 6.91 -9.24
CA LYS D 211 34.65 6.83 -9.08
C LYS D 211 35.38 6.74 -10.43
N THR D 212 34.77 6.03 -11.38
CA THR D 212 35.33 5.90 -12.71
C THR D 212 35.26 7.22 -13.47
N LEU D 213 34.11 7.89 -13.39
CA LEU D 213 33.94 9.22 -13.98
C LEU D 213 34.82 10.28 -13.35
N HIS D 214 34.99 10.19 -12.03
CA HIS D 214 35.67 11.22 -11.22
C HIS D 214 36.70 10.53 -10.31
N PRO D 215 37.89 10.21 -10.85
CA PRO D 215 38.88 9.38 -10.14
C PRO D 215 39.31 9.88 -8.76
N ASP D 216 39.23 11.18 -8.52
CA ASP D 216 39.56 11.79 -7.22
C ASP D 216 38.47 11.61 -6.15
N LEU D 217 37.33 11.07 -6.53
CA LEU D 217 36.19 10.91 -5.61
C LEU D 217 36.59 10.22 -4.31
N GLY D 218 36.26 10.85 -3.19
CA GLY D 218 36.58 10.30 -1.88
C GLY D 218 37.99 10.56 -1.39
N THR D 219 38.83 11.23 -2.20
CA THR D 219 40.21 11.58 -1.78
C THR D 219 40.29 13.06 -1.39
N ASP D 220 41.46 13.46 -0.90
CA ASP D 220 41.72 14.85 -0.52
C ASP D 220 41.89 15.76 -1.74
N LYS D 221 42.22 15.16 -2.88
CA LYS D 221 42.37 15.88 -4.14
C LYS D 221 41.04 16.28 -4.79
N ASP D 222 39.92 15.75 -4.28
CA ASP D 222 38.59 15.97 -4.88
C ASP D 222 38.16 17.42 -4.68
N LYS D 223 38.10 18.18 -5.78
CA LYS D 223 37.66 19.59 -5.72
C LYS D 223 36.19 19.77 -5.34
N GLU D 224 35.40 18.71 -5.45
CA GLU D 224 33.97 18.76 -5.08
C GLU D 224 33.68 18.16 -3.70
N GLN D 225 34.70 17.62 -3.05
CA GLN D 225 34.64 17.21 -1.64
C GLN D 225 33.51 16.22 -1.35
N TRP D 226 33.49 15.12 -2.08
CA TRP D 226 32.47 14.09 -1.88
C TRP D 226 32.67 13.34 -0.58
N LYS D 227 33.90 13.34 -0.09
CA LYS D 227 34.22 12.82 1.23
C LYS D 227 33.34 13.45 2.33
N GLU D 228 32.90 14.69 2.11
CA GLU D 228 32.03 15.39 3.07
C GLU D 228 30.63 14.79 3.15
N VAL D 229 30.22 14.07 2.11
CA VAL D 229 28.94 13.37 2.12
C VAL D 229 28.94 12.27 3.17
N HIS D 230 30.02 11.49 3.25
CA HIS D 230 30.12 10.51 4.32
C HIS D 230 30.30 11.21 5.66
N LYS D 231 31.10 12.29 5.67
CA LYS D 231 31.29 13.06 6.88
C LYS D 231 29.94 13.55 7.41
N GLN D 232 29.07 14.01 6.52
CA GLN D 232 27.72 14.43 6.90
C GLN D 232 26.85 13.29 7.39
N VAL D 233 27.05 12.07 6.89
CA VAL D 233 26.32 10.93 7.45
C VAL D 233 26.55 10.87 8.97
N VAL D 234 27.80 11.06 9.39
CA VAL D 234 28.12 11.21 10.83
C VAL D 234 27.56 12.52 11.40
N GLU D 235 27.95 13.66 10.82
CA GLU D 235 27.54 14.98 11.35
C GLU D 235 26.01 15.27 11.35
N SER D 236 25.30 14.83 10.30
CA SER D 236 23.81 14.88 10.25
C SER D 236 23.18 14.32 11.52
N ALA D 237 23.59 13.12 11.90
CA ALA D 237 23.06 12.45 13.08
C ALA D 237 23.22 13.26 14.36
N TYR D 238 24.45 13.72 14.63
CA TYR D 238 24.68 14.50 15.85
C TYR D 238 23.94 15.84 15.76
N GLU D 239 23.74 16.33 14.56
CA GLU D 239 23.02 17.58 14.36
C GLU D 239 21.56 17.40 14.76
N VAL D 240 20.96 16.27 14.40
CA VAL D 240 19.57 16.01 14.71
C VAL D 240 19.41 15.91 16.23
N ILE D 241 20.35 15.25 16.90
CA ILE D 241 20.33 15.17 18.38
C ILE D 241 20.43 16.54 19.03
N LYS D 242 21.30 17.39 18.51
CA LYS D 242 21.42 18.76 19.02
C LYS D 242 20.09 19.51 18.86
N LEU D 243 19.39 19.30 17.75
CA LEU D 243 18.21 20.11 17.43
C LEU D 243 16.94 19.61 18.10
N LYS D 244 16.69 18.29 18.06
CA LYS D 244 15.46 17.74 18.68
C LYS D 244 15.68 16.86 19.93
N GLY D 245 16.94 16.54 20.26
CA GLY D 245 17.28 15.78 21.48
C GLY D 245 17.44 14.28 21.33
N TYR D 246 17.11 13.77 20.15
CA TYR D 246 17.11 12.34 19.84
C TYR D 246 16.76 12.19 18.35
N THR D 247 16.91 10.98 17.81
CA THR D 247 16.38 10.68 16.48
C THR D 247 15.42 9.50 16.59
N SER D 248 14.44 9.46 15.69
CA SER D 248 13.43 8.43 15.77
C SER D 248 12.89 8.01 14.40
N TRP D 249 12.42 8.96 13.59
CA TRP D 249 11.67 8.60 12.39
C TRP D 249 12.53 7.81 11.40
N ALA D 250 13.74 8.28 11.14
CA ALA D 250 14.59 7.63 10.17
C ALA D 250 14.95 6.21 10.62
N ILE D 251 15.26 6.04 11.90
CA ILE D 251 15.61 4.69 12.40
C ILE D 251 14.39 3.76 12.36
N GLY D 252 13.23 4.29 12.71
CA GLY D 252 11.97 3.52 12.61
C GLY D 252 11.69 3.01 11.20
N LEU D 253 11.93 3.87 10.21
CA LEU D 253 11.62 3.54 8.83
C LEU D 253 12.64 2.53 8.32
N SER D 254 13.91 2.73 8.70
CA SER D 254 14.96 1.78 8.31
CA SER D 254 14.98 1.79 8.36
C SER D 254 14.70 0.39 8.92
N VAL D 255 14.33 0.35 10.19
CA VAL D 255 14.03 -0.91 10.85
C VAL D 255 12.81 -1.60 10.19
N ALA D 256 11.78 -0.83 9.85
CA ALA D 256 10.60 -1.38 9.19
C ALA D 256 10.94 -1.96 7.81
N ASP D 257 11.89 -1.35 7.10
CA ASP D 257 12.37 -1.93 5.84
C ASP D 257 13.05 -3.31 6.03
N LEU D 258 13.91 -3.42 7.04
CA LEU D 258 14.49 -4.72 7.42
C LEU D 258 13.38 -5.73 7.78
N ALA D 259 12.42 -5.29 8.58
CA ALA D 259 11.34 -6.19 8.99
C ALA D 259 10.56 -6.64 7.76
N GLU D 260 10.41 -5.75 6.78
CA GLU D 260 9.73 -6.14 5.55
C GLU D 260 10.43 -7.29 4.81
N SER D 261 11.75 -7.18 4.65
CA SER D 261 12.52 -8.19 3.94
C SER D 261 12.46 -9.53 4.64
N ILE D 262 12.55 -9.51 5.97
CA ILE D 262 12.50 -10.73 6.78
C ILE D 262 11.11 -11.37 6.71
N MET D 263 10.08 -10.60 7.04
CA MET D 263 8.70 -11.12 7.19
C MET D 263 8.14 -11.67 5.90
N LYS D 264 8.49 -11.03 4.77
CA LYS D 264 7.97 -11.41 3.45
C LYS D 264 8.97 -12.28 2.68
N ASN D 265 10.08 -12.67 3.34
CA ASN D 265 11.12 -13.51 2.71
C ASN D 265 11.61 -12.99 1.39
N LEU D 266 11.96 -11.71 1.34
CA LEU D 266 12.26 -11.08 0.05
C LEU D 266 13.64 -11.41 -0.49
N ARG D 267 14.62 -11.61 0.39
CA ARG D 267 16.01 -11.84 -0.03
C ARG D 267 16.54 -10.60 -0.75
N ARG D 268 16.25 -9.45 -0.17
CA ARG D 268 16.87 -8.21 -0.59
C ARG D 268 18.16 -8.11 0.18
N VAL D 269 19.07 -7.30 -0.34
CA VAL D 269 20.38 -7.05 0.27
C VAL D 269 20.38 -5.75 1.10
N HIS D 270 20.78 -5.86 2.37
CA HIS D 270 20.84 -4.73 3.29
C HIS D 270 22.18 -4.70 4.01
N PRO D 271 22.74 -3.51 4.28
CA PRO D 271 23.95 -3.49 5.07
C PRO D 271 23.64 -3.57 6.56
N VAL D 272 23.59 -4.79 7.09
CA VAL D 272 23.30 -5.02 8.48
C VAL D 272 24.49 -5.71 9.15
N SER D 273 24.46 -5.81 10.47
CA SER D 273 25.59 -6.29 11.23
C SER D 273 25.48 -7.78 11.44
N THR D 274 26.51 -8.50 11.02
CA THR D 274 26.55 -9.95 11.08
C THR D 274 27.94 -10.40 11.53
N MET D 275 28.03 -11.64 11.98
CA MET D 275 29.27 -12.25 12.45
C MET D 275 30.24 -12.39 11.30
N ILE D 276 31.28 -11.56 11.31
CA ILE D 276 32.16 -11.39 10.16
C ILE D 276 33.48 -12.19 10.21
N LYS D 277 33.64 -13.04 11.23
CA LYS D 277 34.84 -13.86 11.33
C LYS D 277 35.04 -14.67 10.05
N GLY D 278 36.24 -14.55 9.47
CA GLY D 278 36.57 -15.26 8.24
C GLY D 278 36.73 -14.35 7.03
N LEU D 279 36.40 -13.06 7.18
CA LEU D 279 36.63 -12.06 6.13
C LEU D 279 37.66 -10.99 6.57
N TYR D 280 38.33 -10.39 5.59
CA TYR D 280 39.20 -9.21 5.79
C TYR D 280 40.32 -9.43 6.81
N GLY D 281 40.80 -10.66 6.88
CA GLY D 281 41.84 -11.04 7.84
C GLY D 281 41.31 -11.09 9.25
N ILE D 282 39.99 -10.95 9.41
CA ILE D 282 39.37 -10.93 10.73
C ILE D 282 39.20 -12.37 11.19
N LYS D 283 39.76 -12.66 12.36
CA LYS D 283 39.79 -14.00 12.91
C LYS D 283 39.03 -14.09 14.22
N ASP D 284 38.52 -12.97 14.70
CA ASP D 284 37.79 -12.92 15.98
C ASP D 284 36.29 -12.88 15.77
N ASP D 285 35.54 -13.24 16.82
CA ASP D 285 34.08 -13.25 16.80
C ASP D 285 33.53 -11.83 16.85
N VAL D 286 33.66 -11.11 15.74
CA VAL D 286 33.18 -9.72 15.67
C VAL D 286 32.00 -9.60 14.68
N PHE D 287 31.08 -8.71 15.01
CA PHE D 287 29.95 -8.39 14.16
C PHE D 287 30.20 -7.02 13.57
N LEU D 288 30.12 -6.91 12.24
CA LEU D 288 30.24 -5.65 11.51
C LEU D 288 29.26 -5.68 10.35
N SER D 289 28.96 -4.52 9.78
CA SER D 289 28.04 -4.47 8.65
C SER D 289 28.70 -4.80 7.31
N VAL D 290 28.12 -5.77 6.63
CA VAL D 290 28.39 -6.05 5.22
C VAL D 290 27.03 -6.22 4.54
N PRO D 291 26.99 -6.25 3.18
CA PRO D 291 25.68 -6.48 2.57
C PRO D 291 25.23 -7.93 2.76
N CYS D 292 24.06 -8.10 3.34
CA CYS D 292 23.50 -9.40 3.68
C CYS D 292 22.17 -9.63 2.98
N ILE D 293 21.96 -10.86 2.55
CA ILE D 293 20.68 -11.26 1.97
CA ILE D 293 20.68 -11.27 1.97
C ILE D 293 19.75 -11.59 3.12
N LEU D 294 18.63 -10.85 3.22
CA LEU D 294 17.68 -10.97 4.33
C LEU D 294 16.38 -11.63 3.88
N GLY D 295 15.93 -12.60 4.66
CA GLY D 295 14.68 -13.28 4.38
C GLY D 295 14.14 -13.95 5.62
N GLN D 296 13.36 -15.00 5.43
CA GLN D 296 12.60 -15.58 6.55
C GLN D 296 13.47 -16.35 7.54
N ASN D 297 14.70 -16.65 7.16
CA ASN D 297 15.68 -17.25 8.06
C ASN D 297 16.71 -16.23 8.56
N GLY D 298 16.43 -14.96 8.38
CA GLY D 298 17.34 -13.91 8.78
C GLY D 298 18.40 -13.74 7.72
N ILE D 299 19.67 -13.76 8.12
CA ILE D 299 20.79 -13.57 7.18
C ILE D 299 21.17 -14.92 6.62
N SER D 300 20.77 -15.21 5.38
CA SER D 300 21.05 -16.50 4.76
C SER D 300 22.36 -16.51 3.99
N ASP D 301 22.77 -15.34 3.54
CA ASP D 301 24.00 -15.19 2.78
C ASP D 301 24.57 -13.79 2.94
N LEU D 302 25.85 -13.62 2.64
CA LEU D 302 26.39 -12.28 2.58
C LEU D 302 27.25 -12.08 1.35
N VAL D 303 27.30 -10.82 0.90
CA VAL D 303 28.05 -10.43 -0.27
C VAL D 303 29.47 -10.08 0.13
N LYS D 304 30.43 -10.54 -0.66
CA LYS D 304 31.84 -10.25 -0.41
C LYS D 304 32.26 -9.07 -1.25
N VAL D 305 32.29 -7.90 -0.64
CA VAL D 305 32.64 -6.67 -1.34
C VAL D 305 34.16 -6.58 -1.50
N THR D 306 34.63 -6.23 -2.69
CA THR D 306 36.05 -5.98 -2.89
C THR D 306 36.34 -4.62 -2.30
N LEU D 307 37.20 -4.57 -1.27
CA LEU D 307 37.55 -3.31 -0.62
C LEU D 307 38.95 -2.90 -0.98
N THR D 308 39.19 -1.58 -1.03
CA THR D 308 40.55 -1.04 -1.18
C THR D 308 41.35 -1.34 0.09
N SER D 309 42.66 -1.21 0.00
CA SER D 309 43.53 -1.41 1.16
C SER D 309 43.11 -0.52 2.31
N GLU D 310 42.80 0.74 2.01
CA GLU D 310 42.41 1.68 3.06
C GLU D 310 41.10 1.25 3.72
N GLU D 311 40.13 0.85 2.90
CA GLU D 311 38.82 0.43 3.42
C GLU D 311 38.95 -0.82 4.26
N GLU D 312 39.72 -1.78 3.77
CA GLU D 312 40.00 -3.01 4.51
C GLU D 312 40.69 -2.73 5.85
N ALA D 313 41.65 -1.81 5.88
CA ALA D 313 42.35 -1.46 7.12
C ALA D 313 41.43 -0.80 8.15
N ARG D 314 40.43 -0.03 7.69
CA ARG D 314 39.45 0.59 8.59
C ARG D 314 38.49 -0.43 9.22
N LEU D 315 38.06 -1.42 8.45
CA LEU D 315 37.25 -2.53 8.99
C LEU D 315 38.03 -3.37 9.97
N LYS D 316 39.30 -3.61 9.64
CA LYS D 316 40.16 -4.41 10.49
C LYS D 316 40.41 -3.69 11.83
N LYS D 317 40.66 -2.39 11.77
CA LYS D 317 40.86 -1.59 12.98
C LYS D 317 39.63 -1.62 13.88
N SER D 318 38.45 -1.52 13.28
CA SER D 318 37.20 -1.67 14.00
C SER D 318 37.06 -3.04 14.65
N ALA D 319 37.31 -4.09 13.88
CA ALA D 319 37.21 -5.46 14.42
C ALA D 319 38.15 -5.64 15.60
N ASP D 320 39.39 -5.16 15.44
CA ASP D 320 40.37 -5.16 16.55
C ASP D 320 39.85 -4.45 17.80
N THR D 321 39.30 -3.25 17.61
CA THR D 321 38.80 -2.48 18.74
C THR D 321 37.63 -3.21 19.38
N LEU D 322 36.68 -3.66 18.57
CA LEU D 322 35.49 -4.31 19.11
C LEU D 322 35.84 -5.56 19.89
N TRP D 323 36.79 -6.34 19.37
CA TRP D 323 37.14 -7.59 20.05
C TRP D 323 37.84 -7.32 21.39
N GLY D 324 38.66 -6.27 21.43
CA GLY D 324 39.32 -5.79 22.67
C GLY D 324 38.32 -5.47 23.78
N ILE D 325 37.20 -4.86 23.40
CA ILE D 325 36.09 -4.62 24.30
C ILE D 325 35.38 -5.94 24.63
N GLN D 326 35.08 -6.74 23.59
CA GLN D 326 34.25 -7.93 23.76
C GLN D 326 34.95 -9.00 24.60
N LYS D 327 36.26 -9.15 24.39
CA LYS D 327 37.02 -10.20 25.06
C LYS D 327 37.02 -10.06 26.58
N GLU D 328 36.75 -8.84 27.08
CA GLU D 328 36.72 -8.59 28.52
C GLU D 328 35.32 -8.76 29.11
N LEU D 329 34.29 -8.86 28.27
CA LEU D 329 32.92 -9.02 28.76
C LEU D 329 32.73 -10.31 29.56
N GLN D 330 31.89 -10.21 30.59
CA GLN D 330 31.63 -11.30 31.51
C GLN D 330 30.14 -11.65 31.46
N PHE D 331 29.83 -12.87 31.03
CA PHE D 331 28.44 -13.30 30.82
C PHE D 331 27.87 -14.16 31.95
#